data_7VZG
#
_entry.id   7VZG
#
loop_
_entity.id
_entity.type
_entity.pdbx_description
1 polymer PscA
2 polymer 'Cytochrome c, mono-and diheme variants'
3 polymer PscE
4 polymer PscF
5 polymer PscG
6 polymer 'undefined polypeptide'
7 polymer 'Cytochrome c domain-containing protein'
8 polymer 'Photosystem P840 reaction center iron-sulfur protein'
9 polymer "PscD'"
10 non-polymer '[methyl 9-acetyl-14-ethyl-20-hydroxy-4,8,13,18-tetramethyl-3-{3-oxo-3-[(3,7,11,15-tetramethylhexadec-2-en-1-yl)oxy]propyl}-3,4,20,21-tetradehydrophorbine-21-carboxylatato(2-)-kappa~4~N~23~,N~24~,N~25~,N~26~]zinc'
11 non-polymer 'BACTERIOCHLOROPHYLL A'
12 non-polymer 'CHLOROPHYLL A'
13 non-polymer LYCOPENE
14 non-polymer 'CALCIUM ION'
15 non-polymer '[(2~{R})-2-[2-(methylamino)ethoxy-oxidanyl-phosphoryl]oxy-2-(13-methyltetradecanoyloxy)ethyl] 13-methyltetradecanoate'
16 non-polymer 'UNKNOWN LIGAND'
17 non-polymer [(2~{S})-2-[[(1~{R})-1,2-bis(13-methyltetradecanoyloxy)ethoxy]methyl]-3-oxidanyl-3-oxidanylidene-propyl]-trimethyl-azanium
18 non-polymer 'HEME C'
19 non-polymer '[(2S)-2-[2-azanylethoxy(oxidanyl)phosphoryl]oxy-2-(13-methyltetradecanoyloxy)ethyl] 13-methyltetradecanoate'
20 non-polymer 'IRON/SULFUR CLUSTER'
21 water water
#
loop_
_entity_poly.entity_id
_entity_poly.type
_entity_poly.pdbx_seq_one_letter_code
_entity_poly.pdbx_strand_id
1 'polypeptide(L)'
;ANGVKRWYQKLELPMPPERIFGAHMMLIGGLACLIGTYFFASMTMWNDGYVNLTLRPRLISLGIYDPYDTEQIQRVWLPL
IGEFSTSKLPFFGQYPLTMTDFRLFGWGCFHIGLGLWLVYAGAAHYYGARGGATIGEIFWLLPYVPGLKGLCQIKWFTPE
GPWYKVGLPWGSFANTPWPILRRTYADALSPHTIYIGLLFFIWGFVLWFVLDKPPVPLQPAQVMTPNGLMPLEQAPFPYG
WFDPYLNQVMHPMNTINGETTMCFVWGVLFVALGAYWWYRPPRSINITHLEDTKAVFHVHLTAIGYVSFALAIVGFLALR
NHPSYLMLNDMNVIIYGKKIVNPGRMIHNMITFNHVQVGLLYVAAGVFHGGQYLHGLNISGAYKQARSKFITWFQNPDLQ
TKIVGTTMFVSFVTVVFGYGMICWNTGAELDLNFGIYQFRSFRAIQMDGEAGNIGYRVFRPKNPWDPTAGGDWVKNPDGT
AKLVKARNLQVGDRILNEELGIGSSPTYSFTTIEEINYKPEWGQPKLYAVQWGSWTHFLRKVNPLFWVDKGIWYLQNQKT
FEATRKADEAYLAAHLKAVSLLNQIDDAQTEEAKQKAQAELDKFRPELEKAHANMLEWNERLASTPAVLYSNLRDQHRDG
EINDAIFFWLMIGGWLFGFIPLLRIAFHNYQSPWYRDFEWRKQSPDFPCIGPVKGGTCGVSIQDQLWFCILFSIKPLSAI
AWYLDGGWIATMMARGNEAYYLTHNISHTGGVFLYMWNETTWIWTDNHLTAMLLLGHLIWFVSFALWFKDRGSRAEGGDI
QSRWVRLMGKRLGIKTLQEVRFPVSNLATAKLWGTVFFYTGTFVLVFLYFADGFFQNR
;
A,a
2 'polypeptide(L)'
;LLVGGCFVGSRDPNETRYPKAPMPLQNQTSTLKTAEEIRRESVAQNTPGAREAAALRDRVTPLNLQQVNEQDVAGNDPLG
SPARVVLDEGEMYRDPVEIYREGRALFQNNCVGCHGHNGCGNVPRSTNFTDPGWQENNSDGGIYSSIYNGKGIGNGGGAM
PAYYNQLSPQQIRYLVAYLRAFKGRQCNGLPTLSDVERMVAERQ
;
C
3 'polypeptide(L)' MTAILLACLFVLGGYAALWGIIKFVVANTKDIAAN E,e
4 'polypeptide(L)' MWNVVGQIISVLCFFILTVGTLFGIVYVSHLLSRG F,f
5 'polypeptide(L)' DISKVAWAWFGVLLAICLIGAFGNYVPKLFVKMLMFLN G,g
6 'polypeptide(L)'
;(UNK)(UNK)(UNK)(UNK)(UNK)(UNK)(UNK)(UNK)(UNK)(UNK)(UNK)(UNK)(UNK)(UNK)(UNK)(UNK)
(UNK)(UNK)(UNK)
;
H,h
7 'polypeptide(L)'
;VMATGCFVGARNASEPRLGSSSIAASRTAPAYLREAQVLYEGSTDGLPKDTPADEIAHYKAMLAELQTRNYAACAGCHQV
NGGGNKAINATNFQDAGWQANNSSPGMVTSIVNGKGKVMPAYKDKLTLQQINYLVEYIRRFEKKR
;
c
8 'polypeptide(L)' QIYTIIEELCIGCGFCTDECPPKVNAILPRDVEAVLDGGETYWIDQTRCISCSLCFVAGTCPTDAVVFTEGGVSRT B
9 'polypeptide(L)' MARTPEEIVKRYKEANIWLRHWKQQIGLAKDEEQREMFTQYYEERVQEIAALEEPYRAALKILNQQESQR D
#
# COMPACT_ATOMS: atom_id res chain seq x y z
N LYS A 5 -22.82 -0.63 24.85
CA LYS A 5 -24.10 -0.49 25.51
C LYS A 5 -25.16 -1.24 24.76
N ARG A 6 -26.33 -1.36 25.39
CA ARG A 6 -27.42 -2.22 24.93
C ARG A 6 -28.26 -2.16 23.70
N TRP A 7 -27.93 -1.39 22.71
CA TRP A 7 -28.85 -1.42 21.58
C TRP A 7 -28.76 -2.71 20.81
N TYR A 8 -27.61 -3.38 20.79
CA TYR A 8 -27.49 -4.64 20.07
C TYR A 8 -27.72 -5.72 21.01
N GLN A 9 -28.33 -5.41 22.13
CA GLN A 9 -28.57 -6.41 23.11
C GLN A 9 -30.03 -6.53 23.38
N LYS A 10 -30.85 -6.14 22.43
CA LYS A 10 -32.24 -6.23 22.65
C LYS A 10 -32.73 -7.63 22.89
N LEU A 11 -32.45 -8.56 21.99
CA LEU A 11 -32.88 -9.95 22.04
C LEU A 11 -31.85 -10.89 22.55
N GLU A 12 -31.87 -11.27 23.80
CA GLU A 12 -30.85 -12.14 24.29
C GLU A 12 -31.44 -13.41 24.79
N LEU A 13 -30.75 -14.53 24.64
CA LEU A 13 -31.18 -15.84 25.07
C LEU A 13 -31.08 -16.09 26.48
N PRO A 14 -31.88 -16.97 27.03
CA PRO A 14 -32.86 -17.90 26.52
C PRO A 14 -34.16 -17.33 26.05
N MET A 15 -34.71 -17.83 24.97
CA MET A 15 -36.03 -17.45 24.54
C MET A 15 -36.88 -18.69 24.59
N PRO A 16 -38.13 -18.53 24.47
CA PRO A 16 -39.07 -19.64 24.45
C PRO A 16 -39.11 -20.28 23.10
N PRO A 17 -39.46 -21.54 22.97
CA PRO A 17 -39.50 -22.15 21.65
C PRO A 17 -40.37 -21.46 20.57
N GLU A 18 -41.56 -20.99 20.81
CA GLU A 18 -42.32 -20.43 19.78
C GLU A 18 -41.83 -19.19 19.19
N ARG A 19 -41.06 -18.48 19.89
CA ARG A 19 -40.49 -17.27 19.37
C ARG A 19 -39.26 -17.55 18.49
N ILE A 20 -38.43 -18.51 18.84
CA ILE A 20 -37.32 -18.91 17.99
C ILE A 20 -37.84 -19.54 16.72
N PHE A 21 -38.66 -20.55 16.88
CA PHE A 21 -39.33 -21.16 15.78
C PHE A 21 -39.88 -20.12 14.84
N GLY A 22 -40.76 -19.25 15.32
CA GLY A 22 -41.42 -18.31 14.45
C GLY A 22 -40.49 -17.36 13.75
N ALA A 23 -39.44 -16.94 14.40
CA ALA A 23 -38.52 -16.10 13.66
C ALA A 23 -37.69 -16.86 12.65
N HIS A 24 -37.27 -18.07 12.92
CA HIS A 24 -36.64 -18.84 11.88
C HIS A 24 -37.59 -19.03 10.69
N MET A 25 -38.83 -19.38 10.92
CA MET A 25 -39.74 -19.58 9.80
C MET A 25 -39.91 -18.33 8.99
N MET A 26 -40.04 -17.18 9.65
CA MET A 26 -40.13 -15.90 8.99
C MET A 26 -38.87 -15.56 8.22
N LEU A 27 -37.71 -15.80 8.76
CA LEU A 27 -36.48 -15.57 8.02
C LEU A 27 -36.34 -16.49 6.83
N ILE A 28 -36.69 -17.76 6.95
CA ILE A 28 -36.72 -18.67 5.82
C ILE A 28 -37.62 -18.15 4.70
N GLY A 29 -38.81 -17.68 5.04
CA GLY A 29 -39.67 -17.11 4.03
C GLY A 29 -39.06 -15.90 3.37
N GLY A 30 -38.39 -15.06 4.14
CA GLY A 30 -37.69 -13.92 3.61
C GLY A 30 -36.57 -14.22 2.66
N LEU A 31 -35.72 -15.17 3.01
CA LEU A 31 -34.71 -15.68 2.08
C LEU A 31 -35.33 -16.24 0.81
N ALA A 32 -36.37 -17.06 0.91
CA ALA A 32 -37.01 -17.52 -0.30
C ALA A 32 -37.48 -16.34 -1.20
N CYS A 33 -38.00 -15.26 -0.63
CA CYS A 33 -38.29 -14.08 -1.45
C CYS A 33 -37.03 -13.45 -2.10
N LEU A 34 -35.94 -13.31 -1.38
CA LEU A 34 -34.74 -12.77 -2.01
C LEU A 34 -34.22 -13.64 -3.15
N ILE A 35 -34.11 -14.97 -2.93
CA ILE A 35 -33.74 -15.89 -3.99
C ILE A 35 -34.68 -15.75 -5.19
N GLY A 36 -35.97 -15.61 -4.96
CA GLY A 36 -36.88 -15.36 -6.06
C GLY A 36 -36.53 -14.16 -6.91
N THR A 37 -36.17 -13.08 -6.27
CA THR A 37 -35.64 -11.97 -7.04
C THR A 37 -34.31 -12.30 -7.70
N TYR A 38 -33.50 -13.15 -7.15
CA TYR A 38 -32.24 -13.43 -7.82
C TYR A 38 -32.49 -14.22 -9.10
N PHE A 39 -33.58 -14.97 -9.12
CA PHE A 39 -34.05 -15.69 -10.28
C PHE A 39 -34.51 -14.74 -11.36
N PHE A 40 -35.21 -13.67 -10.98
CA PHE A 40 -35.57 -12.63 -11.94
C PHE A 40 -34.35 -11.90 -12.53
N ALA A 41 -33.30 -11.65 -11.75
CA ALA A 41 -32.12 -10.98 -12.20
C ALA A 41 -31.20 -11.85 -13.02
N SER A 42 -31.43 -13.13 -13.09
CA SER A 42 -30.72 -14.05 -13.94
C SER A 42 -31.20 -14.03 -15.37
N MET A 43 -32.35 -13.42 -15.69
CA MET A 43 -32.89 -13.45 -17.05
C MET A 43 -32.00 -12.70 -18.03
N THR A 44 -32.05 -13.13 -19.28
CA THR A 44 -30.98 -12.90 -20.25
C THR A 44 -30.96 -11.48 -20.81
N MET A 45 -31.92 -10.65 -20.47
CA MET A 45 -31.92 -9.29 -20.96
C MET A 45 -30.98 -8.40 -20.17
N TRP A 46 -30.56 -8.84 -18.98
CA TRP A 46 -29.72 -8.06 -18.09
C TRP A 46 -28.25 -8.24 -18.43
N ASN A 47 -27.44 -7.30 -17.99
CA ASN A 47 -26.00 -7.50 -17.88
C ASN A 47 -25.62 -8.63 -16.89
N ASP A 48 -24.47 -9.25 -17.13
CA ASP A 48 -23.76 -9.98 -16.10
C ASP A 48 -23.40 -9.06 -14.93
N GLY A 49 -23.65 -9.52 -13.74
CA GLY A 49 -23.13 -8.96 -12.54
C GLY A 49 -22.74 -10.07 -11.61
N TYR A 50 -22.22 -9.70 -10.44
CA TYR A 50 -21.75 -10.67 -9.47
C TYR A 50 -22.86 -11.52 -8.88
N VAL A 51 -24.07 -11.02 -8.74
CA VAL A 51 -25.15 -11.80 -8.16
C VAL A 51 -25.60 -12.89 -9.13
N ASN A 52 -25.89 -12.52 -10.39
CA ASN A 52 -26.37 -13.50 -11.36
C ASN A 52 -25.26 -14.41 -11.86
N LEU A 53 -24.01 -13.94 -11.81
CA LEU A 53 -22.92 -14.81 -12.18
C LEU A 53 -22.68 -15.90 -11.15
N THR A 54 -22.77 -15.60 -9.84
CA THR A 54 -22.58 -16.65 -8.84
C THR A 54 -23.68 -17.68 -8.86
N LEU A 55 -24.82 -17.40 -9.44
CA LEU A 55 -25.73 -18.53 -9.67
C LEU A 55 -25.75 -19.18 -11.05
N ARG A 56 -25.08 -18.73 -12.02
CA ARG A 56 -25.31 -19.37 -13.31
C ARG A 56 -24.71 -20.77 -13.50
N PRO A 57 -23.52 -21.10 -12.98
CA PRO A 57 -23.06 -22.48 -13.17
C PRO A 57 -23.96 -23.50 -12.54
N ARG A 58 -24.65 -23.14 -11.48
CA ARG A 58 -25.54 -24.08 -10.87
C ARG A 58 -26.82 -24.26 -11.65
N LEU A 59 -27.36 -23.19 -12.15
CA LEU A 59 -28.53 -23.25 -13.00
C LEU A 59 -28.27 -23.90 -14.35
N ILE A 60 -27.07 -23.83 -14.89
CA ILE A 60 -26.66 -24.66 -16.03
C ILE A 60 -26.64 -26.15 -15.64
N SER A 61 -26.08 -26.49 -14.48
CA SER A 61 -26.00 -27.89 -14.12
C SER A 61 -27.38 -28.48 -13.88
N LEU A 62 -28.33 -27.64 -13.52
CA LEU A 62 -29.71 -28.05 -13.26
C LEU A 62 -30.56 -28.16 -14.49
N GLY A 63 -30.12 -27.64 -15.61
CA GLY A 63 -30.94 -27.63 -16.78
C GLY A 63 -31.86 -26.47 -16.94
N ILE A 64 -31.88 -25.53 -16.01
CA ILE A 64 -32.79 -24.41 -16.05
C ILE A 64 -32.22 -23.31 -16.91
N TYR A 65 -30.93 -23.05 -16.83
CA TYR A 65 -30.28 -22.13 -17.75
C TYR A 65 -29.68 -22.89 -18.90
N ASP A 66 -30.11 -22.58 -20.10
CA ASP A 66 -29.68 -23.29 -21.29
C ASP A 66 -28.85 -22.38 -22.19
N PRO A 67 -27.54 -22.61 -22.34
CA PRO A 67 -26.70 -21.66 -23.05
C PRO A 67 -26.98 -21.58 -24.54
N TYR A 68 -27.47 -22.63 -25.16
CA TYR A 68 -27.70 -22.76 -26.58
C TYR A 68 -29.12 -22.45 -26.99
N ASP A 69 -29.83 -21.74 -26.17
CA ASP A 69 -31.22 -21.42 -26.36
C ASP A 69 -31.35 -20.04 -27.00
N THR A 70 -31.87 -20.01 -28.22
CA THR A 70 -31.93 -18.82 -29.03
C THR A 70 -33.31 -18.41 -29.44
N GLU A 71 -34.27 -19.30 -29.52
CA GLU A 71 -35.56 -18.91 -30.03
C GLU A 71 -36.36 -18.01 -29.10
N GLN A 72 -37.16 -17.15 -29.68
CA GLN A 72 -38.05 -16.29 -28.91
C GLN A 72 -39.46 -16.81 -28.97
N ILE A 73 -40.19 -16.63 -27.90
CA ILE A 73 -41.42 -17.35 -27.59
C ILE A 73 -42.59 -16.39 -27.72
N GLN A 74 -43.78 -16.85 -28.15
CA GLN A 74 -44.99 -16.04 -28.28
C GLN A 74 -46.31 -16.64 -27.76
N ARG A 75 -46.29 -17.86 -27.27
CA ARG A 75 -47.45 -18.53 -26.69
C ARG A 75 -46.92 -19.77 -26.03
N VAL A 76 -47.06 -19.89 -24.73
CA VAL A 76 -46.50 -21.06 -24.09
C VAL A 76 -47.38 -21.68 -23.00
N TRP A 77 -47.97 -20.88 -22.10
CA TRP A 77 -48.90 -21.48 -21.14
C TRP A 77 -50.30 -21.08 -21.56
N LEU A 78 -50.47 -19.82 -21.94
CA LEU A 78 -51.78 -19.38 -22.41
C LEU A 78 -51.63 -18.22 -23.36
N PRO A 79 -52.41 -18.24 -24.40
CA PRO A 79 -52.50 -17.31 -25.52
C PRO A 79 -52.30 -15.81 -25.30
N LEU A 80 -51.08 -15.36 -24.99
CA LEU A 80 -50.79 -13.93 -24.76
C LEU A 80 -49.29 -13.73 -24.63
N ILE A 81 -48.48 -14.54 -25.29
CA ILE A 81 -47.06 -14.48 -24.97
C ILE A 81 -45.90 -13.90 -25.82
N GLY A 82 -46.08 -12.94 -26.71
CA GLY A 82 -44.90 -12.38 -27.38
C GLY A 82 -44.45 -11.31 -26.40
N GLU A 83 -45.08 -10.17 -26.54
CA GLU A 83 -45.02 -8.98 -25.73
C GLU A 83 -46.47 -8.56 -25.60
N PHE A 84 -46.98 -7.64 -24.68
CA PHE A 84 -48.39 -7.06 -24.71
C PHE A 84 -48.41 -5.86 -23.78
N SER A 85 -49.43 -4.99 -23.93
CA SER A 85 -49.75 -3.81 -23.10
C SER A 85 -49.72 -4.15 -21.61
N THR A 86 -49.19 -3.24 -20.74
CA THR A 86 -49.06 -3.54 -19.26
C THR A 86 -48.40 -4.93 -19.06
N SER A 87 -47.26 -5.05 -19.74
CA SER A 87 -46.41 -6.19 -19.89
C SER A 87 -46.88 -7.55 -20.42
N LYS A 88 -48.13 -7.96 -20.09
CA LYS A 88 -48.73 -9.32 -20.30
C LYS A 88 -48.09 -10.29 -19.30
N LEU A 89 -47.01 -9.85 -18.66
CA LEU A 89 -46.26 -10.68 -17.70
C LEU A 89 -45.31 -9.72 -17.04
N PRO A 90 -45.81 -8.51 -16.77
CA PRO A 90 -45.56 -7.15 -16.28
C PRO A 90 -44.06 -6.89 -16.11
N PHE A 91 -43.60 -5.83 -16.76
CA PHE A 91 -42.24 -5.39 -16.96
C PHE A 91 -41.39 -6.39 -17.77
N PHE A 92 -41.88 -7.57 -18.17
CA PHE A 92 -41.00 -8.44 -18.92
C PHE A 92 -41.37 -8.55 -20.38
N GLY A 93 -42.58 -8.17 -20.75
CA GLY A 93 -42.97 -8.17 -22.15
C GLY A 93 -42.36 -7.04 -22.96
N GLN A 94 -41.22 -6.53 -22.55
CA GLN A 94 -40.62 -5.52 -23.40
C GLN A 94 -39.57 -6.10 -24.31
N TYR A 95 -38.91 -7.15 -23.85
CA TYR A 95 -37.69 -7.71 -24.38
C TYR A 95 -38.04 -9.03 -25.05
N PRO A 96 -37.18 -9.56 -25.89
CA PRO A 96 -37.38 -10.93 -26.36
C PRO A 96 -37.08 -11.90 -25.25
N LEU A 97 -37.98 -12.82 -25.02
CA LEU A 97 -37.83 -13.81 -23.99
C LEU A 97 -37.62 -15.16 -24.65
N THR A 98 -36.75 -15.96 -24.10
CA THR A 98 -36.53 -17.32 -24.55
C THR A 98 -37.15 -18.28 -23.56
N MET A 99 -36.98 -19.55 -23.81
CA MET A 99 -37.43 -20.53 -22.84
C MET A 99 -36.63 -20.51 -21.55
N THR A 100 -35.38 -20.11 -21.57
CA THR A 100 -34.74 -20.10 -20.28
C THR A 100 -35.19 -18.92 -19.47
N ASP A 101 -35.55 -17.84 -20.07
CA ASP A 101 -36.10 -16.74 -19.40
C ASP A 101 -37.40 -17.14 -18.82
N PHE A 102 -38.25 -17.87 -19.48
CA PHE A 102 -39.46 -18.29 -18.87
C PHE A 102 -39.24 -19.23 -17.77
N ARG A 103 -38.28 -20.13 -17.82
CA ARG A 103 -37.99 -21.06 -16.75
C ARG A 103 -37.52 -20.33 -15.55
N LEU A 104 -36.76 -19.30 -15.74
CA LEU A 104 -36.25 -18.45 -14.68
C LEU A 104 -37.37 -17.66 -14.04
N PHE A 105 -38.19 -17.01 -14.84
CA PHE A 105 -39.36 -16.30 -14.36
C PHE A 105 -40.19 -17.18 -13.45
N GLY A 106 -40.60 -18.34 -13.93
CA GLY A 106 -41.40 -19.28 -13.15
C GLY A 106 -40.81 -19.71 -11.83
N TRP A 107 -39.53 -20.06 -11.80
CA TRP A 107 -38.87 -20.40 -10.54
C TRP A 107 -38.74 -19.19 -9.63
N GLY A 108 -38.62 -18.00 -10.19
CA GLY A 108 -38.68 -16.80 -9.38
C GLY A 108 -40.01 -16.61 -8.71
N CYS A 109 -41.08 -16.65 -9.48
CA CYS A 109 -42.42 -16.49 -8.96
C CYS A 109 -42.73 -17.56 -7.92
N PHE A 110 -42.33 -18.80 -8.11
CA PHE A 110 -42.44 -19.85 -7.15
C PHE A 110 -41.69 -19.63 -5.81
N HIS A 111 -40.55 -19.05 -5.83
CA HIS A 111 -39.84 -18.73 -4.66
C HIS A 111 -40.42 -17.54 -3.92
N ILE A 112 -41.05 -16.60 -4.57
CA ILE A 112 -41.70 -15.49 -3.97
C ILE A 112 -43.07 -15.91 -3.42
N GLY A 113 -43.82 -16.74 -4.06
CA GLY A 113 -45.05 -17.27 -3.48
C GLY A 113 -44.85 -18.14 -2.25
N LEU A 114 -43.93 -19.10 -2.34
CA LEU A 114 -43.65 -19.87 -1.14
C LEU A 114 -43.13 -18.97 -0.04
N GLY A 115 -42.17 -18.11 -0.31
CA GLY A 115 -41.65 -17.23 0.69
C GLY A 115 -42.68 -16.37 1.39
N LEU A 116 -43.64 -15.82 0.70
CA LEU A 116 -44.60 -15.01 1.34
C LEU A 116 -45.50 -15.78 2.21
N TRP A 117 -45.74 -17.01 1.90
CA TRP A 117 -46.59 -17.86 2.63
C TRP A 117 -45.91 -18.32 3.87
N LEU A 118 -44.64 -18.55 3.86
CA LEU A 118 -43.86 -18.93 4.96
C LEU A 118 -43.69 -17.78 5.85
N VAL A 119 -43.54 -16.58 5.37
CA VAL A 119 -43.47 -15.42 6.21
C VAL A 119 -44.77 -15.29 6.98
N TYR A 120 -45.91 -15.42 6.35
CA TYR A 120 -47.17 -15.33 7.05
C TYR A 120 -47.28 -16.37 8.14
N ALA A 121 -46.98 -17.63 7.82
CA ALA A 121 -47.12 -18.71 8.80
C ALA A 121 -46.14 -18.57 9.95
N GLY A 122 -44.91 -18.22 9.68
CA GLY A 122 -44.02 -17.93 10.76
C GLY A 122 -44.55 -16.91 11.74
N ALA A 123 -45.08 -15.81 11.22
CA ALA A 123 -45.75 -14.76 12.00
C ALA A 123 -46.89 -15.30 12.83
N ALA A 124 -47.68 -16.19 12.28
CA ALA A 124 -48.69 -16.84 13.07
C ALA A 124 -48.11 -17.58 14.28
N HIS A 125 -46.97 -18.28 14.15
CA HIS A 125 -46.41 -18.94 15.34
C HIS A 125 -45.77 -17.94 16.30
N TYR A 126 -45.12 -16.92 15.76
CA TYR A 126 -44.39 -15.93 16.54
C TYR A 126 -45.34 -15.05 17.35
N TYR A 127 -46.28 -14.44 16.69
CA TYR A 127 -47.20 -13.56 17.35
C TYR A 127 -48.36 -14.29 17.97
N GLY A 128 -48.76 -15.40 17.47
CA GLY A 128 -49.72 -16.18 18.17
C GLY A 128 -48.71 -16.89 18.94
N ALA A 129 -48.58 -16.62 20.16
CA ALA A 129 -47.55 -17.04 21.13
C ALA A 129 -47.87 -16.09 22.19
N ARG A 130 -47.92 -14.85 21.79
CA ARG A 130 -48.30 -13.80 22.64
C ARG A 130 -49.76 -13.57 22.64
N GLY A 131 -50.62 -14.42 22.11
CA GLY A 131 -52.03 -14.28 22.04
C GLY A 131 -52.60 -13.44 20.97
N GLY A 132 -51.79 -13.02 20.07
CA GLY A 132 -52.12 -12.14 18.98
C GLY A 132 -51.31 -10.87 19.01
N ALA A 133 -51.54 -10.03 18.03
CA ALA A 133 -50.82 -8.80 17.92
C ALA A 133 -51.52 -7.90 16.95
N THR A 134 -51.55 -6.61 17.17
CA THR A 134 -52.29 -5.76 16.28
C THR A 134 -51.51 -5.30 15.10
N ILE A 135 -52.17 -5.10 14.00
CA ILE A 135 -51.59 -4.70 12.75
C ILE A 135 -50.62 -3.57 12.84
N GLY A 136 -50.92 -2.53 13.57
CA GLY A 136 -49.99 -1.49 13.84
C GLY A 136 -48.77 -1.78 14.68
N GLU A 137 -48.62 -2.95 15.28
CA GLU A 137 -47.43 -3.33 16.03
C GLU A 137 -46.65 -4.31 15.22
N ILE A 138 -47.28 -5.01 14.31
CA ILE A 138 -46.58 -5.84 13.46
C ILE A 138 -45.85 -4.89 12.53
N PHE A 139 -46.53 -4.05 11.77
CA PHE A 139 -45.89 -3.18 10.82
C PHE A 139 -45.23 -1.92 11.33
N TRP A 140 -45.67 -1.48 12.48
CA TRP A 140 -45.19 -0.36 13.30
C TRP A 140 -44.88 1.03 12.79
N LEU A 141 -44.79 1.18 11.52
CA LEU A 141 -44.65 2.53 11.02
C LEU A 141 -45.81 2.63 10.09
N LEU A 142 -46.99 2.36 10.64
CA LEU A 142 -48.23 2.36 9.91
C LEU A 142 -49.24 3.24 10.58
N PRO A 143 -48.94 3.68 11.80
CA PRO A 143 -49.87 4.59 12.46
C PRO A 143 -49.49 6.03 12.14
N TYR A 144 -48.35 6.23 11.47
CA TYR A 144 -47.88 7.54 11.11
C TYR A 144 -48.63 8.02 9.91
N VAL A 145 -49.13 7.11 9.10
CA VAL A 145 -49.94 7.56 7.99
C VAL A 145 -51.24 8.05 8.62
N PRO A 146 -51.77 9.14 8.12
CA PRO A 146 -52.98 9.69 8.71
C PRO A 146 -54.20 9.16 8.01
N GLY A 147 -55.31 9.13 8.71
CA GLY A 147 -56.57 8.66 8.17
C GLY A 147 -56.47 7.20 7.90
N LEU A 148 -55.85 6.50 8.84
CA LEU A 148 -55.60 5.09 8.75
C LEU A 148 -55.10 4.73 10.11
N LYS A 149 -55.88 5.09 11.12
CA LYS A 149 -55.50 4.76 12.48
C LYS A 149 -56.36 3.60 12.76
N GLY A 150 -57.66 3.77 12.52
CA GLY A 150 -58.64 2.71 12.70
C GLY A 150 -58.16 1.43 12.06
N LEU A 151 -57.66 1.49 10.83
CA LEU A 151 -57.13 0.33 10.16
C LEU A 151 -56.11 -0.43 10.98
N CYS A 152 -55.17 0.27 11.59
CA CYS A 152 -54.14 -0.39 12.36
C CYS A 152 -54.44 -0.72 13.82
N GLN A 153 -55.67 -1.07 14.12
CA GLN A 153 -55.95 -1.45 15.47
C GLN A 153 -56.75 -2.70 15.52
N ILE A 154 -56.64 -3.49 14.48
CA ILE A 154 -57.27 -4.78 14.49
C ILE A 154 -56.27 -5.77 15.06
N LYS A 155 -56.73 -6.91 15.51
CA LYS A 155 -55.81 -7.85 16.07
C LYS A 155 -55.66 -9.03 15.18
N TRP A 156 -54.46 -9.34 14.73
CA TRP A 156 -54.30 -10.53 13.94
C TRP A 156 -53.70 -11.67 14.74
N PHE A 157 -53.81 -12.89 14.22
CA PHE A 157 -53.14 -14.05 14.81
C PHE A 157 -53.62 -14.33 16.23
N THR A 158 -54.91 -14.20 16.46
CA THR A 158 -55.46 -14.36 17.78
C THR A 158 -55.78 -15.78 18.07
N PRO A 159 -55.79 -16.19 19.34
CA PRO A 159 -56.01 -17.57 19.65
C PRO A 159 -57.36 -18.17 19.38
N GLU A 160 -58.33 -17.32 19.25
CA GLU A 160 -59.71 -17.42 19.08
C GLU A 160 -60.37 -17.35 17.73
N GLY A 161 -59.78 -16.57 16.85
CA GLY A 161 -60.35 -16.17 15.59
C GLY A 161 -60.85 -17.15 14.59
N PRO A 162 -61.55 -16.66 13.56
CA PRO A 162 -61.98 -17.53 12.47
C PRO A 162 -60.75 -17.92 11.71
N TRP A 163 -60.77 -19.05 11.09
CA TRP A 163 -59.66 -19.59 10.33
C TRP A 163 -58.56 -18.72 9.61
N TYR A 164 -58.85 -17.52 9.17
CA TYR A 164 -57.90 -16.76 8.45
C TYR A 164 -57.27 -15.76 9.35
N LYS A 165 -57.36 -15.95 10.65
CA LYS A 165 -56.72 -15.07 11.53
C LYS A 165 -56.24 -15.72 12.76
N VAL A 166 -56.15 -17.02 12.81
CA VAL A 166 -55.60 -17.68 13.98
C VAL A 166 -54.09 -17.62 14.02
N GLY A 167 -53.58 -17.65 15.23
CA GLY A 167 -52.21 -17.90 15.55
C GLY A 167 -52.18 -19.29 16.12
N LEU A 168 -52.12 -19.37 17.43
CA LEU A 168 -51.98 -20.61 18.15
C LEU A 168 -53.14 -20.76 19.09
N PRO A 169 -54.13 -21.59 18.80
CA PRO A 169 -55.31 -21.61 19.64
C PRO A 169 -55.07 -22.07 21.05
N TRP A 170 -53.99 -22.76 21.34
CA TRP A 170 -53.72 -23.31 22.62
C TRP A 170 -52.73 -22.53 23.34
N GLY A 171 -52.21 -21.54 22.69
CA GLY A 171 -51.28 -20.66 23.28
C GLY A 171 -49.81 -20.91 23.20
N SER A 172 -49.37 -22.17 23.16
CA SER A 172 -47.95 -22.51 23.19
C SER A 172 -47.84 -23.92 22.67
N PHE A 173 -46.62 -24.34 22.31
CA PHE A 173 -46.41 -25.74 21.96
C PHE A 173 -46.68 -26.62 23.17
N ALA A 174 -46.27 -26.18 24.32
CA ALA A 174 -46.34 -27.01 25.51
C ALA A 174 -47.75 -27.29 25.94
N ASN A 175 -48.67 -26.37 25.66
CA ASN A 175 -50.07 -26.55 25.97
C ASN A 175 -50.90 -27.21 24.91
N THR A 176 -50.43 -27.39 23.79
CA THR A 176 -51.33 -27.97 22.81
C THR A 176 -51.30 -29.48 22.93
N PRO A 177 -52.38 -30.12 23.00
CA PRO A 177 -52.42 -31.56 23.28
C PRO A 177 -52.44 -32.44 22.06
N TRP A 178 -51.48 -32.27 21.19
CA TRP A 178 -51.26 -33.22 20.14
C TRP A 178 -50.19 -34.17 20.61
N PRO A 179 -50.50 -35.43 20.86
CA PRO A 179 -49.55 -36.26 21.56
C PRO A 179 -48.43 -36.79 20.68
N ILE A 180 -48.31 -36.33 19.45
CA ILE A 180 -47.11 -36.54 18.65
C ILE A 180 -46.02 -35.56 19.04
N LEU A 181 -46.37 -34.41 19.57
CA LEU A 181 -45.37 -33.42 19.85
C LEU A 181 -44.42 -33.87 20.95
N ARG A 182 -43.15 -33.75 20.67
CA ARG A 182 -42.06 -34.01 21.58
C ARG A 182 -41.94 -32.85 22.54
N ARG A 183 -41.45 -33.11 23.72
CA ARG A 183 -41.49 -32.05 24.71
C ARG A 183 -40.18 -31.48 25.18
N THR A 184 -39.02 -31.98 24.77
CA THR A 184 -37.72 -31.42 25.15
C THR A 184 -36.83 -31.39 23.92
N TYR A 185 -35.83 -30.53 23.90
CA TYR A 185 -35.01 -30.35 22.71
C TYR A 185 -34.27 -31.61 22.32
N ALA A 186 -34.02 -32.50 23.26
CA ALA A 186 -33.44 -33.79 22.91
C ALA A 186 -34.45 -34.72 22.28
N ASP A 187 -35.63 -34.76 22.84
CA ASP A 187 -36.71 -35.44 22.16
C ASP A 187 -37.05 -34.82 20.82
N ALA A 188 -36.92 -33.51 20.67
CA ALA A 188 -37.17 -32.95 19.36
C ALA A 188 -36.07 -33.29 18.40
N LEU A 189 -34.87 -33.61 18.87
CA LEU A 189 -33.84 -34.05 17.91
C LEU A 189 -34.32 -35.23 17.11
N SER A 190 -35.23 -35.97 17.60
CA SER A 190 -35.55 -36.99 16.58
C SER A 190 -36.49 -36.57 15.41
N PRO A 191 -37.63 -35.92 15.67
CA PRO A 191 -38.40 -35.41 14.54
C PRO A 191 -37.67 -34.43 13.64
N HIS A 192 -36.74 -33.63 14.11
CA HIS A 192 -36.08 -32.62 13.27
C HIS A 192 -35.22 -33.26 12.19
N THR A 193 -34.68 -34.42 12.45
CA THR A 193 -33.86 -35.11 11.46
C THR A 193 -34.70 -36.05 10.60
N ILE A 194 -35.82 -36.56 11.07
CA ILE A 194 -36.70 -37.17 10.08
C ILE A 194 -37.15 -36.12 9.06
N TYR A 195 -37.38 -34.93 9.51
CA TYR A 195 -37.85 -33.86 8.75
C TYR A 195 -36.83 -33.50 7.75
N ILE A 196 -35.63 -33.23 8.12
CA ILE A 196 -34.55 -33.06 7.16
C ILE A 196 -34.45 -34.28 6.19
N GLY A 197 -34.61 -35.52 6.57
CA GLY A 197 -34.68 -36.60 5.64
C GLY A 197 -35.74 -36.35 4.60
N LEU A 198 -36.95 -36.01 4.97
CA LEU A 198 -37.99 -35.63 4.05
C LEU A 198 -37.69 -34.56 3.08
N LEU A 199 -36.94 -33.55 3.44
CA LEU A 199 -36.43 -32.55 2.57
C LEU A 199 -35.52 -33.07 1.49
N PHE A 200 -34.67 -34.02 1.80
CA PHE A 200 -33.82 -34.70 0.88
C PHE A 200 -34.63 -35.50 -0.13
N PHE A 201 -35.72 -36.12 0.24
CA PHE A 201 -36.58 -36.78 -0.68
C PHE A 201 -37.25 -35.78 -1.57
N ILE A 202 -37.85 -34.71 -1.10
CA ILE A 202 -38.37 -33.67 -1.93
C ILE A 202 -37.38 -33.25 -2.98
N TRP A 203 -36.20 -32.84 -2.67
CA TRP A 203 -35.21 -32.52 -3.63
C TRP A 203 -34.90 -33.55 -4.64
N GLY A 204 -34.82 -34.81 -4.27
CA GLY A 204 -34.62 -35.91 -5.19
C GLY A 204 -35.76 -36.12 -6.14
N PHE A 205 -36.97 -35.85 -5.72
CA PHE A 205 -38.11 -36.03 -6.61
C PHE A 205 -38.28 -34.87 -7.55
N VAL A 206 -37.95 -33.68 -7.12
CA VAL A 206 -37.93 -32.53 -7.99
C VAL A 206 -36.85 -32.65 -9.06
N LEU A 207 -35.69 -33.16 -8.71
CA LEU A 207 -34.63 -33.37 -9.67
C LEU A 207 -34.99 -34.46 -10.66
N TRP A 208 -35.57 -35.56 -10.19
CA TRP A 208 -35.91 -36.65 -11.08
C TRP A 208 -37.06 -36.30 -12.01
N PHE A 209 -38.14 -35.74 -11.49
CA PHE A 209 -39.35 -35.63 -12.28
C PHE A 209 -39.71 -34.24 -12.75
N VAL A 210 -39.28 -33.19 -12.10
CA VAL A 210 -39.55 -31.84 -12.57
C VAL A 210 -38.42 -31.34 -13.45
N LEU A 211 -37.19 -31.50 -13.01
CA LEU A 211 -36.02 -31.12 -13.75
C LEU A 211 -35.54 -32.18 -14.73
N ASP A 212 -36.02 -33.41 -14.61
CA ASP A 212 -35.73 -34.52 -15.52
C ASP A 212 -34.25 -34.91 -15.55
N LYS A 213 -33.75 -35.26 -14.42
CA LYS A 213 -32.40 -35.75 -14.25
C LYS A 213 -32.49 -36.97 -13.36
N PRO A 214 -32.87 -38.15 -13.89
CA PRO A 214 -32.99 -39.27 -12.97
C PRO A 214 -31.68 -39.72 -12.41
N PRO A 215 -31.76 -40.40 -11.30
CA PRO A 215 -30.70 -40.95 -10.48
C PRO A 215 -29.90 -42.13 -11.09
N VAL A 216 -28.63 -42.19 -10.85
CA VAL A 216 -27.83 -43.30 -11.28
C VAL A 216 -28.29 -44.48 -10.38
N PRO A 217 -28.60 -45.59 -10.92
CA PRO A 217 -28.28 -46.10 -12.21
C PRO A 217 -29.46 -46.05 -13.12
N LEU A 218 -30.37 -45.14 -13.06
CA LEU A 218 -31.49 -45.13 -13.93
C LEU A 218 -31.48 -44.00 -14.97
N GLN A 219 -30.34 -43.49 -15.40
CA GLN A 219 -30.19 -42.43 -16.36
C GLN A 219 -30.54 -42.94 -17.72
N PRO A 220 -31.06 -42.09 -18.59
CA PRO A 220 -31.48 -42.47 -19.92
C PRO A 220 -30.43 -42.87 -20.91
N ALA A 221 -30.82 -43.64 -21.88
CA ALA A 221 -29.90 -43.97 -22.94
C ALA A 221 -29.71 -42.80 -23.87
N GLN A 222 -30.69 -41.96 -23.99
CA GLN A 222 -30.75 -40.88 -24.96
C GLN A 222 -31.10 -39.58 -24.28
N VAL A 223 -30.60 -38.51 -24.78
CA VAL A 223 -30.96 -37.21 -24.28
C VAL A 223 -30.90 -36.29 -25.40
N MET A 224 -31.82 -35.37 -25.42
CA MET A 224 -31.91 -34.29 -26.38
C MET A 224 -30.86 -33.22 -26.29
N THR A 225 -30.15 -32.89 -27.33
CA THR A 225 -29.14 -31.82 -27.29
C THR A 225 -29.45 -30.76 -28.33
N PRO A 226 -28.75 -29.63 -28.41
CA PRO A 226 -29.02 -28.68 -29.50
C PRO A 226 -28.69 -29.21 -30.91
N ASN A 227 -27.88 -30.22 -31.06
CA ASN A 227 -27.52 -30.86 -32.29
C ASN A 227 -28.24 -32.13 -32.47
N GLY A 228 -29.41 -32.28 -31.94
CA GLY A 228 -30.12 -33.52 -32.08
C GLY A 228 -30.10 -34.44 -30.90
N LEU A 229 -30.62 -35.63 -31.04
CA LEU A 229 -30.73 -36.58 -29.98
C LEU A 229 -29.50 -37.43 -30.00
N MET A 230 -28.81 -37.50 -28.90
CA MET A 230 -27.61 -38.23 -28.84
C MET A 230 -27.60 -39.27 -27.77
N PRO A 231 -26.58 -40.09 -27.70
CA PRO A 231 -26.55 -41.08 -26.60
C PRO A 231 -25.92 -40.49 -25.39
N LEU A 232 -26.43 -40.69 -24.20
CA LEU A 232 -25.87 -40.09 -23.00
C LEU A 232 -24.38 -39.91 -22.84
N GLU A 233 -23.61 -40.92 -23.16
CA GLU A 233 -22.18 -40.82 -23.05
C GLU A 233 -21.48 -39.95 -24.08
N GLN A 234 -22.13 -39.57 -25.16
CA GLN A 234 -21.48 -38.66 -26.09
C GLN A 234 -22.08 -37.27 -26.06
N ALA A 235 -23.23 -37.08 -25.46
CA ALA A 235 -23.81 -35.80 -25.33
C ALA A 235 -22.98 -34.91 -24.41
N PRO A 236 -22.49 -33.79 -24.83
CA PRO A 236 -21.79 -32.82 -24.01
C PRO A 236 -22.56 -32.28 -22.77
N PHE A 237 -21.83 -31.96 -21.74
CA PHE A 237 -22.13 -31.58 -20.39
C PHE A 237 -23.41 -31.18 -19.95
N PRO A 238 -24.02 -30.08 -20.51
CA PRO A 238 -25.26 -29.88 -19.82
C PRO A 238 -26.18 -30.92 -20.28
N TYR A 239 -26.20 -31.44 -21.46
CA TYR A 239 -27.13 -32.42 -21.86
C TYR A 239 -26.82 -33.76 -21.43
N GLY A 240 -25.63 -34.24 -21.60
CA GLY A 240 -25.25 -35.57 -21.31
C GLY A 240 -24.01 -35.60 -20.50
N TRP A 241 -23.25 -36.65 -20.63
CA TRP A 241 -22.11 -36.87 -19.81
C TRP A 241 -20.79 -36.65 -20.41
N PHE A 242 -20.70 -36.22 -21.65
CA PHE A 242 -19.46 -35.96 -22.22
C PHE A 242 -18.92 -34.65 -21.73
N ASP A 243 -17.77 -34.60 -21.12
CA ASP A 243 -17.14 -33.35 -20.70
C ASP A 243 -16.37 -32.76 -21.86
N PRO A 244 -16.79 -31.64 -22.45
CA PRO A 244 -16.11 -31.14 -23.65
C PRO A 244 -14.88 -30.33 -23.41
N TYR A 245 -14.56 -29.95 -22.18
CA TYR A 245 -13.31 -29.27 -21.86
C TYR A 245 -12.18 -30.23 -21.63
N LEU A 246 -12.41 -31.32 -20.95
CA LEU A 246 -11.35 -32.25 -20.63
C LEU A 246 -11.29 -33.39 -21.59
N ASN A 247 -12.28 -33.52 -22.44
CA ASN A 247 -12.39 -34.55 -23.45
C ASN A 247 -12.65 -35.95 -22.93
N GLN A 248 -13.38 -36.08 -21.86
CA GLN A 248 -13.59 -37.39 -21.25
C GLN A 248 -15.06 -37.58 -21.01
N VAL A 249 -15.48 -38.83 -20.91
CA VAL A 249 -16.76 -39.14 -20.30
C VAL A 249 -16.66 -38.94 -18.80
N MET A 250 -17.66 -38.29 -18.23
CA MET A 250 -17.69 -38.06 -16.80
C MET A 250 -18.04 -39.34 -16.05
N HIS A 251 -17.41 -39.51 -14.90
CA HIS A 251 -17.82 -40.45 -13.86
C HIS A 251 -19.28 -40.22 -13.50
N PRO A 252 -20.07 -41.24 -13.26
CA PRO A 252 -21.50 -41.02 -13.05
C PRO A 252 -21.81 -40.18 -11.84
N MET A 253 -21.02 -40.25 -10.79
CA MET A 253 -21.19 -39.45 -9.60
C MET A 253 -20.54 -38.09 -9.73
N ASN A 254 -20.01 -37.74 -10.87
CA ASN A 254 -19.59 -36.39 -11.17
C ASN A 254 -20.59 -35.63 -12.03
N THR A 255 -21.75 -36.18 -12.30
CA THR A 255 -22.86 -35.55 -13.00
C THR A 255 -23.92 -35.14 -12.01
N ILE A 256 -24.95 -34.42 -12.47
CA ILE A 256 -26.08 -34.14 -11.57
C ILE A 256 -26.94 -35.34 -11.34
N ASN A 257 -26.98 -36.29 -12.24
CA ASN A 257 -27.67 -37.53 -11.95
C ASN A 257 -27.10 -38.22 -10.72
N GLY A 258 -25.84 -37.96 -10.40
CA GLY A 258 -25.25 -38.46 -9.19
C GLY A 258 -25.77 -37.79 -7.93
N GLU A 259 -25.90 -36.50 -7.98
CA GLU A 259 -26.53 -35.76 -6.98
C GLU A 259 -28.00 -36.16 -6.79
N THR A 260 -28.73 -36.57 -7.76
CA THR A 260 -30.10 -37.00 -7.48
C THR A 260 -30.12 -38.39 -6.82
N THR A 261 -29.17 -39.24 -7.13
CA THR A 261 -29.17 -40.50 -6.39
C THR A 261 -28.75 -40.30 -4.94
N MET A 262 -27.92 -39.29 -4.64
CA MET A 262 -27.56 -39.07 -3.25
C MET A 262 -28.69 -38.45 -2.44
N CYS A 263 -29.52 -37.63 -3.04
CA CYS A 263 -30.80 -37.25 -2.48
C CYS A 263 -31.50 -38.43 -1.85
N PHE A 264 -31.49 -39.56 -2.53
CA PHE A 264 -32.17 -40.67 -1.87
C PHE A 264 -31.30 -41.41 -0.86
N VAL A 265 -30.00 -41.45 -1.06
CA VAL A 265 -29.10 -42.11 -0.10
C VAL A 265 -29.09 -41.35 1.24
N TRP A 266 -28.91 -40.05 1.19
CA TRP A 266 -28.88 -39.25 2.40
C TRP A 266 -30.24 -39.17 3.02
N GLY A 267 -31.31 -39.21 2.25
CA GLY A 267 -32.61 -39.10 2.85
C GLY A 267 -33.00 -40.33 3.58
N VAL A 268 -32.55 -41.49 3.12
CA VAL A 268 -32.81 -42.73 3.83
C VAL A 268 -32.03 -42.78 5.12
N LEU A 269 -30.79 -42.29 5.07
CA LEU A 269 -29.96 -42.33 6.25
C LEU A 269 -30.49 -41.42 7.36
N PHE A 270 -30.95 -40.21 7.01
CA PHE A 270 -31.51 -39.28 8.00
C PHE A 270 -32.84 -39.79 8.54
N VAL A 271 -33.67 -40.37 7.72
CA VAL A 271 -34.88 -40.93 8.26
C VAL A 271 -34.60 -42.05 9.26
N ALA A 272 -33.57 -42.86 9.05
CA ALA A 272 -33.34 -43.99 9.96
C ALA A 272 -32.61 -43.59 11.23
N LEU A 273 -31.68 -42.67 11.16
CA LEU A 273 -31.10 -42.13 12.35
C LEU A 273 -32.10 -41.34 13.20
N GLY A 274 -33.08 -40.69 12.57
CA GLY A 274 -34.15 -40.03 13.29
C GLY A 274 -35.16 -40.96 13.90
N ALA A 275 -35.37 -42.13 13.32
CA ALA A 275 -36.26 -43.08 13.93
C ALA A 275 -35.61 -43.83 15.04
N TYR A 276 -34.30 -43.92 15.00
CA TYR A 276 -33.56 -44.50 16.09
C TYR A 276 -33.63 -43.60 17.30
N TRP A 277 -33.36 -42.30 17.10
CA TRP A 277 -33.50 -41.35 18.19
C TRP A 277 -34.92 -41.21 18.66
N TRP A 278 -35.91 -41.49 17.84
CA TRP A 278 -37.24 -41.51 18.38
C TRP A 278 -37.36 -42.49 19.52
N TYR A 279 -36.64 -43.58 19.47
CA TYR A 279 -36.85 -44.63 20.42
C TYR A 279 -35.80 -44.65 21.51
N ARG A 280 -34.64 -44.13 21.26
CA ARG A 280 -33.69 -44.02 22.31
C ARG A 280 -33.09 -42.68 22.19
N PRO A 281 -33.82 -41.61 22.52
CA PRO A 281 -33.37 -40.20 22.46
C PRO A 281 -32.17 -39.97 23.37
N PRO A 282 -31.35 -38.96 23.11
CA PRO A 282 -30.17 -38.73 23.95
C PRO A 282 -30.54 -38.42 25.38
N ARG A 283 -29.80 -39.00 26.30
CA ARG A 283 -30.18 -38.91 27.68
C ARG A 283 -29.03 -38.64 28.66
N SER A 284 -27.81 -38.47 28.20
CA SER A 284 -26.70 -38.39 29.11
C SER A 284 -26.86 -37.27 30.12
N ILE A 285 -26.31 -37.48 31.30
CA ILE A 285 -26.09 -36.44 32.27
C ILE A 285 -25.16 -35.36 31.73
N ASN A 286 -24.31 -35.68 30.81
CA ASN A 286 -23.45 -34.68 30.25
C ASN A 286 -24.12 -33.77 29.27
N ILE A 287 -25.38 -33.99 28.99
CA ILE A 287 -26.11 -33.28 28.01
C ILE A 287 -27.21 -32.50 28.58
N THR A 288 -27.79 -32.87 29.67
CA THR A 288 -28.89 -32.16 30.23
C THR A 288 -28.88 -30.67 30.44
N HIS A 289 -27.77 -29.97 30.50
CA HIS A 289 -27.79 -28.55 30.72
C HIS A 289 -27.99 -27.79 29.43
N LEU A 290 -27.88 -28.48 28.33
CA LEU A 290 -28.05 -28.02 27.02
C LEU A 290 -29.46 -27.74 26.63
N GLU A 291 -30.48 -28.01 27.40
CA GLU A 291 -31.81 -27.55 27.23
C GLU A 291 -31.98 -26.04 27.36
N ASP A 292 -31.11 -25.34 28.00
CA ASP A 292 -31.14 -23.97 28.08
C ASP A 292 -30.59 -23.49 26.75
N THR A 293 -31.26 -22.66 26.04
CA THR A 293 -30.89 -22.21 24.70
C THR A 293 -29.63 -21.38 24.69
N LYS A 294 -29.23 -20.74 25.78
CA LYS A 294 -27.93 -20.06 25.83
C LYS A 294 -26.77 -21.04 25.64
N ALA A 295 -26.84 -22.16 26.31
CA ALA A 295 -25.83 -23.20 26.18
C ALA A 295 -25.83 -23.87 24.80
N VAL A 296 -26.97 -24.40 24.33
CA VAL A 296 -26.97 -24.99 22.98
C VAL A 296 -26.56 -23.98 21.93
N PHE A 297 -26.89 -22.72 22.05
CA PHE A 297 -26.53 -21.75 21.04
C PHE A 297 -25.12 -21.77 20.69
N HIS A 298 -24.22 -21.98 21.67
CA HIS A 298 -22.81 -22.19 21.50
C HIS A 298 -22.48 -23.40 20.65
N VAL A 299 -23.09 -24.52 20.93
CA VAL A 299 -22.86 -25.74 20.29
C VAL A 299 -23.28 -25.68 18.88
N HIS A 300 -24.39 -25.15 18.56
CA HIS A 300 -24.92 -25.08 17.26
C HIS A 300 -24.31 -24.08 16.37
N LEU A 301 -24.00 -22.92 16.86
CA LEU A 301 -23.37 -21.90 16.11
C LEU A 301 -21.91 -22.26 15.78
N THR A 302 -21.18 -22.86 16.66
CA THR A 302 -19.82 -23.28 16.36
C THR A 302 -19.79 -24.49 15.41
N ALA A 303 -20.66 -25.44 15.52
CA ALA A 303 -20.80 -26.49 14.58
C ALA A 303 -21.07 -26.01 13.17
N ILE A 304 -21.94 -25.06 12.98
CA ILE A 304 -22.34 -24.48 11.78
C ILE A 304 -21.21 -23.78 11.09
N GLY A 305 -20.47 -23.04 11.80
CA GLY A 305 -19.18 -22.57 11.35
C GLY A 305 -18.21 -23.62 10.83
N TYR A 306 -18.09 -24.74 11.51
CA TYR A 306 -17.28 -25.82 10.99
C TYR A 306 -17.83 -26.41 9.69
N VAL A 307 -19.15 -26.52 9.60
CA VAL A 307 -19.85 -26.95 8.41
C VAL A 307 -19.54 -26.03 7.23
N SER A 308 -19.50 -24.74 7.45
CA SER A 308 -19.14 -23.81 6.40
C SER A 308 -17.71 -24.03 5.94
N PHE A 309 -16.76 -24.06 6.86
CA PHE A 309 -15.41 -24.42 6.48
C PHE A 309 -15.37 -25.66 5.57
N ALA A 310 -16.08 -26.71 5.94
CA ALA A 310 -16.10 -27.93 5.14
C ALA A 310 -16.83 -27.77 3.83
N LEU A 311 -17.83 -26.93 3.76
CA LEU A 311 -18.36 -26.57 2.46
C LEU A 311 -17.30 -25.93 1.59
N ALA A 312 -16.50 -25.05 2.12
CA ALA A 312 -15.44 -24.47 1.34
C ALA A 312 -14.46 -25.50 0.80
N ILE A 313 -13.89 -26.33 1.63
CA ILE A 313 -12.96 -27.34 1.15
C ILE A 313 -13.61 -28.28 0.13
N VAL A 314 -14.80 -28.81 0.46
CA VAL A 314 -15.40 -29.80 -0.42
C VAL A 314 -15.80 -29.18 -1.74
N GLY A 315 -16.38 -28.00 -1.69
CA GLY A 315 -16.81 -27.36 -2.88
C GLY A 315 -15.65 -26.93 -3.72
N PHE A 316 -14.55 -26.53 -3.10
CA PHE A 316 -13.45 -26.09 -3.91
C PHE A 316 -12.84 -27.21 -4.72
N LEU A 317 -12.72 -28.39 -4.15
CA LEU A 317 -12.00 -29.39 -4.91
C LEU A 317 -12.90 -30.01 -5.98
N ALA A 318 -14.08 -30.38 -5.50
CA ALA A 318 -15.14 -30.93 -6.33
C ALA A 318 -15.48 -30.05 -7.51
N LEU A 319 -15.36 -28.76 -7.42
CA LEU A 319 -15.83 -27.97 -8.50
C LEU A 319 -14.75 -27.21 -9.17
N ARG A 320 -13.51 -27.20 -8.72
CA ARG A 320 -12.38 -26.52 -9.45
C ARG A 320 -12.23 -26.74 -10.94
N ASN A 321 -12.47 -27.90 -11.45
CA ASN A 321 -12.37 -28.22 -12.81
C ASN A 321 -13.63 -28.80 -13.32
N HIS A 322 -14.79 -28.45 -12.91
CA HIS A 322 -16.03 -29.03 -13.36
C HIS A 322 -16.59 -28.25 -14.55
N PRO A 323 -17.22 -28.91 -15.48
CA PRO A 323 -17.73 -28.15 -16.59
C PRO A 323 -18.77 -27.10 -16.31
N SER A 324 -19.44 -27.04 -15.19
CA SER A 324 -20.38 -25.94 -15.01
C SER A 324 -19.69 -24.56 -14.97
N TYR A 325 -18.55 -24.44 -14.28
CA TYR A 325 -17.80 -23.17 -14.28
C TYR A 325 -17.01 -22.92 -15.57
N LEU A 326 -16.44 -23.94 -16.15
CA LEU A 326 -15.66 -23.75 -17.37
C LEU A 326 -16.55 -23.27 -18.51
N MET A 327 -17.80 -23.67 -18.46
CA MET A 327 -18.77 -23.21 -19.40
C MET A 327 -18.93 -21.71 -19.37
N LEU A 328 -18.89 -21.12 -18.17
CA LEU A 328 -18.77 -19.66 -18.12
C LEU A 328 -17.66 -19.07 -18.98
N ASN A 329 -16.49 -19.68 -18.98
CA ASN A 329 -15.44 -19.18 -19.88
C ASN A 329 -15.82 -19.24 -21.35
N ASP A 330 -16.84 -19.98 -21.71
CA ASP A 330 -17.21 -19.89 -23.12
C ASP A 330 -18.29 -18.89 -23.46
N MET A 331 -18.90 -18.22 -22.52
CA MET A 331 -20.03 -17.36 -22.80
C MET A 331 -19.40 -16.00 -23.01
N ASN A 332 -20.02 -14.96 -23.09
CA ASN A 332 -19.08 -13.87 -23.42
C ASN A 332 -19.32 -12.91 -22.27
N VAL A 333 -18.70 -13.21 -21.14
CA VAL A 333 -18.93 -12.57 -19.85
C VAL A 333 -18.31 -11.20 -19.87
N ILE A 334 -19.13 -10.20 -19.63
CA ILE A 334 -18.80 -8.79 -19.66
C ILE A 334 -19.37 -8.17 -18.40
N ILE A 335 -18.51 -7.66 -17.55
CA ILE A 335 -18.89 -7.04 -16.30
C ILE A 335 -18.38 -5.60 -16.29
N TYR A 336 -19.24 -4.64 -15.92
CA TYR A 336 -18.99 -3.20 -16.04
C TYR A 336 -18.20 -2.84 -17.28
N GLY A 337 -18.76 -3.14 -18.42
CA GLY A 337 -18.12 -3.14 -19.69
C GLY A 337 -16.80 -3.87 -19.94
N LYS A 338 -16.31 -4.78 -19.14
CA LYS A 338 -15.01 -5.27 -19.53
C LYS A 338 -14.92 -6.51 -20.42
N LYS A 339 -14.61 -7.64 -19.91
CA LYS A 339 -14.56 -8.98 -20.53
C LYS A 339 -13.65 -9.71 -19.61
N ILE A 340 -14.06 -10.74 -18.95
CA ILE A 340 -13.30 -11.24 -17.84
C ILE A 340 -12.43 -12.36 -18.34
N VAL A 341 -11.22 -12.44 -17.79
CA VAL A 341 -10.29 -13.52 -18.00
C VAL A 341 -10.64 -14.64 -17.05
N ASN A 342 -11.00 -15.78 -17.59
CA ASN A 342 -11.40 -16.94 -16.81
C ASN A 342 -12.48 -16.60 -15.76
N PRO A 343 -13.68 -16.25 -16.19
CA PRO A 343 -14.77 -16.08 -15.23
C PRO A 343 -15.13 -17.33 -14.43
N GLY A 344 -14.95 -18.51 -14.98
CA GLY A 344 -15.23 -19.75 -14.31
C GLY A 344 -14.61 -19.90 -12.97
N ARG A 345 -13.29 -19.81 -12.96
CA ARG A 345 -12.48 -19.82 -11.76
C ARG A 345 -12.71 -18.59 -10.90
N MET A 346 -13.05 -17.45 -11.45
CA MET A 346 -13.35 -16.31 -10.59
C MET A 346 -14.61 -16.54 -9.74
N ILE A 347 -15.69 -17.06 -10.31
CA ILE A 347 -16.92 -17.24 -9.55
C ILE A 347 -16.78 -18.41 -8.60
N HIS A 348 -16.09 -19.46 -9.03
CA HIS A 348 -15.76 -20.57 -8.16
C HIS A 348 -14.97 -20.13 -6.91
N ASN A 349 -13.94 -19.32 -7.06
CA ASN A 349 -13.16 -18.73 -5.97
C ASN A 349 -13.96 -17.84 -5.05
N MET A 350 -14.87 -17.05 -5.61
CA MET A 350 -15.73 -16.23 -4.79
C MET A 350 -16.61 -17.06 -3.86
N ILE A 351 -17.31 -18.04 -4.39
CA ILE A 351 -18.18 -18.91 -3.58
C ILE A 351 -17.41 -19.64 -2.47
N THR A 352 -16.19 -20.15 -2.77
CA THR A 352 -15.49 -20.86 -1.72
C THR A 352 -14.93 -19.87 -0.71
N PHE A 353 -14.47 -18.70 -1.14
CA PHE A 353 -13.95 -17.81 -0.12
C PHE A 353 -15.05 -17.23 0.71
N ASN A 354 -16.26 -17.08 0.20
CA ASN A 354 -17.47 -16.66 0.91
C ASN A 354 -17.76 -17.50 2.12
N HIS A 355 -17.70 -18.79 1.95
CA HIS A 355 -17.87 -19.84 2.85
C HIS A 355 -16.77 -19.93 3.82
N VAL A 356 -15.56 -19.69 3.44
CA VAL A 356 -14.48 -19.60 4.42
C VAL A 356 -14.65 -18.40 5.37
N GLN A 357 -15.11 -17.28 4.92
CA GLN A 357 -15.39 -16.22 5.73
C GLN A 357 -16.43 -16.51 6.72
N VAL A 358 -17.51 -17.10 6.27
CA VAL A 358 -18.63 -17.47 7.13
C VAL A 358 -18.23 -18.50 8.19
N GLY A 359 -17.44 -19.50 7.82
CA GLY A 359 -16.77 -20.42 8.67
C GLY A 359 -16.05 -19.79 9.87
N LEU A 360 -15.06 -19.00 9.62
CA LEU A 360 -14.43 -18.22 10.67
C LEU A 360 -15.41 -17.42 11.54
N LEU A 361 -16.18 -16.52 10.96
CA LEU A 361 -17.10 -15.70 11.73
C LEU A 361 -18.01 -16.52 12.65
N TYR A 362 -18.45 -17.71 12.24
CA TYR A 362 -19.36 -18.43 13.10
C TYR A 362 -18.64 -19.28 14.14
N VAL A 363 -17.43 -19.76 13.89
CA VAL A 363 -16.68 -20.48 14.92
C VAL A 363 -16.28 -19.53 16.05
N ALA A 364 -15.76 -18.36 15.66
CA ALA A 364 -15.40 -17.30 16.59
C ALA A 364 -16.58 -16.81 17.39
N ALA A 365 -17.68 -16.48 16.73
CA ALA A 365 -18.84 -16.03 17.45
C ALA A 365 -19.44 -17.11 18.35
N GLY A 366 -19.57 -18.33 17.86
CA GLY A 366 -20.08 -19.43 18.66
C GLY A 366 -19.32 -19.66 19.93
N VAL A 367 -18.00 -19.54 19.87
CA VAL A 367 -17.20 -19.63 21.08
C VAL A 367 -17.42 -18.43 21.98
N PHE A 368 -17.49 -17.23 21.46
CA PHE A 368 -17.85 -16.08 22.30
C PHE A 368 -19.18 -16.29 23.05
N HIS A 369 -20.23 -16.78 22.37
CA HIS A 369 -21.50 -17.08 23.01
C HIS A 369 -21.42 -18.22 24.04
N GLY A 370 -20.65 -19.25 23.78
CA GLY A 370 -20.10 -20.06 24.83
C GLY A 370 -19.46 -19.49 26.10
N GLY A 371 -18.61 -18.48 25.95
CA GLY A 371 -17.96 -17.79 27.04
C GLY A 371 -18.91 -16.93 27.83
N GLN A 372 -19.95 -16.44 27.18
CA GLN A 372 -21.06 -15.80 27.86
C GLN A 372 -21.88 -16.72 28.72
N TYR A 373 -22.16 -17.93 28.27
CA TYR A 373 -22.86 -18.85 29.16
C TYR A 373 -22.01 -19.25 30.38
N LEU A 374 -20.71 -19.49 30.18
CA LEU A 374 -19.80 -19.81 31.29
C LEU A 374 -19.58 -18.67 32.27
N HIS A 375 -19.41 -17.47 31.76
CA HIS A 375 -19.32 -16.31 32.61
C HIS A 375 -20.54 -16.14 33.47
N GLY A 376 -21.71 -16.33 32.92
CA GLY A 376 -22.87 -16.30 33.76
C GLY A 376 -22.91 -17.40 34.81
N LEU A 377 -22.34 -18.54 34.52
CA LEU A 377 -22.27 -19.56 35.57
C LEU A 377 -21.34 -19.14 36.69
N ASN A 378 -20.25 -18.45 36.37
CA ASN A 378 -19.31 -17.95 37.35
C ASN A 378 -19.89 -16.81 38.17
N ILE A 379 -20.60 -15.90 37.53
CA ILE A 379 -21.24 -14.81 38.24
C ILE A 379 -22.21 -15.33 39.27
N SER A 380 -23.02 -16.28 38.88
CA SER A 380 -24.11 -16.76 39.70
C SER A 380 -23.70 -17.83 40.68
N GLY A 381 -22.41 -18.19 40.74
CA GLY A 381 -21.89 -19.18 41.62
C GLY A 381 -22.09 -20.63 41.22
N ALA A 382 -22.45 -20.91 39.98
CA ALA A 382 -22.89 -22.24 39.63
C ALA A 382 -21.83 -23.02 38.85
N TYR A 383 -20.86 -22.33 38.26
CA TYR A 383 -19.72 -22.98 37.60
C TYR A 383 -19.18 -24.12 38.42
N LYS A 384 -18.87 -23.88 39.66
CA LYS A 384 -18.37 -24.89 40.58
C LYS A 384 -19.31 -26.05 40.79
N GLN A 385 -20.61 -25.89 40.52
CA GLN A 385 -21.58 -26.96 40.70
C GLN A 385 -21.84 -27.79 39.47
N ALA A 386 -21.43 -27.34 38.29
CA ALA A 386 -21.77 -27.96 37.04
C ALA A 386 -21.43 -29.44 37.00
N ARG A 387 -22.28 -30.20 36.37
CA ARG A 387 -22.14 -31.65 36.38
C ARG A 387 -21.71 -32.28 35.08
N SER A 388 -21.78 -31.59 33.98
CA SER A 388 -21.39 -32.20 32.74
C SER A 388 -19.87 -32.27 32.64
N LYS A 389 -19.37 -33.37 32.13
CA LYS A 389 -17.97 -33.47 31.81
C LYS A 389 -17.51 -32.47 30.81
N PHE A 390 -18.36 -31.99 29.96
CA PHE A 390 -17.85 -31.07 28.98
C PHE A 390 -17.52 -29.73 29.59
N ILE A 391 -18.06 -29.40 30.77
CA ILE A 391 -17.53 -28.30 31.53
C ILE A 391 -16.42 -28.74 32.47
N THR A 392 -16.62 -29.78 33.27
CA THR A 392 -15.66 -30.05 34.33
C THR A 392 -14.33 -30.52 33.81
N TRP A 393 -14.24 -31.11 32.63
CA TRP A 393 -12.93 -31.52 32.14
C TRP A 393 -11.95 -30.39 32.04
N PHE A 394 -12.40 -29.15 32.10
CA PHE A 394 -11.55 -28.00 31.81
C PHE A 394 -11.55 -27.03 32.95
N GLN A 395 -11.91 -27.47 34.13
CA GLN A 395 -12.10 -26.54 35.21
C GLN A 395 -10.80 -26.21 35.90
N ASN A 396 -9.83 -27.07 35.80
CA ASN A 396 -8.54 -26.91 36.47
C ASN A 396 -7.67 -25.81 35.85
N PRO A 397 -7.21 -24.81 36.60
CA PRO A 397 -6.42 -23.75 35.95
C PRO A 397 -5.02 -24.14 35.52
N ASP A 398 -4.39 -25.06 36.20
CA ASP A 398 -3.08 -25.58 35.82
C ASP A 398 -3.11 -26.34 34.49
N LEU A 399 -4.14 -27.14 34.27
CA LEU A 399 -4.38 -27.67 32.93
C LEU A 399 -4.69 -26.58 31.90
N GLN A 400 -5.44 -25.54 32.23
CA GLN A 400 -5.68 -24.51 31.23
C GLN A 400 -4.41 -23.81 30.80
N THR A 401 -3.51 -23.49 31.73
CA THR A 401 -2.28 -22.85 31.31
C THR A 401 -1.41 -23.81 30.51
N LYS A 402 -1.43 -25.10 30.80
CA LYS A 402 -0.68 -25.95 29.91
C LYS A 402 -1.32 -26.07 28.54
N ILE A 403 -2.64 -26.16 28.42
CA ILE A 403 -3.24 -26.17 27.08
C ILE A 403 -2.83 -24.92 26.29
N VAL A 404 -2.97 -23.71 26.85
CA VAL A 404 -2.75 -22.47 26.10
C VAL A 404 -1.29 -22.28 25.75
N GLY A 405 -0.42 -22.64 26.68
CA GLY A 405 0.99 -22.43 26.47
C GLY A 405 1.60 -23.38 25.49
N THR A 406 1.15 -24.63 25.49
CA THR A 406 1.64 -25.45 24.41
C THR A 406 0.97 -25.17 23.07
N THR A 407 -0.20 -24.58 23.00
CA THR A 407 -0.52 -24.24 21.64
C THR A 407 0.14 -22.97 21.17
N MET A 408 0.44 -22.03 22.07
CA MET A 408 1.30 -20.92 21.74
C MET A 408 2.65 -21.39 21.23
N PHE A 409 3.27 -22.37 21.86
CA PHE A 409 4.56 -22.85 21.39
C PHE A 409 4.43 -23.46 19.99
N VAL A 410 3.44 -24.29 19.75
CA VAL A 410 3.32 -24.96 18.47
C VAL A 410 3.07 -23.96 17.36
N SER A 411 2.31 -22.94 17.68
CA SER A 411 2.15 -21.81 16.80
C SER A 411 3.48 -21.09 16.53
N PHE A 412 4.23 -20.77 17.58
CA PHE A 412 5.50 -20.10 17.47
C PHE A 412 6.44 -20.82 16.51
N VAL A 413 6.56 -22.11 16.66
CA VAL A 413 7.50 -22.87 15.87
C VAL A 413 7.05 -22.98 14.42
N THR A 414 5.78 -23.21 14.16
CA THR A 414 5.37 -23.31 12.76
C THR A 414 5.37 -21.96 12.06
N VAL A 415 5.10 -20.88 12.74
CA VAL A 415 5.05 -19.59 12.11
C VAL A 415 6.48 -19.09 11.94
N VAL A 416 7.39 -19.39 12.86
CA VAL A 416 8.77 -19.02 12.66
C VAL A 416 9.36 -19.79 11.50
N PHE A 417 9.08 -21.08 11.36
CA PHE A 417 9.55 -21.80 10.22
C PHE A 417 9.03 -21.21 8.89
N GLY A 418 7.71 -21.01 8.73
CA GLY A 418 7.16 -20.44 7.51
C GLY A 418 7.54 -19.03 7.17
N TYR A 419 7.43 -18.14 8.12
CA TYR A 419 7.76 -16.77 7.86
C TYR A 419 9.26 -16.61 7.68
N GLY A 420 10.06 -17.38 8.40
CA GLY A 420 11.49 -17.37 8.19
C GLY A 420 11.91 -17.92 6.85
N MET A 421 11.22 -18.93 6.34
CA MET A 421 11.54 -19.40 5.00
C MET A 421 11.11 -18.47 3.90
N ILE A 422 10.01 -17.77 4.08
CA ILE A 422 9.62 -16.72 3.17
C ILE A 422 10.66 -15.64 3.13
N CYS A 423 11.13 -15.20 4.30
CA CYS A 423 12.12 -14.15 4.33
C CYS A 423 13.41 -14.58 3.67
N TRP A 424 13.86 -15.80 3.92
CA TRP A 424 15.05 -16.34 3.32
C TRP A 424 14.97 -16.30 1.79
N ASN A 425 13.95 -16.90 1.23
CA ASN A 425 13.87 -16.95 -0.22
C ASN A 425 13.54 -15.63 -0.88
N THR A 426 12.96 -14.66 -0.18
CA THR A 426 12.90 -13.34 -0.76
C THR A 426 14.25 -12.65 -0.75
N GLY A 427 15.04 -12.84 0.28
CA GLY A 427 16.44 -12.47 0.21
C GLY A 427 17.17 -13.07 -0.96
N ALA A 428 16.93 -14.35 -1.24
CA ALA A 428 17.61 -15.06 -2.32
C ALA A 428 17.21 -14.52 -3.69
N GLU A 429 15.91 -14.37 -3.92
CA GLU A 429 15.45 -13.81 -5.17
C GLU A 429 15.88 -12.37 -5.37
N LEU A 430 16.18 -11.63 -4.33
CA LEU A 430 16.60 -10.25 -4.54
C LEU A 430 18.11 -10.04 -4.60
N ASP A 431 18.93 -11.05 -4.29
CA ASP A 431 20.42 -11.05 -4.35
C ASP A 431 21.06 -10.14 -3.34
N LEU A 432 20.53 -10.08 -2.13
CA LEU A 432 20.89 -9.05 -1.17
C LEU A 432 22.18 -9.35 -0.43
N ASN A 433 23.06 -8.41 -0.43
CA ASN A 433 24.34 -8.53 0.24
C ASN A 433 24.19 -7.97 1.63
N PHE A 434 24.48 -8.78 2.61
CA PHE A 434 24.44 -8.33 3.99
C PHE A 434 25.82 -8.15 4.58
N GLY A 435 26.83 -8.10 3.80
CA GLY A 435 28.11 -7.97 4.39
C GLY A 435 28.57 -9.31 4.85
N ILE A 436 27.86 -9.90 5.79
CA ILE A 436 28.15 -11.25 6.24
C ILE A 436 27.65 -12.37 5.33
N TYR A 437 26.93 -12.07 4.27
CA TYR A 437 26.39 -13.11 3.41
C TYR A 437 25.92 -12.44 2.14
N GLN A 438 26.16 -13.04 1.02
CA GLN A 438 25.60 -12.65 -0.24
C GLN A 438 24.50 -13.62 -0.59
N PHE A 439 23.26 -13.16 -0.61
CA PHE A 439 22.19 -13.96 -1.19
C PHE A 439 22.35 -14.10 -2.69
N ARG A 440 22.05 -15.27 -3.23
CA ARG A 440 22.16 -15.52 -4.66
C ARG A 440 20.87 -16.12 -5.21
N SER A 441 20.52 -15.68 -6.38
CA SER A 441 19.38 -16.04 -7.21
C SER A 441 19.50 -17.41 -7.92
N PHE A 442 18.39 -17.90 -8.41
CA PHE A 442 18.35 -19.02 -9.35
C PHE A 442 18.60 -18.50 -10.76
N ARG A 443 19.50 -19.11 -11.50
CA ARG A 443 19.65 -18.82 -12.92
C ARG A 443 19.93 -20.12 -13.66
N ALA A 444 19.42 -20.26 -14.85
CA ALA A 444 19.62 -21.46 -15.66
C ALA A 444 20.08 -21.11 -17.06
N ILE A 445 20.77 -22.02 -17.69
CA ILE A 445 21.34 -21.89 -19.01
C ILE A 445 21.20 -23.24 -19.63
N GLN A 446 20.58 -23.31 -20.79
CA GLN A 446 20.31 -24.57 -21.44
C GLN A 446 21.57 -25.17 -22.05
N MET A 447 21.77 -26.45 -21.84
CA MET A 447 22.98 -27.10 -22.24
C MET A 447 22.81 -27.95 -23.46
N ASP A 448 21.61 -28.29 -23.83
CA ASP A 448 21.33 -29.20 -24.91
C ASP A 448 20.70 -28.47 -26.07
N GLY A 449 20.54 -29.18 -27.17
CA GLY A 449 20.08 -28.62 -28.42
C GLY A 449 20.91 -27.44 -28.91
N GLU A 450 20.27 -26.59 -29.68
CA GLU A 450 20.99 -25.49 -30.32
C GLU A 450 21.56 -24.50 -29.32
N ALA A 451 20.81 -24.20 -28.27
CA ALA A 451 21.32 -23.39 -27.18
C ALA A 451 22.68 -23.86 -26.67
N GLY A 452 22.90 -25.14 -26.58
CA GLY A 452 24.16 -25.67 -26.12
C GLY A 452 25.37 -25.37 -26.96
N ASN A 453 25.25 -24.67 -28.07
CA ASN A 453 26.39 -24.27 -28.86
C ASN A 453 26.68 -22.78 -28.75
N ILE A 454 26.04 -22.05 -27.87
CA ILE A 454 26.41 -20.67 -27.59
C ILE A 454 27.60 -20.66 -26.63
N GLY A 455 28.65 -19.89 -26.93
CA GLY A 455 29.82 -19.79 -26.05
C GLY A 455 29.82 -18.64 -25.06
N TYR A 456 30.56 -18.81 -23.96
CA TYR A 456 30.79 -17.80 -22.93
C TYR A 456 32.26 -17.82 -22.55
N ARG A 457 32.73 -16.73 -21.98
CA ARG A 457 34.03 -16.70 -21.31
C ARG A 457 33.92 -17.23 -19.90
N VAL A 458 34.83 -18.07 -19.49
CA VAL A 458 34.73 -18.74 -18.22
C VAL A 458 35.98 -18.49 -17.40
N PHE A 459 35.73 -18.08 -16.16
CA PHE A 459 36.79 -18.04 -15.13
C PHE A 459 36.61 -19.38 -14.45
N ARG A 460 37.62 -20.22 -14.43
CA ARG A 460 37.57 -21.58 -14.02
C ARG A 460 38.57 -21.79 -12.91
N PRO A 461 38.17 -22.25 -11.74
CA PRO A 461 39.13 -22.31 -10.64
C PRO A 461 40.04 -23.51 -10.77
N LYS A 462 41.17 -23.46 -10.13
CA LYS A 462 42.09 -24.55 -10.23
C LYS A 462 41.72 -25.75 -9.45
N ASN A 463 41.41 -25.54 -8.20
CA ASN A 463 41.05 -26.69 -7.37
C ASN A 463 40.26 -26.16 -6.28
N PRO A 464 38.99 -26.13 -6.47
CA PRO A 464 38.01 -25.65 -5.50
C PRO A 464 38.28 -26.08 -4.06
N TRP A 465 38.49 -27.37 -3.85
CA TRP A 465 38.71 -27.97 -2.55
C TRP A 465 39.85 -27.50 -1.72
N ASP A 466 40.85 -26.88 -2.28
CA ASP A 466 41.89 -26.35 -1.47
C ASP A 466 41.87 -24.88 -1.66
N PRO A 467 42.00 -24.17 -0.54
CA PRO A 467 42.18 -22.78 -0.18
C PRO A 467 43.63 -22.50 -0.56
N THR A 468 43.96 -21.24 -0.82
CA THR A 468 45.22 -20.82 -1.51
C THR A 468 44.98 -21.46 -2.90
N ALA A 469 43.80 -21.16 -3.43
CA ALA A 469 43.23 -21.62 -4.62
C ALA A 469 43.73 -20.87 -5.77
N GLY A 470 42.88 -20.11 -6.42
CA GLY A 470 43.27 -19.41 -7.61
C GLY A 470 42.49 -19.99 -8.77
N GLY A 471 42.36 -19.22 -9.81
CA GLY A 471 41.68 -19.59 -10.99
C GLY A 471 42.18 -18.79 -12.11
N ASP A 472 41.69 -19.10 -13.25
CA ASP A 472 42.12 -18.44 -14.41
C ASP A 472 41.13 -18.53 -15.42
N TRP A 473 41.12 -17.57 -16.32
CA TRP A 473 40.22 -17.58 -17.43
C TRP A 473 40.60 -18.69 -18.34
N VAL A 474 39.69 -19.26 -19.06
CA VAL A 474 39.98 -20.38 -19.94
C VAL A 474 40.55 -19.84 -21.24
N LYS A 475 41.68 -20.29 -21.65
CA LYS A 475 42.32 -19.73 -22.80
C LYS A 475 42.56 -20.65 -23.92
N ASN A 476 43.10 -20.14 -24.99
CA ASN A 476 43.56 -20.98 -26.06
C ASN A 476 45.02 -21.28 -25.81
N PRO A 477 45.62 -22.12 -26.64
CA PRO A 477 47.03 -22.48 -26.52
C PRO A 477 47.94 -21.25 -26.78
N ASP A 478 47.53 -20.33 -27.62
CA ASP A 478 48.25 -19.08 -27.85
C ASP A 478 47.99 -18.00 -26.82
N GLY A 479 46.97 -18.16 -25.99
CA GLY A 479 46.73 -17.21 -24.94
C GLY A 479 45.61 -16.22 -24.95
N THR A 480 44.70 -16.41 -25.85
CA THR A 480 43.52 -15.59 -25.96
C THR A 480 42.38 -16.22 -25.19
N ALA A 481 41.41 -15.46 -24.73
CA ALA A 481 40.31 -16.01 -23.96
C ALA A 481 39.38 -16.78 -24.83
N LYS A 482 39.25 -18.05 -24.65
CA LYS A 482 38.48 -18.94 -25.46
C LYS A 482 37.04 -18.93 -24.97
N LEU A 483 36.12 -19.08 -25.90
CA LEU A 483 34.70 -19.16 -25.64
C LEU A 483 34.25 -20.59 -25.39
N VAL A 484 33.66 -20.85 -24.24
CA VAL A 484 33.25 -22.18 -23.82
C VAL A 484 31.80 -22.39 -24.17
N LYS A 485 31.50 -23.46 -24.88
CA LYS A 485 30.14 -23.71 -25.33
C LYS A 485 29.31 -24.24 -24.18
N ALA A 486 28.13 -23.67 -23.95
CA ALA A 486 27.29 -24.10 -22.83
C ALA A 486 27.21 -25.61 -22.65
N ARG A 487 27.13 -26.39 -23.71
CA ARG A 487 27.26 -27.84 -23.57
C ARG A 487 28.50 -28.31 -22.80
N ASN A 488 29.57 -27.53 -22.75
CA ASN A 488 30.79 -27.96 -22.08
C ASN A 488 31.02 -27.32 -20.71
N LEU A 489 30.07 -26.62 -20.13
CA LEU A 489 30.23 -26.10 -18.78
C LEU A 489 30.40 -27.20 -17.72
N GLN A 490 31.10 -26.84 -16.66
CA GLN A 490 31.38 -27.68 -15.50
C GLN A 490 31.00 -27.02 -14.20
N VAL A 491 30.89 -27.81 -13.16
CA VAL A 491 30.59 -27.29 -11.85
C VAL A 491 31.79 -26.53 -11.30
N GLY A 492 31.53 -25.34 -10.81
CA GLY A 492 32.53 -24.41 -10.43
C GLY A 492 32.81 -23.30 -11.42
N ASP A 493 32.46 -23.33 -12.64
CA ASP A 493 32.71 -22.21 -13.56
C ASP A 493 32.02 -20.92 -13.28
N ARG A 494 32.61 -19.80 -13.58
CA ARG A 494 31.96 -18.56 -13.40
C ARG A 494 31.81 -17.79 -14.58
N ILE A 495 30.64 -17.35 -14.84
CA ILE A 495 30.39 -16.58 -15.99
C ILE A 495 30.01 -15.22 -15.46
N LEU A 496 30.51 -14.17 -16.06
CA LEU A 496 30.20 -12.78 -15.74
C LEU A 496 28.72 -12.45 -15.87
N ASN A 497 28.16 -11.76 -14.87
CA ASN A 497 26.71 -11.44 -14.88
C ASN A 497 26.33 -10.57 -16.06
N GLU A 498 27.19 -9.63 -16.43
CA GLU A 498 26.93 -8.67 -17.49
C GLU A 498 26.80 -9.32 -18.86
N GLU A 499 27.61 -10.31 -19.11
CA GLU A 499 27.55 -11.08 -20.33
C GLU A 499 26.35 -12.02 -20.41
N LEU A 500 25.80 -12.47 -19.32
CA LEU A 500 24.49 -13.06 -19.40
C LEU A 500 23.41 -12.05 -19.52
N GLY A 501 23.72 -10.76 -19.56
CA GLY A 501 22.77 -9.69 -19.60
C GLY A 501 21.96 -9.47 -18.37
N ILE A 502 22.53 -9.63 -17.18
CA ILE A 502 21.85 -9.50 -15.91
C ILE A 502 22.35 -8.22 -15.24
N GLY A 503 21.50 -7.24 -15.09
CA GLY A 503 21.64 -6.23 -14.10
C GLY A 503 20.97 -6.74 -12.85
N SER A 504 20.56 -5.87 -12.02
CA SER A 504 19.74 -6.35 -10.92
C SER A 504 20.48 -7.22 -9.92
N SER A 505 21.70 -7.63 -10.14
CA SER A 505 22.52 -8.18 -9.06
C SER A 505 23.86 -7.50 -8.98
N PRO A 506 23.88 -6.18 -8.69
CA PRO A 506 25.12 -5.41 -8.78
C PRO A 506 26.20 -5.71 -7.71
N THR A 507 25.93 -6.41 -6.64
CA THR A 507 26.93 -6.53 -5.58
C THR A 507 27.95 -7.63 -5.84
N TYR A 508 27.74 -8.50 -6.79
CA TYR A 508 28.69 -9.50 -7.16
C TYR A 508 28.72 -9.53 -8.68
N SER A 509 29.63 -10.24 -9.23
CA SER A 509 30.09 -10.21 -10.61
C SER A 509 29.80 -11.46 -11.42
N PHE A 510 29.85 -12.62 -10.84
CA PHE A 510 29.78 -13.89 -11.57
C PHE A 510 28.54 -14.67 -11.23
N THR A 511 28.06 -15.48 -12.16
CA THR A 511 27.15 -16.55 -11.78
C THR A 511 27.94 -17.84 -11.79
N THR A 512 27.66 -18.73 -10.87
CA THR A 512 28.47 -19.93 -10.68
C THR A 512 27.70 -21.14 -11.13
N ILE A 513 28.32 -22.03 -11.86
CA ILE A 513 27.67 -23.26 -12.20
C ILE A 513 27.76 -24.23 -11.02
N GLU A 514 26.62 -24.64 -10.51
CA GLU A 514 26.48 -25.53 -9.38
C GLU A 514 26.03 -26.91 -9.73
N GLU A 515 25.26 -27.08 -10.77
CA GLU A 515 24.85 -28.37 -11.26
C GLU A 515 24.84 -28.27 -12.77
N ILE A 516 25.25 -29.31 -13.46
CA ILE A 516 25.18 -29.37 -14.92
C ILE A 516 24.32 -30.54 -15.37
N ASN A 517 23.78 -30.40 -16.56
CA ASN A 517 22.84 -31.32 -17.22
C ASN A 517 21.62 -31.62 -16.37
N TYR A 518 21.05 -30.61 -15.73
CA TYR A 518 19.96 -30.73 -14.80
C TYR A 518 18.67 -30.84 -15.56
N LYS A 519 17.82 -31.74 -15.17
CA LYS A 519 16.51 -31.88 -15.76
C LYS A 519 15.52 -31.73 -14.65
N PRO A 520 14.63 -30.76 -14.67
CA PRO A 520 13.64 -30.65 -13.60
C PRO A 520 12.89 -31.94 -13.36
N GLU A 521 12.80 -32.36 -12.13
CA GLU A 521 11.73 -33.27 -11.76
C GLU A 521 10.46 -32.47 -11.92
N TRP A 522 9.60 -32.78 -12.83
CA TRP A 522 8.52 -31.82 -13.14
C TRP A 522 8.84 -30.42 -13.67
N GLY A 523 8.93 -30.28 -14.96
CA GLY A 523 9.13 -29.01 -15.59
C GLY A 523 9.39 -29.15 -17.05
N GLN A 524 10.25 -28.43 -17.55
CA GLN A 524 10.53 -28.41 -18.95
C GLN A 524 11.45 -29.58 -19.34
N PRO A 525 11.27 -30.14 -20.47
CA PRO A 525 12.07 -31.30 -20.86
C PRO A 525 13.33 -30.88 -21.61
N LYS A 526 14.23 -30.26 -20.87
CA LYS A 526 15.42 -29.56 -21.29
C LYS A 526 16.52 -29.85 -20.30
N LEU A 527 17.73 -29.56 -20.66
CA LEU A 527 18.91 -29.74 -19.84
C LEU A 527 19.61 -28.43 -19.54
N TYR A 528 19.88 -28.17 -18.29
CA TYR A 528 20.45 -26.90 -17.86
C TYR A 528 21.74 -27.05 -17.10
N ALA A 529 22.56 -26.03 -17.23
CA ALA A 529 23.50 -25.65 -16.19
C ALA A 529 22.81 -24.66 -15.28
N VAL A 530 23.06 -24.73 -13.99
CA VAL A 530 22.29 -23.98 -13.03
C VAL A 530 23.16 -23.33 -11.96
N GLN A 531 22.84 -22.13 -11.47
CA GLN A 531 23.23 -21.60 -10.22
C GLN A 531 22.02 -21.91 -9.25
N TRP A 532 22.16 -22.59 -8.15
CA TRP A 532 21.06 -22.73 -7.19
C TRP A 532 21.07 -21.54 -6.27
N GLY A 533 22.22 -20.94 -6.01
CA GLY A 533 22.48 -19.83 -5.18
C GLY A 533 21.95 -20.10 -3.85
N SER A 534 21.09 -19.27 -3.30
CA SER A 534 20.46 -19.48 -2.06
C SER A 534 19.07 -20.01 -2.13
N TRP A 535 18.42 -20.04 -3.27
CA TRP A 535 17.09 -20.56 -3.59
C TRP A 535 16.76 -21.98 -3.18
N THR A 536 16.06 -22.15 -2.14
CA THR A 536 15.70 -23.45 -1.61
C THR A 536 14.62 -24.29 -2.33
N HIS A 537 14.86 -24.83 -3.49
CA HIS A 537 13.95 -25.67 -4.26
C HIS A 537 13.63 -26.99 -3.55
N PHE A 538 14.51 -27.49 -2.71
CA PHE A 538 14.20 -28.64 -1.89
C PHE A 538 13.05 -28.45 -0.90
N LEU A 539 12.67 -27.22 -0.55
CA LEU A 539 11.66 -26.94 0.45
C LEU A 539 10.25 -27.38 0.01
N ARG A 540 10.08 -27.71 -1.25
CA ARG A 540 8.78 -28.20 -1.71
C ARG A 540 8.46 -29.58 -1.11
N LYS A 541 9.42 -30.25 -0.61
CA LYS A 541 9.46 -31.62 -0.15
C LYS A 541 9.32 -31.75 1.31
N VAL A 542 9.07 -30.62 1.91
CA VAL A 542 9.05 -30.44 3.35
C VAL A 542 7.60 -30.14 3.62
N ASN A 543 6.77 -30.96 3.14
CA ASN A 543 5.34 -30.87 2.92
C ASN A 543 4.87 -32.31 2.89
N PRO A 544 4.04 -32.73 3.84
CA PRO A 544 3.55 -34.10 3.84
C PRO A 544 2.65 -34.40 2.68
N LEU A 545 1.95 -33.39 2.22
CA LEU A 545 1.08 -33.41 1.08
C LEU A 545 1.76 -33.49 -0.27
N PHE A 546 3.03 -33.07 -0.40
CA PHE A 546 3.83 -33.42 -1.58
C PHE A 546 3.90 -34.91 -1.74
N TRP A 547 4.26 -35.60 -0.68
CA TRP A 547 4.56 -37.03 -0.75
C TRP A 547 3.32 -37.87 -0.92
N VAL A 548 2.22 -37.50 -0.30
CA VAL A 548 1.03 -38.28 -0.44
C VAL A 548 0.47 -38.13 -1.83
N ASP A 549 0.42 -36.89 -2.32
CA ASP A 549 -0.02 -36.58 -3.66
C ASP A 549 0.79 -37.29 -4.70
N LYS A 550 2.11 -37.23 -4.60
CA LYS A 550 2.98 -37.81 -5.59
C LYS A 550 3.04 -39.32 -5.46
N GLY A 551 2.83 -39.87 -4.29
CA GLY A 551 2.80 -41.32 -4.17
C GLY A 551 1.58 -41.95 -4.79
N ILE A 552 0.41 -41.48 -4.47
CA ILE A 552 -0.82 -41.98 -5.04
C ILE A 552 -0.74 -41.82 -6.55
N TRP A 553 -0.33 -40.65 -6.97
CA TRP A 553 -0.16 -40.42 -8.33
C TRP A 553 0.84 -41.31 -8.99
N TYR A 554 1.98 -41.60 -8.43
CA TYR A 554 2.88 -42.53 -9.04
C TYR A 554 2.20 -43.90 -9.13
N LEU A 555 1.58 -44.40 -8.11
CA LEU A 555 0.94 -45.71 -8.13
C LEU A 555 -0.11 -45.82 -9.20
N GLN A 556 -0.73 -44.74 -9.59
CA GLN A 556 -1.80 -44.81 -10.55
C GLN A 556 -1.30 -44.69 -11.97
N ASN A 557 -0.08 -44.30 -12.19
CA ASN A 557 0.46 -43.91 -13.47
C ASN A 557 1.81 -44.55 -13.70
N GLN A 558 2.03 -45.72 -13.12
CA GLN A 558 3.37 -46.19 -12.88
C GLN A 558 4.05 -46.67 -14.16
N LYS A 559 3.28 -47.09 -15.13
CA LYS A 559 3.86 -47.55 -16.39
C LYS A 559 4.29 -46.42 -17.26
N THR A 560 3.49 -45.40 -17.39
CA THR A 560 3.99 -44.30 -18.16
C THR A 560 5.05 -43.55 -17.42
N PHE A 561 5.06 -43.54 -16.09
CA PHE A 561 6.18 -42.97 -15.35
C PHE A 561 7.47 -43.68 -15.59
N GLU A 562 7.45 -44.99 -15.59
CA GLU A 562 8.59 -45.82 -15.90
C GLU A 562 9.10 -45.66 -17.33
N ALA A 563 8.22 -45.56 -18.31
CA ALA A 563 8.64 -45.35 -19.68
C ALA A 563 9.18 -43.95 -19.91
N THR A 564 8.64 -42.94 -19.23
CA THR A 564 9.18 -41.62 -19.25
C THR A 564 10.59 -41.59 -18.69
N ARG A 565 10.80 -42.20 -17.53
CA ARG A 565 12.11 -42.23 -16.92
C ARG A 565 13.11 -42.84 -17.87
N LYS A 566 12.72 -43.91 -18.53
CA LYS A 566 13.65 -44.61 -19.37
C LYS A 566 13.98 -43.86 -20.66
N ALA A 567 13.04 -43.03 -21.12
CA ALA A 567 13.20 -42.20 -22.32
C ALA A 567 14.09 -41.00 -22.05
N ASP A 568 13.99 -40.45 -20.85
CA ASP A 568 14.93 -39.45 -20.34
C ASP A 568 16.36 -39.99 -20.26
N GLU A 569 16.51 -41.19 -19.75
CA GLU A 569 17.82 -41.76 -19.61
C GLU A 569 18.45 -42.02 -20.96
N ALA A 570 17.67 -42.50 -21.94
CA ALA A 570 18.21 -42.68 -23.27
C ALA A 570 18.55 -41.35 -23.93
N TYR A 571 17.77 -40.32 -23.74
CA TYR A 571 18.12 -39.06 -24.33
C TYR A 571 19.37 -38.46 -23.72
N LEU A 572 19.54 -38.55 -22.40
CA LEU A 572 20.75 -38.04 -21.83
C LEU A 572 21.98 -38.75 -22.41
N ALA A 573 21.98 -40.07 -22.54
CA ALA A 573 23.13 -40.73 -23.12
C ALA A 573 23.38 -40.25 -24.55
N ALA A 574 22.32 -40.05 -25.33
CA ALA A 574 22.51 -39.64 -26.70
C ALA A 574 23.01 -38.21 -26.81
N HIS A 575 22.55 -37.33 -25.93
CA HIS A 575 23.06 -35.98 -25.92
C HIS A 575 24.52 -35.94 -25.52
N LEU A 576 24.92 -36.79 -24.58
CA LEU A 576 26.29 -36.82 -24.12
C LEU A 576 27.22 -37.26 -25.22
N LYS A 577 26.80 -38.22 -26.02
CA LYS A 577 27.62 -38.66 -27.14
C LYS A 577 27.63 -37.66 -28.29
N ALA A 578 26.53 -36.97 -28.51
CA ALA A 578 26.59 -35.86 -29.44
C ALA A 578 27.60 -34.82 -29.02
N VAL A 579 27.72 -34.55 -27.72
CA VAL A 579 28.63 -33.51 -27.30
C VAL A 579 30.06 -33.95 -27.50
N SER A 580 30.36 -35.21 -27.24
CA SER A 580 31.64 -35.74 -27.66
C SER A 580 31.94 -35.50 -29.13
N LEU A 581 31.00 -35.82 -30.01
CA LEU A 581 31.27 -35.72 -31.44
C LEU A 581 31.44 -34.26 -31.85
N LEU A 582 30.59 -33.38 -31.36
CA LEU A 582 30.75 -31.96 -31.65
C LEU A 582 32.09 -31.40 -31.19
N ASN A 583 32.53 -31.80 -30.02
CA ASN A 583 33.85 -31.43 -29.50
C ASN A 583 34.99 -31.97 -30.35
N GLN A 584 34.92 -33.21 -30.84
CA GLN A 584 35.97 -33.68 -31.72
C GLN A 584 36.05 -32.84 -32.98
N ILE A 585 34.91 -32.49 -33.49
CA ILE A 585 34.87 -31.58 -34.61
C ILE A 585 35.63 -30.32 -34.25
N ASP A 586 35.18 -29.62 -33.20
CA ASP A 586 35.74 -28.30 -32.85
C ASP A 586 37.22 -28.33 -32.54
N ASP A 587 37.72 -29.41 -31.95
CA ASP A 587 39.12 -29.60 -31.68
C ASP A 587 39.80 -30.45 -32.73
N ALA A 588 39.40 -30.38 -34.01
CA ALA A 588 40.07 -31.19 -35.03
C ALA A 588 41.53 -30.79 -35.25
N GLN A 589 41.78 -29.59 -35.78
CA GLN A 589 43.07 -29.14 -36.34
C GLN A 589 43.51 -29.68 -37.71
N THR A 590 42.87 -30.69 -38.27
CA THR A 590 43.23 -31.10 -39.63
C THR A 590 41.99 -31.14 -40.50
N GLU A 591 41.98 -30.34 -41.54
CA GLU A 591 40.84 -30.29 -42.44
C GLU A 591 40.35 -31.70 -42.78
N GLU A 592 41.25 -32.67 -42.84
CA GLU A 592 40.80 -34.06 -42.93
C GLU A 592 40.15 -34.54 -41.65
N ALA A 593 40.78 -34.28 -40.50
CA ALA A 593 40.24 -34.79 -39.24
C ALA A 593 38.92 -34.11 -38.90
N LYS A 594 38.81 -32.85 -39.26
CA LYS A 594 37.55 -32.14 -39.20
C LYS A 594 36.51 -32.82 -40.03
N GLN A 595 36.86 -33.13 -41.27
CA GLN A 595 35.87 -33.61 -42.20
C GLN A 595 35.37 -34.98 -41.79
N LYS A 596 36.27 -35.82 -41.32
CA LYS A 596 35.85 -37.12 -40.85
C LYS A 596 35.02 -37.04 -39.58
N ALA A 597 35.34 -36.13 -38.67
CA ALA A 597 34.50 -36.00 -37.48
C ALA A 597 33.10 -35.54 -37.85
N GLN A 598 33.05 -34.63 -38.77
CA GLN A 598 31.80 -34.12 -39.20
C GLN A 598 31.01 -35.17 -39.86
N ALA A 599 31.65 -36.19 -40.35
CA ALA A 599 30.97 -37.21 -41.01
C ALA A 599 30.36 -38.06 -40.01
N GLU A 600 30.96 -38.27 -38.87
CA GLU A 600 30.38 -39.14 -37.91
C GLU A 600 29.31 -38.52 -37.02
N LEU A 601 29.24 -37.22 -36.90
CA LEU A 601 28.15 -36.63 -36.17
C LEU A 601 27.00 -36.64 -37.17
N ASP A 602 27.26 -36.47 -38.45
CA ASP A 602 26.18 -36.55 -39.43
C ASP A 602 25.47 -37.86 -39.50
N LYS A 603 26.16 -38.93 -39.25
CA LYS A 603 25.53 -40.18 -39.23
C LYS A 603 25.08 -40.58 -37.84
N PHE A 604 25.20 -39.70 -36.87
CA PHE A 604 24.64 -39.98 -35.58
C PHE A 604 23.53 -39.00 -35.38
N ARG A 605 23.37 -37.95 -36.16
CA ARG A 605 22.28 -37.00 -35.99
C ARG A 605 20.94 -37.70 -35.98
N PRO A 606 20.66 -38.49 -36.99
CA PRO A 606 19.44 -39.25 -36.88
C PRO A 606 19.68 -40.29 -35.81
N GLU A 607 18.72 -40.45 -34.93
CA GLU A 607 18.87 -41.12 -33.64
C GLU A 607 19.35 -40.26 -32.46
N LEU A 608 19.88 -39.09 -32.68
CA LEU A 608 19.73 -38.09 -31.64
C LEU A 608 18.39 -37.43 -31.79
N GLU A 609 18.00 -37.18 -33.03
CA GLU A 609 16.66 -36.68 -33.32
C GLU A 609 15.62 -37.60 -32.74
N LYS A 610 15.82 -38.91 -32.89
CA LYS A 610 14.86 -39.89 -32.46
C LYS A 610 14.77 -39.99 -30.96
N ALA A 611 15.89 -39.92 -30.27
CA ALA A 611 15.88 -39.94 -28.83
C ALA A 611 15.20 -38.69 -28.26
N HIS A 612 15.35 -37.56 -28.92
CA HIS A 612 14.67 -36.34 -28.48
C HIS A 612 13.17 -36.36 -28.76
N ALA A 613 12.75 -36.79 -29.93
CA ALA A 613 11.33 -36.99 -30.16
C ALA A 613 10.73 -37.95 -29.14
N ASN A 614 11.39 -39.06 -28.88
CA ASN A 614 10.85 -40.02 -27.92
C ASN A 614 10.71 -39.47 -26.53
N MET A 615 11.65 -38.68 -26.10
CA MET A 615 11.61 -38.11 -24.80
C MET A 615 10.52 -37.07 -24.68
N LEU A 616 10.43 -36.16 -25.64
CA LEU A 616 9.37 -35.16 -25.71
C LEU A 616 7.98 -35.78 -25.68
N GLU A 617 7.76 -36.83 -26.42
CA GLU A 617 6.42 -37.36 -26.45
C GLU A 617 6.09 -38.12 -25.17
N TRP A 618 7.07 -38.79 -24.56
CA TRP A 618 6.75 -39.44 -23.29
C TRP A 618 6.53 -38.43 -22.19
N ASN A 619 7.23 -37.32 -22.22
CA ASN A 619 7.01 -36.30 -21.21
C ASN A 619 5.65 -35.64 -21.37
N GLU A 620 5.23 -35.40 -22.61
CA GLU A 620 3.87 -34.89 -22.85
C GLU A 620 2.80 -35.84 -22.32
N ARG A 621 2.90 -37.13 -22.61
CA ARG A 621 1.96 -38.09 -22.03
C ARG A 621 1.93 -38.05 -20.52
N LEU A 622 3.10 -38.14 -19.86
CA LEU A 622 3.11 -38.14 -18.42
C LEU A 622 2.47 -36.91 -17.82
N ALA A 623 2.60 -35.77 -18.43
CA ALA A 623 2.01 -34.60 -17.90
C ALA A 623 0.51 -34.39 -18.20
N SER A 624 -0.18 -35.38 -18.69
CA SER A 624 -1.55 -35.43 -19.01
C SER A 624 -2.24 -36.43 -18.21
N THR A 625 -1.65 -36.95 -17.18
CA THR A 625 -2.27 -37.87 -16.35
C THR A 625 -3.17 -37.10 -15.36
N PRO A 626 -4.28 -37.70 -14.92
CA PRO A 626 -5.15 -37.08 -13.93
C PRO A 626 -4.61 -36.69 -12.57
N ALA A 627 -5.08 -35.59 -12.09
CA ALA A 627 -4.69 -35.10 -10.81
C ALA A 627 -5.27 -35.89 -9.63
N VAL A 628 -4.51 -35.93 -8.55
CA VAL A 628 -4.93 -36.41 -7.24
C VAL A 628 -5.25 -35.24 -6.33
N LEU A 629 -4.30 -34.53 -5.77
CA LEU A 629 -4.58 -33.38 -4.95
C LEU A 629 -4.16 -32.08 -5.63
N TYR A 630 -2.94 -31.98 -6.01
CA TYR A 630 -2.43 -30.83 -6.69
C TYR A 630 -2.70 -30.89 -8.19
N SER A 631 -3.43 -29.94 -8.70
CA SER A 631 -3.81 -29.86 -10.04
C SER A 631 -3.46 -28.60 -10.75
N ASN A 632 -3.45 -28.71 -12.05
CA ASN A 632 -3.43 -27.72 -13.18
C ASN A 632 -4.77 -27.01 -13.37
N LEU A 633 -4.89 -26.15 -14.35
CA LEU A 633 -6.16 -25.51 -14.71
C LEU A 633 -6.96 -26.32 -15.58
N ARG A 634 -6.45 -27.43 -16.07
CA ARG A 634 -7.00 -28.53 -16.82
C ARG A 634 -7.33 -29.48 -15.71
N ASP A 635 -7.13 -30.77 -15.77
CA ASP A 635 -7.26 -31.39 -14.46
C ASP A 635 -6.14 -32.41 -14.31
N GLN A 636 -4.97 -31.93 -14.55
CA GLN A 636 -3.81 -32.77 -14.75
C GLN A 636 -2.89 -32.62 -13.56
N HIS A 637 -2.06 -33.60 -13.32
CA HIS A 637 -1.08 -33.53 -12.25
C HIS A 637 -0.19 -32.33 -12.34
N ARG A 638 0.03 -31.68 -11.25
CA ARG A 638 1.26 -30.91 -11.11
C ARG A 638 2.01 -31.40 -9.90
N ASP A 639 3.32 -31.32 -9.91
CA ASP A 639 4.04 -31.55 -8.66
C ASP A 639 3.85 -30.41 -7.69
N GLY A 640 3.91 -30.74 -6.42
CA GLY A 640 3.91 -29.74 -5.40
C GLY A 640 5.10 -28.79 -5.51
N GLU A 641 4.90 -27.61 -5.06
CA GLU A 641 5.79 -26.48 -5.20
C GLU A 641 6.18 -25.98 -3.83
N ILE A 642 7.15 -25.11 -3.76
CA ILE A 642 7.44 -24.33 -2.57
C ILE A 642 6.17 -23.61 -2.06
N ASN A 643 5.42 -22.93 -2.95
CA ASN A 643 4.06 -22.45 -2.65
C ASN A 643 3.17 -23.42 -1.84
N ASP A 644 3.05 -24.67 -2.25
CA ASP A 644 2.18 -25.60 -1.54
C ASP A 644 2.73 -25.99 -0.17
N ALA A 645 4.04 -26.19 -0.04
CA ALA A 645 4.63 -26.42 1.27
C ALA A 645 4.44 -25.23 2.21
N ILE A 646 4.62 -24.02 1.73
CA ILE A 646 4.51 -22.90 2.65
C ILE A 646 3.09 -22.75 3.10
N PHE A 647 2.11 -22.93 2.20
CA PHE A 647 0.70 -22.94 2.53
C PHE A 647 0.36 -23.96 3.61
N PHE A 648 0.92 -25.11 3.52
CA PHE A 648 0.75 -26.11 4.48
C PHE A 648 1.26 -25.71 5.89
N TRP A 649 2.42 -25.15 6.02
CA TRP A 649 2.95 -24.75 7.29
C TRP A 649 2.17 -23.53 7.79
N LEU A 650 1.67 -22.70 6.98
CA LEU A 650 1.00 -21.54 7.31
C LEU A 650 -0.36 -21.81 7.75
N MET A 651 -1.01 -22.88 7.31
CA MET A 651 -2.32 -23.19 7.79
C MET A 651 -2.26 -23.70 9.21
N ILE A 652 -1.32 -24.58 9.50
CA ILE A 652 -1.13 -25.00 10.88
C ILE A 652 -0.83 -23.82 11.80
N GLY A 653 0.23 -23.10 11.53
CA GLY A 653 0.64 -22.06 12.45
C GLY A 653 -0.29 -20.87 12.53
N GLY A 654 -0.92 -20.50 11.43
CA GLY A 654 -1.69 -19.29 11.40
C GLY A 654 -3.08 -19.47 11.93
N TRP A 655 -3.66 -20.65 11.76
CA TRP A 655 -4.89 -20.89 12.45
C TRP A 655 -4.69 -21.05 13.95
N LEU A 656 -3.53 -21.52 14.41
CA LEU A 656 -3.38 -21.48 15.86
C LEU A 656 -3.23 -20.05 16.37
N PHE A 657 -2.50 -19.21 15.65
CA PHE A 657 -2.40 -17.81 15.99
C PHE A 657 -3.77 -17.18 16.10
N GLY A 658 -4.66 -17.48 15.15
CA GLY A 658 -5.99 -16.93 15.19
C GLY A 658 -6.90 -17.49 16.27
N PHE A 659 -6.70 -18.72 16.69
CA PHE A 659 -7.64 -19.41 17.56
C PHE A 659 -7.22 -19.44 19.00
N ILE A 660 -6.00 -19.05 19.32
CA ILE A 660 -5.60 -18.91 20.71
C ILE A 660 -6.51 -17.98 21.52
N PRO A 661 -6.89 -16.78 21.08
CA PRO A 661 -7.95 -16.03 21.80
C PRO A 661 -9.30 -16.77 22.04
N LEU A 662 -9.64 -17.80 21.27
CA LEU A 662 -10.87 -18.54 21.53
C LEU A 662 -10.71 -19.46 22.73
N LEU A 663 -9.54 -20.04 22.89
CA LEU A 663 -9.14 -20.79 24.05
C LEU A 663 -9.11 -19.93 25.29
N ARG A 664 -8.62 -18.71 25.16
CA ARG A 664 -8.65 -17.75 26.25
C ARG A 664 -10.08 -17.37 26.62
N ILE A 665 -10.97 -17.18 25.65
CA ILE A 665 -12.39 -17.01 25.95
C ILE A 665 -12.91 -18.20 26.73
N ALA A 666 -12.56 -19.40 26.32
CA ALA A 666 -13.07 -20.60 26.95
C ALA A 666 -12.55 -20.78 28.37
N PHE A 667 -11.33 -20.41 28.67
CA PHE A 667 -10.77 -20.69 29.98
C PHE A 667 -10.80 -19.52 30.91
N HIS A 668 -10.65 -18.33 30.40
CA HIS A 668 -10.31 -17.19 31.21
C HIS A 668 -11.35 -16.12 31.10
N ASN A 669 -12.58 -16.48 30.85
CA ASN A 669 -13.66 -15.50 30.82
C ASN A 669 -13.89 -14.80 32.16
N TYR A 670 -13.46 -15.39 33.25
CA TYR A 670 -13.72 -14.93 34.60
C TYR A 670 -12.43 -14.63 35.35
N GLN A 671 -11.48 -15.53 35.29
CA GLN A 671 -10.17 -15.38 35.90
C GLN A 671 -9.12 -15.96 34.98
N SER A 672 -8.08 -15.26 34.73
CA SER A 672 -6.94 -15.84 34.08
C SER A 672 -5.81 -15.92 35.13
N PRO A 673 -4.67 -16.55 34.80
CA PRO A 673 -3.58 -16.51 35.76
C PRO A 673 -3.05 -15.10 36.16
N TRP A 674 -3.05 -14.12 35.27
CA TRP A 674 -2.73 -12.77 35.65
C TRP A 674 -3.70 -12.30 36.69
N TYR A 675 -4.98 -12.32 36.41
CA TYR A 675 -6.05 -11.99 37.36
C TYR A 675 -6.10 -12.66 38.66
N ARG A 676 -5.88 -13.93 38.71
CA ARG A 676 -6.00 -14.74 39.89
C ARG A 676 -4.91 -14.39 40.89
N ASP A 677 -3.76 -14.02 40.37
CA ASP A 677 -2.60 -13.64 41.14
C ASP A 677 -2.82 -12.35 41.90
N PHE A 678 -3.58 -11.43 41.36
CA PHE A 678 -3.95 -10.17 41.99
C PHE A 678 -5.27 -10.22 42.73
N GLU A 679 -5.98 -11.34 42.60
CA GLU A 679 -7.34 -11.57 43.03
C GLU A 679 -8.35 -10.66 42.37
N TRP A 680 -8.50 -10.77 41.06
CA TRP A 680 -9.35 -9.85 40.41
C TRP A 680 -10.74 -10.15 39.92
N ARG A 681 -11.02 -11.17 39.12
CA ARG A 681 -12.38 -11.42 38.53
C ARG A 681 -12.99 -10.46 37.51
N LYS A 682 -13.33 -10.93 36.35
CA LYS A 682 -13.90 -10.14 35.32
C LYS A 682 -15.39 -10.07 35.58
N GLN A 683 -15.88 -8.89 35.89
CA GLN A 683 -17.22 -8.63 36.24
C GLN A 683 -18.31 -8.61 35.17
N SER A 684 -17.94 -8.40 33.96
CA SER A 684 -18.81 -8.50 32.88
C SER A 684 -18.09 -9.17 31.72
N PRO A 685 -18.81 -9.51 30.70
CA PRO A 685 -18.13 -9.98 29.52
C PRO A 685 -17.67 -8.90 28.56
N ASP A 686 -17.80 -7.63 28.85
CA ASP A 686 -17.39 -6.70 27.85
C ASP A 686 -16.73 -5.44 28.35
N PHE A 687 -16.26 -5.38 29.55
CA PHE A 687 -15.62 -4.17 30.03
C PHE A 687 -14.35 -3.90 29.22
N PRO A 688 -13.98 -2.63 29.00
CA PRO A 688 -12.78 -2.32 28.22
C PRO A 688 -11.47 -2.47 28.95
N CYS A 689 -11.44 -2.37 30.24
CA CYS A 689 -10.25 -2.27 31.12
C CYS A 689 -10.76 -1.97 32.48
N ILE A 690 -9.82 -1.83 33.35
CA ILE A 690 -10.01 -1.39 34.68
C ILE A 690 -8.96 -0.37 35.02
N GLY A 691 -8.51 0.32 34.03
CA GLY A 691 -7.53 1.28 34.21
C GLY A 691 -6.03 1.07 34.17
N PRO A 692 -5.33 2.11 34.54
CA PRO A 692 -3.91 2.12 34.48
C PRO A 692 -3.16 1.27 35.50
N VAL A 693 -3.79 0.58 36.43
CA VAL A 693 -3.06 -0.14 37.46
C VAL A 693 -2.31 -1.24 36.90
N LYS A 694 -1.18 -1.58 37.50
CA LYS A 694 -0.25 -2.62 37.09
C LYS A 694 0.36 -2.50 35.74
N GLY A 695 0.43 -1.30 35.21
CA GLY A 695 0.96 -1.08 33.92
C GLY A 695 -0.09 -0.74 32.93
N GLY A 696 -1.28 -1.29 33.04
CA GLY A 696 -2.35 -1.01 32.09
C GLY A 696 -3.18 -2.23 31.90
N THR A 697 -4.49 -2.17 31.78
CA THR A 697 -5.21 -3.42 31.69
C THR A 697 -6.25 -3.45 30.60
N CYS A 698 -6.01 -2.84 29.45
CA CYS A 698 -6.98 -2.84 28.43
C CYS A 698 -7.05 -4.15 27.78
N GLY A 699 -8.19 -4.56 27.32
CA GLY A 699 -8.27 -5.74 26.52
C GLY A 699 -8.31 -7.16 26.97
N VAL A 700 -8.55 -7.39 28.22
CA VAL A 700 -8.69 -8.67 28.90
C VAL A 700 -10.09 -9.29 28.75
N SER A 701 -11.15 -8.55 28.47
CA SER A 701 -12.49 -9.17 28.52
C SER A 701 -12.73 -10.13 27.37
N ILE A 702 -13.77 -10.93 27.44
CA ILE A 702 -14.12 -11.85 26.37
C ILE A 702 -14.63 -11.19 25.13
N GLN A 703 -15.38 -10.10 25.14
CA GLN A 703 -15.65 -9.34 23.92
C GLN A 703 -14.38 -8.83 23.22
N ASP A 704 -13.40 -8.39 23.98
CA ASP A 704 -12.16 -7.95 23.37
C ASP A 704 -11.34 -9.10 22.79
N GLN A 705 -11.30 -10.22 23.50
CA GLN A 705 -10.68 -11.43 23.01
C GLN A 705 -11.33 -11.90 21.73
N LEU A 706 -12.66 -11.76 21.62
CA LEU A 706 -13.36 -11.96 20.35
C LEU A 706 -12.81 -11.10 19.21
N TRP A 707 -12.71 -9.77 19.40
CA TRP A 707 -12.09 -8.90 18.40
C TRP A 707 -10.65 -9.27 18.05
N PHE A 708 -9.87 -9.72 19.00
CA PHE A 708 -8.53 -10.12 18.67
C PHE A 708 -8.52 -11.37 17.82
N CYS A 709 -9.35 -12.36 18.13
CA CYS A 709 -9.37 -13.52 17.26
C CYS A 709 -9.64 -13.08 15.84
N ILE A 710 -10.56 -12.17 15.63
CA ILE A 710 -10.94 -11.83 14.28
C ILE A 710 -9.80 -11.12 13.55
N LEU A 711 -9.12 -10.22 14.23
CA LEU A 711 -8.05 -9.56 13.52
C LEU A 711 -6.91 -10.51 13.17
N PHE A 712 -6.54 -11.32 14.13
CA PHE A 712 -5.47 -12.27 13.94
C PHE A 712 -5.78 -13.25 12.82
N SER A 713 -7.04 -13.62 12.68
CA SER A 713 -7.48 -14.51 11.64
C SER A 713 -7.51 -13.89 10.28
N ILE A 714 -7.60 -12.59 10.20
CA ILE A 714 -7.36 -11.92 8.93
C ILE A 714 -6.12 -12.49 8.25
N LYS A 715 -5.07 -12.76 9.01
CA LYS A 715 -3.87 -13.38 8.40
C LYS A 715 -3.95 -14.79 7.74
N PRO A 716 -4.43 -15.86 8.38
CA PRO A 716 -4.67 -17.08 7.59
C PRO A 716 -5.72 -16.89 6.48
N LEU A 717 -6.60 -15.92 6.61
CA LEU A 717 -7.65 -15.73 5.62
C LEU A 717 -7.14 -15.05 4.36
N SER A 718 -6.18 -14.15 4.49
CA SER A 718 -5.47 -13.58 3.36
C SER A 718 -4.51 -14.55 2.72
N ALA A 719 -3.86 -15.40 3.50
CA ALA A 719 -3.08 -16.44 2.86
C ALA A 719 -3.98 -17.35 1.99
N ILE A 720 -5.13 -17.76 2.49
CA ILE A 720 -6.09 -18.46 1.64
C ILE A 720 -6.50 -17.63 0.41
N ALA A 721 -6.76 -16.32 0.52
CA ALA A 721 -7.23 -15.60 -0.64
C ALA A 721 -6.18 -15.52 -1.75
N TRP A 722 -4.93 -15.24 -1.35
CA TRP A 722 -3.78 -15.15 -2.22
C TRP A 722 -3.51 -16.47 -2.93
N TYR A 723 -3.66 -17.58 -2.21
CA TYR A 723 -3.48 -18.92 -2.76
C TYR A 723 -4.58 -19.31 -3.73
N LEU A 724 -5.79 -19.01 -3.44
CA LEU A 724 -6.88 -19.30 -4.31
C LEU A 724 -6.76 -18.59 -5.59
N ASP A 725 -6.44 -17.35 -5.58
CA ASP A 725 -6.32 -16.54 -6.68
C ASP A 725 -5.05 -16.55 -7.54
N GLY A 726 -4.10 -17.37 -7.24
CA GLY A 726 -2.96 -17.52 -7.99
C GLY A 726 -1.76 -16.78 -7.57
N GLY A 727 -1.71 -16.19 -6.43
CA GLY A 727 -0.48 -15.67 -5.93
C GLY A 727 0.64 -16.64 -5.42
N TRP A 728 1.90 -16.26 -5.38
CA TRP A 728 2.99 -17.04 -4.86
C TRP A 728 3.11 -16.61 -3.40
N ILE A 729 3.08 -17.52 -2.51
CA ILE A 729 3.06 -17.11 -1.13
C ILE A 729 4.36 -17.36 -0.43
N ALA A 730 5.27 -18.05 -1.09
CA ALA A 730 6.52 -18.57 -0.61
C ALA A 730 7.61 -17.50 -0.58
N THR A 731 7.48 -16.40 -1.29
CA THR A 731 8.34 -15.21 -1.17
C THR A 731 7.49 -13.96 -1.19
N MET A 732 8.10 -12.83 -1.05
CA MET A 732 7.48 -11.55 -1.16
C MET A 732 7.63 -10.86 -2.51
N MET A 733 8.61 -11.18 -3.26
CA MET A 733 8.92 -10.41 -4.42
C MET A 733 8.92 -11.14 -5.68
N ALA A 734 8.55 -12.39 -5.70
CA ALA A 734 8.53 -13.15 -6.91
C ALA A 734 7.81 -12.58 -8.17
N ARG A 735 8.36 -12.60 -9.33
CA ARG A 735 7.62 -12.22 -10.54
C ARG A 735 7.22 -13.46 -11.32
N GLY A 736 6.11 -13.49 -12.01
CA GLY A 736 5.78 -14.62 -12.88
C GLY A 736 6.80 -14.94 -13.97
N ASN A 737 7.26 -13.95 -14.68
CA ASN A 737 8.21 -14.16 -15.77
C ASN A 737 9.61 -14.15 -15.22
N GLU A 738 10.04 -15.30 -14.72
CA GLU A 738 11.45 -15.46 -14.46
C GLU A 738 11.82 -16.92 -14.59
N ALA A 739 13.13 -17.14 -14.68
CA ALA A 739 13.72 -18.39 -15.09
C ALA A 739 13.31 -19.58 -14.23
N TYR A 740 13.32 -19.46 -12.89
CA TYR A 740 12.87 -20.58 -12.04
C TYR A 740 11.49 -21.06 -12.40
N TYR A 741 10.56 -20.14 -12.62
CA TYR A 741 9.14 -20.41 -12.80
C TYR A 741 8.83 -20.87 -14.19
N LEU A 742 9.59 -20.52 -15.18
CA LEU A 742 9.39 -20.98 -16.54
C LEU A 742 10.05 -22.33 -16.79
N THR A 743 11.23 -22.57 -16.27
CA THR A 743 11.82 -23.88 -16.32
C THR A 743 11.07 -24.90 -15.52
N HIS A 744 10.37 -24.51 -14.48
CA HIS A 744 9.67 -25.56 -13.78
C HIS A 744 8.20 -25.60 -14.10
N ASN A 745 7.76 -24.91 -15.13
CA ASN A 745 6.37 -24.83 -15.59
C ASN A 745 5.38 -24.33 -14.53
N ILE A 746 5.74 -23.34 -13.76
CA ILE A 746 4.95 -22.78 -12.67
C ILE A 746 4.38 -21.50 -13.24
N SER A 747 3.10 -21.28 -13.01
CA SER A 747 2.37 -20.04 -13.22
C SER A 747 1.91 -19.41 -11.92
N HIS A 748 2.11 -18.13 -11.75
CA HIS A 748 1.63 -17.46 -10.57
C HIS A 748 1.43 -16.00 -10.93
N THR A 749 0.76 -15.27 -10.14
CA THR A 749 0.54 -13.86 -10.42
C THR A 749 1.28 -12.94 -9.57
N GLY A 750 2.11 -13.37 -8.70
CA GLY A 750 2.80 -12.56 -7.80
C GLY A 750 3.86 -12.65 -6.83
N GLY A 751 3.72 -13.17 -5.67
CA GLY A 751 4.82 -12.97 -4.68
C GLY A 751 4.28 -12.04 -3.60
N VAL A 752 4.25 -12.18 -2.31
CA VAL A 752 3.29 -11.40 -1.42
C VAL A 752 2.98 -9.92 -1.73
N PHE A 753 3.97 -9.14 -1.76
CA PHE A 753 3.86 -7.74 -2.10
C PHE A 753 3.65 -7.56 -3.61
N LEU A 754 4.44 -8.30 -4.38
CA LEU A 754 4.43 -8.21 -5.82
C LEU A 754 3.06 -8.57 -6.38
N TYR A 755 2.37 -9.53 -5.79
CA TYR A 755 0.96 -9.74 -6.10
C TYR A 755 0.05 -8.50 -5.92
N MET A 756 0.24 -7.79 -4.82
CA MET A 756 -0.56 -6.60 -4.63
C MET A 756 -0.45 -5.60 -5.79
N TRP A 757 0.68 -5.23 -6.23
CA TRP A 757 0.88 -4.43 -7.36
C TRP A 757 0.40 -5.06 -8.70
N ASN A 758 0.69 -6.28 -8.93
CA ASN A 758 0.40 -6.89 -10.21
C ASN A 758 -1.11 -7.09 -10.45
N GLU A 759 -1.83 -7.67 -9.50
CA GLU A 759 -3.28 -7.69 -9.59
C GLU A 759 -3.88 -6.31 -9.72
N THR A 760 -3.33 -5.28 -9.08
CA THR A 760 -3.96 -3.98 -9.24
C THR A 760 -3.80 -3.42 -10.65
N THR A 761 -2.72 -3.73 -11.39
CA THR A 761 -2.82 -3.42 -12.82
C THR A 761 -4.17 -3.89 -13.41
N TRP A 762 -4.63 -5.07 -12.99
CA TRP A 762 -5.92 -5.48 -13.56
C TRP A 762 -7.10 -4.72 -12.95
N ILE A 763 -7.17 -4.56 -11.65
CA ILE A 763 -8.17 -3.73 -10.99
C ILE A 763 -8.33 -2.34 -11.61
N TRP A 764 -7.24 -1.73 -12.00
CA TRP A 764 -7.29 -0.38 -12.52
C TRP A 764 -8.04 -0.33 -13.83
N THR A 765 -8.12 -1.44 -14.58
CA THR A 765 -8.90 -1.35 -15.83
C THR A 765 -10.42 -1.12 -15.65
N ASP A 766 -11.01 -1.21 -14.45
CA ASP A 766 -12.46 -1.18 -14.15
C ASP A 766 -12.77 -0.01 -13.21
N ASN A 767 -13.54 0.95 -13.64
CA ASN A 767 -13.90 2.14 -12.84
C ASN A 767 -14.75 1.91 -11.63
N HIS A 768 -15.66 0.95 -11.66
CA HIS A 768 -16.42 0.45 -10.56
C HIS A 768 -15.54 -0.32 -9.56
N LEU A 769 -14.64 -1.17 -9.97
CA LEU A 769 -13.71 -1.76 -9.07
C LEU A 769 -12.78 -0.71 -8.42
N THR A 770 -12.39 0.37 -9.09
CA THR A 770 -11.49 1.31 -8.45
C THR A 770 -12.21 2.21 -7.45
N ALA A 771 -13.46 2.53 -7.70
CA ALA A 771 -14.25 3.22 -6.71
C ALA A 771 -14.44 2.37 -5.45
N MET A 772 -14.72 1.10 -5.59
CA MET A 772 -14.69 0.21 -4.44
C MET A 772 -13.34 0.24 -3.74
N LEU A 773 -12.23 0.19 -4.48
CA LEU A 773 -10.91 0.30 -3.89
C LEU A 773 -10.76 1.57 -3.03
N LEU A 774 -11.15 2.73 -3.55
CA LEU A 774 -11.01 3.98 -2.80
C LEU A 774 -11.78 3.95 -1.48
N LEU A 775 -13.00 3.44 -1.53
CA LEU A 775 -13.90 3.45 -0.38
C LEU A 775 -13.49 2.46 0.67
N GLY A 776 -13.12 1.29 0.25
CA GLY A 776 -12.73 0.31 1.20
C GLY A 776 -11.49 0.73 1.86
N HIS A 777 -10.75 1.66 1.36
CA HIS A 777 -9.54 2.08 1.99
C HIS A 777 -9.88 3.17 2.94
N LEU A 778 -10.98 3.86 2.77
CA LEU A 778 -11.36 4.92 3.64
C LEU A 778 -11.93 4.37 4.89
N ILE A 779 -12.73 3.37 4.82
CA ILE A 779 -13.32 2.60 5.94
C ILE A 779 -12.25 2.03 6.92
N TRP A 780 -11.28 1.27 6.39
CA TRP A 780 -10.21 0.73 7.27
C TRP A 780 -9.49 1.77 8.15
N PHE A 781 -8.94 2.82 7.54
CA PHE A 781 -8.02 3.58 8.38
C PHE A 781 -8.80 4.39 9.45
N VAL A 782 -10.10 4.63 9.19
CA VAL A 782 -10.89 5.28 10.22
C VAL A 782 -11.07 4.43 11.47
N SER A 783 -11.00 3.13 11.29
CA SER A 783 -10.93 2.21 12.44
C SER A 783 -9.78 2.55 13.42
N PHE A 784 -8.64 2.99 12.91
CA PHE A 784 -7.57 3.48 13.82
C PHE A 784 -8.03 4.61 14.75
N ALA A 785 -8.78 5.58 14.25
CA ALA A 785 -9.41 6.51 15.23
C ALA A 785 -10.16 5.82 16.38
N LEU A 786 -10.70 4.64 16.14
CA LEU A 786 -11.40 4.00 17.26
C LEU A 786 -10.61 3.01 18.10
N TRP A 787 -9.49 2.48 17.61
CA TRP A 787 -8.76 1.46 18.33
C TRP A 787 -7.59 1.96 19.15
N PHE A 788 -7.04 3.09 18.83
CA PHE A 788 -5.91 3.66 19.53
C PHE A 788 -6.33 4.08 20.93
N LYS A 789 -5.40 4.08 21.87
CA LYS A 789 -5.55 4.58 23.25
C LYS A 789 -5.69 6.10 23.21
N ASP A 790 -6.83 6.55 22.90
CA ASP A 790 -7.01 7.93 22.47
C ASP A 790 -8.36 8.52 22.84
N ARG A 791 -9.20 7.80 23.54
CA ARG A 791 -10.58 8.20 23.65
C ARG A 791 -10.76 9.41 24.56
N GLY A 792 -9.88 9.55 25.54
CA GLY A 792 -9.89 10.72 26.39
C GLY A 792 -9.62 12.03 25.69
N SER A 793 -8.54 12.08 24.90
CA SER A 793 -8.30 13.14 23.93
C SER A 793 -9.54 13.47 23.11
N ARG A 794 -10.21 12.46 22.55
CA ARG A 794 -11.34 12.73 21.70
C ARG A 794 -12.50 13.36 22.49
N ALA A 795 -12.75 12.90 23.71
CA ALA A 795 -13.82 13.46 24.52
C ALA A 795 -13.51 14.86 25.03
N GLU A 796 -12.30 15.09 25.49
CA GLU A 796 -11.81 16.42 25.81
C GLU A 796 -11.91 17.40 24.64
N GLY A 797 -11.50 16.99 23.43
CA GLY A 797 -11.65 17.84 22.27
C GLY A 797 -13.08 18.03 21.77
N GLY A 798 -13.94 17.04 21.99
CA GLY A 798 -15.33 17.18 21.58
C GLY A 798 -16.09 18.07 22.52
N ASP A 799 -15.63 18.16 23.75
CA ASP A 799 -16.10 19.15 24.68
C ASP A 799 -15.68 20.55 24.26
N ILE A 800 -14.44 20.75 23.80
CA ILE A 800 -14.08 22.07 23.27
C ILE A 800 -14.97 22.47 22.08
N GLN A 801 -15.22 21.55 21.15
CA GLN A 801 -16.11 21.78 20.00
C GLN A 801 -17.56 22.10 20.41
N SER A 802 -18.11 21.36 21.35
CA SER A 802 -19.43 21.64 21.84
C SER A 802 -19.52 23.04 22.39
N ARG A 803 -18.63 23.43 23.25
CA ARG A 803 -18.60 24.73 23.76
C ARG A 803 -18.57 25.81 22.73
N TRP A 804 -17.76 25.75 21.71
CA TRP A 804 -17.63 26.71 20.65
C TRP A 804 -18.86 26.91 19.86
N VAL A 805 -19.47 25.82 19.40
CA VAL A 805 -20.71 25.77 18.72
C VAL A 805 -21.81 26.35 19.57
N ARG A 806 -21.88 26.17 20.85
CA ARG A 806 -22.94 26.78 21.63
C ARG A 806 -22.70 28.26 21.79
N LEU A 807 -21.47 28.71 21.64
CA LEU A 807 -21.14 30.10 21.72
C LEU A 807 -21.67 30.82 20.50
N MET A 808 -21.36 30.31 19.37
CA MET A 808 -21.85 30.74 18.11
C MET A 808 -23.34 30.81 18.11
N GLY A 809 -24.01 29.77 18.52
CA GLY A 809 -25.42 29.88 18.70
C GLY A 809 -25.87 30.98 19.61
N LYS A 810 -25.25 31.28 20.74
CA LYS A 810 -25.72 32.41 21.51
C LYS A 810 -25.46 33.71 20.81
N ARG A 811 -24.33 33.85 20.17
CA ARG A 811 -23.99 35.09 19.52
C ARG A 811 -24.85 35.34 18.32
N LEU A 812 -25.22 34.31 17.64
CA LEU A 812 -25.86 34.38 16.36
C LEU A 812 -27.36 34.33 16.44
N GLY A 813 -27.93 33.85 17.52
CA GLY A 813 -29.37 33.75 17.62
C GLY A 813 -29.95 32.41 17.26
N ILE A 814 -29.16 31.34 17.17
CA ILE A 814 -29.61 30.10 16.55
C ILE A 814 -30.01 29.16 17.66
N LYS A 815 -31.27 29.19 18.06
CA LYS A 815 -31.69 28.31 19.11
C LYS A 815 -31.32 26.87 19.02
N THR A 816 -31.22 26.30 17.83
CA THR A 816 -30.95 24.86 17.83
C THR A 816 -29.48 24.55 18.06
N LEU A 817 -28.61 25.52 17.86
CA LEU A 817 -27.18 25.39 18.09
C LEU A 817 -26.79 25.65 19.52
N GLN A 818 -27.69 26.18 20.34
CA GLN A 818 -27.32 26.72 21.62
C GLN A 818 -27.30 25.69 22.70
N GLU A 819 -27.84 24.53 22.45
CA GLU A 819 -27.54 23.38 23.26
C GLU A 819 -27.21 22.22 22.33
N VAL A 820 -25.97 22.15 21.90
CA VAL A 820 -25.41 21.06 21.14
C VAL A 820 -24.34 20.42 21.99
N ARG A 821 -24.28 19.09 22.05
CA ARG A 821 -23.24 18.31 22.72
C ARG A 821 -22.86 17.22 21.81
N PHE A 822 -21.67 17.21 21.26
CA PHE A 822 -21.27 16.15 20.37
C PHE A 822 -21.10 14.82 21.13
N PRO A 823 -21.64 13.72 20.61
CA PRO A 823 -21.45 12.44 21.29
C PRO A 823 -20.07 11.89 20.98
N VAL A 824 -19.33 11.47 21.99
CA VAL A 824 -18.07 10.80 21.75
C VAL A 824 -18.20 9.36 22.21
N SER A 825 -17.90 8.45 21.34
CA SER A 825 -17.87 7.02 21.62
C SER A 825 -17.09 6.67 22.87
N ASN A 826 -17.71 5.99 23.82
CA ASN A 826 -17.00 5.38 24.93
C ASN A 826 -16.23 4.16 24.46
N LEU A 827 -15.41 3.60 25.36
CA LEU A 827 -14.33 2.63 25.07
C LEU A 827 -14.81 1.30 24.47
N ALA A 828 -15.83 0.65 25.06
CA ALA A 828 -16.39 -0.58 24.47
C ALA A 828 -16.98 -0.40 23.06
N THR A 829 -17.83 0.62 22.85
CA THR A 829 -18.47 0.85 21.57
C THR A 829 -17.50 1.33 20.53
N ALA A 830 -16.40 1.93 20.95
CA ALA A 830 -15.28 2.16 20.05
C ALA A 830 -14.59 0.88 19.63
N LYS A 831 -14.33 -0.05 20.55
CA LYS A 831 -13.64 -1.26 20.10
C LYS A 831 -14.51 -2.06 19.18
N LEU A 832 -15.81 -2.06 19.41
CA LEU A 832 -16.71 -2.74 18.51
C LEU A 832 -16.73 -2.07 17.14
N TRP A 833 -16.91 -0.79 17.09
CA TRP A 833 -17.04 -0.23 15.75
C TRP A 833 -15.71 -0.15 15.04
N GLY A 834 -14.62 -0.03 15.76
CA GLY A 834 -13.32 -0.12 15.17
C GLY A 834 -13.03 -1.46 14.55
N THR A 835 -13.56 -2.52 15.10
CA THR A 835 -13.35 -3.86 14.57
C THR A 835 -14.22 -4.12 13.36
N VAL A 836 -15.46 -3.66 13.43
CA VAL A 836 -16.33 -3.61 12.28
C VAL A 836 -15.70 -2.84 11.12
N PHE A 837 -15.11 -1.70 11.38
CA PHE A 837 -14.57 -0.92 10.29
C PHE A 837 -13.33 -1.60 9.71
N PHE A 838 -12.42 -2.09 10.59
CA PHE A 838 -11.21 -2.78 10.18
C PHE A 838 -11.51 -4.02 9.32
N TYR A 839 -12.52 -4.80 9.71
CA TYR A 839 -12.92 -5.98 8.97
C TYR A 839 -13.63 -5.67 7.64
N THR A 840 -14.56 -4.72 7.59
CA THR A 840 -15.20 -4.47 6.31
C THR A 840 -14.30 -3.73 5.33
N GLY A 841 -13.47 -2.81 5.81
CA GLY A 841 -12.41 -2.26 4.98
C GLY A 841 -11.48 -3.28 4.33
N THR A 842 -10.98 -4.24 5.10
CA THR A 842 -10.11 -5.21 4.46
C THR A 842 -10.85 -6.08 3.46
N PHE A 843 -11.97 -6.65 3.82
CA PHE A 843 -12.53 -7.63 2.95
C PHE A 843 -13.35 -7.06 1.78
N VAL A 844 -13.75 -5.77 1.77
CA VAL A 844 -14.10 -5.17 0.47
C VAL A 844 -12.86 -5.06 -0.44
N LEU A 845 -11.68 -4.82 0.08
CA LEU A 845 -10.52 -4.80 -0.82
C LEU A 845 -10.16 -6.21 -1.34
N VAL A 846 -10.33 -7.30 -0.55
CA VAL A 846 -10.03 -8.68 -0.97
C VAL A 846 -11.01 -9.18 -2.03
N PHE A 847 -12.28 -8.77 -1.92
CA PHE A 847 -13.20 -8.99 -3.01
C PHE A 847 -12.63 -8.49 -4.32
N LEU A 848 -11.95 -7.39 -4.29
CA LEU A 848 -11.42 -6.87 -5.55
C LEU A 848 -10.38 -7.79 -6.15
N TYR A 849 -9.51 -8.36 -5.32
CA TYR A 849 -8.54 -9.34 -5.84
C TYR A 849 -9.19 -10.51 -6.56
N PHE A 850 -10.24 -11.13 -6.02
CA PHE A 850 -10.97 -12.12 -6.82
C PHE A 850 -11.63 -11.53 -8.10
N ALA A 851 -12.24 -10.37 -8.02
CA ALA A 851 -13.11 -9.82 -9.06
C ALA A 851 -12.38 -9.25 -10.29
N ASP A 852 -11.07 -9.03 -10.25
CA ASP A 852 -10.41 -8.64 -11.49
C ASP A 852 -10.27 -9.79 -12.47
N GLY A 853 -10.59 -11.00 -12.13
CA GLY A 853 -10.45 -12.13 -13.01
C GLY A 853 -9.37 -13.07 -12.46
N PHE A 854 -9.11 -14.18 -12.98
CA PHE A 854 -8.15 -15.13 -12.51
C PHE A 854 -7.12 -15.30 -13.59
N PHE A 855 -5.84 -15.04 -13.35
CA PHE A 855 -4.84 -14.99 -14.39
C PHE A 855 -3.76 -16.04 -14.30
N GLN A 856 -3.93 -17.11 -13.59
CA GLN A 856 -2.95 -18.16 -13.69
C GLN A 856 -3.07 -18.88 -15.04
N ASN A 857 -1.95 -19.13 -15.66
CA ASN A 857 -1.85 -19.95 -16.86
C ASN A 857 -2.50 -21.32 -16.69
N ARG A 858 -3.02 -21.83 -17.75
CA ARG A 858 -3.97 -22.88 -17.72
C ARG A 858 -3.33 -24.24 -17.85
N GLY B 4 -24.79 -2.51 -3.57
CA GLY B 4 -24.37 -3.04 -4.85
C GLY B 4 -24.76 -4.47 -5.24
N GLY B 5 -25.71 -4.57 -6.16
CA GLY B 5 -26.15 -5.82 -6.69
C GLY B 5 -27.47 -5.77 -7.36
N CYS B 6 -27.75 -6.48 -8.39
CA CYS B 6 -28.97 -6.59 -9.19
C CYS B 6 -29.19 -5.56 -10.20
N PHE B 7 -29.22 -4.32 -9.89
CA PHE B 7 -29.46 -3.26 -10.84
C PHE B 7 -28.31 -2.81 -11.69
N VAL B 8 -27.83 -3.74 -12.44
CA VAL B 8 -26.85 -3.69 -13.48
C VAL B 8 -27.69 -3.28 -14.71
N GLY B 9 -27.20 -3.00 -15.86
CA GLY B 9 -28.21 -2.63 -16.85
C GLY B 9 -28.81 -3.81 -17.60
N SER B 10 -29.53 -3.48 -18.65
CA SER B 10 -29.74 -4.31 -19.88
C SER B 10 -28.42 -4.57 -20.63
N ARG B 11 -28.24 -5.82 -21.11
CA ARG B 11 -27.06 -6.21 -21.92
C ARG B 11 -27.23 -5.71 -23.35
N ASP B 12 -26.16 -5.24 -23.99
CA ASP B 12 -26.23 -4.77 -25.40
C ASP B 12 -26.57 -5.95 -26.32
N PRO B 13 -27.64 -5.83 -27.14
CA PRO B 13 -28.04 -6.90 -28.03
C PRO B 13 -26.88 -7.43 -28.90
N ASN B 14 -25.95 -6.61 -29.34
CA ASN B 14 -24.75 -6.96 -30.03
C ASN B 14 -23.69 -7.76 -29.28
N GLU B 15 -23.73 -7.88 -28.00
CA GLU B 15 -22.85 -8.78 -27.33
C GLU B 15 -23.54 -10.14 -27.08
N THR B 16 -23.58 -11.10 -27.97
CA THR B 16 -24.25 -12.38 -27.69
C THR B 16 -23.58 -13.19 -26.66
N ARG B 17 -24.31 -14.00 -26.01
CA ARG B 17 -23.84 -14.92 -25.07
C ARG B 17 -23.73 -16.27 -25.75
N TYR B 18 -24.12 -16.44 -26.99
CA TYR B 18 -24.10 -17.72 -27.69
C TYR B 18 -22.71 -18.33 -27.69
N PRO B 19 -22.57 -19.58 -27.34
CA PRO B 19 -21.28 -20.03 -26.83
C PRO B 19 -20.25 -20.38 -27.88
N LYS B 20 -19.01 -20.03 -27.63
CA LYS B 20 -17.89 -20.36 -28.49
C LYS B 20 -17.45 -21.78 -28.20
N ALA B 21 -16.69 -22.41 -29.08
CA ALA B 21 -16.13 -23.73 -28.80
C ALA B 21 -15.11 -23.65 -27.69
N PRO B 22 -14.98 -24.72 -26.91
CA PRO B 22 -14.06 -24.73 -25.78
C PRO B 22 -12.61 -24.69 -26.18
N MET B 23 -11.81 -24.09 -25.28
CA MET B 23 -10.36 -24.03 -25.51
C MET B 23 -9.82 -25.47 -25.57
N PRO B 24 -9.05 -25.86 -26.61
CA PRO B 24 -8.46 -27.20 -26.68
C PRO B 24 -7.60 -27.66 -25.48
N LEU B 25 -7.80 -28.89 -25.00
CA LEU B 25 -6.95 -29.45 -23.92
C LEU B 25 -5.51 -29.63 -24.42
N GLN B 26 -5.34 -30.10 -25.65
CA GLN B 26 -4.01 -30.36 -26.23
C GLN B 26 -3.21 -29.06 -26.30
N ASN B 27 -1.92 -29.13 -26.00
CA ASN B 27 -1.05 -27.94 -26.15
C ASN B 27 -0.93 -27.55 -27.63
N GLN B 28 -0.90 -26.25 -27.93
CA GLN B 28 -0.66 -25.76 -29.32
C GLN B 28 0.72 -26.19 -29.77
N THR B 29 1.62 -26.47 -28.82
CA THR B 29 3.01 -26.85 -29.11
C THR B 29 3.18 -28.37 -28.97
N SER B 30 2.07 -29.13 -29.02
CA SER B 30 2.11 -30.60 -28.88
C SER B 30 2.85 -31.28 -30.04
N THR B 31 3.68 -32.27 -29.75
CA THR B 31 4.32 -33.05 -30.83
C THR B 31 3.65 -34.42 -30.81
N LEU B 32 2.71 -34.55 -29.92
CA LEU B 32 2.02 -35.79 -29.73
C LEU B 32 1.19 -36.02 -30.92
N LYS B 33 0.32 -35.11 -31.23
CA LYS B 33 -0.47 -35.26 -32.40
C LYS B 33 -0.83 -34.00 -33.19
N THR B 34 -0.08 -32.94 -32.86
CA THR B 34 0.04 -31.56 -33.43
C THR B 34 -0.25 -30.26 -32.68
N ALA B 35 -1.10 -29.38 -33.20
CA ALA B 35 -1.34 -28.11 -32.51
C ALA B 35 -2.64 -27.81 -31.85
N ALA B 44 -23.52 -22.61 -36.45
CA ALA B 44 -24.59 -23.27 -35.64
C ALA B 44 -25.73 -23.82 -36.50
N GLN B 45 -26.65 -24.57 -35.87
CA GLN B 45 -27.84 -25.19 -36.45
C GLN B 45 -28.85 -24.32 -37.07
N ASN B 46 -29.94 -24.94 -37.50
CA ASN B 46 -30.98 -24.09 -38.13
C ASN B 46 -32.01 -23.63 -37.10
N THR B 47 -31.93 -24.09 -35.86
CA THR B 47 -32.95 -23.75 -34.82
C THR B 47 -33.27 -22.25 -34.88
N PRO B 48 -34.54 -21.78 -34.83
CA PRO B 48 -34.89 -20.36 -35.05
C PRO B 48 -33.80 -19.28 -35.11
N GLY B 49 -33.11 -18.93 -34.01
CA GLY B 49 -32.09 -17.92 -34.23
C GLY B 49 -30.63 -18.30 -34.11
N ALA B 50 -30.33 -19.56 -34.34
CA ALA B 50 -29.04 -20.06 -33.94
C ALA B 50 -27.95 -19.67 -34.92
N ARG B 51 -28.34 -19.31 -36.14
CA ARG B 51 -27.38 -18.94 -37.15
C ARG B 51 -27.00 -17.47 -37.05
N GLU B 52 -27.95 -16.60 -36.79
CA GLU B 52 -27.62 -15.24 -36.43
C GLU B 52 -26.78 -15.17 -35.18
N ALA B 53 -27.01 -16.04 -34.21
CA ALA B 53 -26.21 -15.94 -33.01
C ALA B 53 -24.81 -16.43 -33.24
N ALA B 54 -24.63 -17.48 -34.02
CA ALA B 54 -23.28 -17.95 -34.31
C ALA B 54 -22.49 -16.93 -35.12
N ALA B 55 -23.10 -16.36 -36.16
CA ALA B 55 -22.49 -15.29 -36.94
C ALA B 55 -22.18 -14.09 -36.10
N LEU B 56 -22.99 -13.76 -35.16
CA LEU B 56 -22.69 -12.72 -34.26
C LEU B 56 -21.61 -13.10 -33.27
N ARG B 57 -21.50 -14.33 -32.79
CA ARG B 57 -20.37 -14.65 -31.96
C ARG B 57 -19.07 -14.67 -32.57
N ASP B 58 -19.04 -15.00 -33.82
CA ASP B 58 -17.89 -14.95 -34.71
C ASP B 58 -17.29 -13.58 -34.88
N ARG B 59 -17.94 -12.46 -34.62
CA ARG B 59 -17.31 -11.21 -34.57
C ARG B 59 -17.02 -10.66 -33.25
N VAL B 60 -17.77 -10.99 -32.25
CA VAL B 60 -17.62 -10.27 -31.01
C VAL B 60 -16.97 -11.05 -29.91
N THR B 61 -17.09 -12.35 -29.90
CA THR B 61 -16.61 -12.97 -28.70
C THR B 61 -15.21 -13.48 -28.94
N PRO B 62 -14.33 -13.04 -28.12
CA PRO B 62 -12.96 -13.39 -28.31
C PRO B 62 -12.65 -14.88 -27.97
N LEU B 63 -11.75 -15.52 -28.72
CA LEU B 63 -11.25 -16.91 -28.65
C LEU B 63 -9.91 -17.17 -27.93
N ASN B 64 -9.02 -16.21 -27.86
CA ASN B 64 -7.69 -16.31 -27.25
C ASN B 64 -7.43 -15.25 -26.20
N LEU B 65 -8.34 -15.05 -25.27
CA LEU B 65 -8.29 -14.11 -24.18
C LEU B 65 -7.81 -14.75 -22.92
N GLN B 66 -8.15 -15.99 -22.77
CA GLN B 66 -7.79 -16.73 -21.55
C GLN B 66 -6.31 -17.00 -21.49
N GLN B 67 -5.74 -16.85 -20.31
CA GLN B 67 -4.39 -17.35 -20.13
C GLN B 67 -4.32 -18.74 -20.73
N VAL B 68 -3.16 -19.10 -21.19
CA VAL B 68 -2.97 -20.13 -22.17
C VAL B 68 -2.26 -21.25 -21.44
N ASN B 69 -2.28 -22.47 -21.95
CA ASN B 69 -1.62 -23.55 -21.22
C ASN B 69 -0.19 -23.17 -20.96
N GLU B 70 0.36 -23.60 -19.86
CA GLU B 70 1.73 -23.32 -19.45
C GLU B 70 2.79 -23.80 -20.47
N GLN B 71 2.57 -24.89 -21.18
CA GLN B 71 3.56 -25.34 -22.19
C GLN B 71 3.43 -24.52 -23.46
N ASP B 72 2.44 -23.63 -23.54
CA ASP B 72 2.16 -22.83 -24.73
C ASP B 72 2.63 -21.38 -24.67
N VAL B 73 3.01 -20.92 -23.54
CA VAL B 73 3.59 -19.62 -23.31
C VAL B 73 4.83 -19.48 -24.20
N ALA B 74 5.11 -18.27 -24.67
CA ALA B 74 6.17 -17.96 -25.63
C ALA B 74 7.61 -18.36 -25.20
N GLY B 75 7.96 -18.22 -23.95
CA GLY B 75 9.19 -18.72 -23.40
C GLY B 75 9.24 -20.22 -23.36
N ASN B 76 8.13 -20.94 -23.39
CA ASN B 76 8.20 -22.39 -23.39
C ASN B 76 7.97 -22.97 -24.78
N ASP B 77 7.53 -22.17 -25.73
CA ASP B 77 7.29 -22.53 -27.13
C ASP B 77 8.59 -22.54 -27.92
N PRO B 78 8.91 -23.63 -28.61
CA PRO B 78 10.12 -23.67 -29.43
C PRO B 78 10.24 -22.60 -30.49
N LEU B 79 9.14 -22.02 -30.92
CA LEU B 79 9.13 -20.99 -31.95
C LEU B 79 8.53 -19.70 -31.44
N GLY B 80 8.94 -19.23 -30.30
CA GLY B 80 8.24 -18.19 -29.62
C GLY B 80 9.23 -17.20 -29.17
N SER B 81 10.51 -17.52 -29.26
CA SER B 81 11.60 -16.56 -28.95
C SER B 81 11.55 -15.43 -29.99
N PRO B 82 12.04 -14.21 -29.68
CA PRO B 82 12.09 -13.14 -30.67
C PRO B 82 12.88 -13.52 -31.93
N ALA B 83 13.98 -14.26 -31.77
CA ALA B 83 14.81 -14.75 -32.89
C ALA B 83 14.08 -15.75 -33.80
N ARG B 84 13.17 -16.56 -33.29
CA ARG B 84 12.56 -17.64 -34.11
C ARG B 84 11.08 -17.44 -34.50
N VAL B 85 10.37 -16.48 -33.91
CA VAL B 85 8.92 -16.32 -34.21
C VAL B 85 8.70 -15.95 -35.66
N VAL B 86 7.58 -16.41 -36.21
CA VAL B 86 7.22 -16.07 -37.60
C VAL B 86 6.27 -14.87 -37.62
N LEU B 87 6.70 -13.76 -38.15
CA LEU B 87 5.81 -12.60 -38.30
C LEU B 87 5.44 -12.54 -39.77
N ASP B 88 4.51 -13.40 -40.20
CA ASP B 88 4.04 -13.42 -41.60
C ASP B 88 3.03 -12.29 -41.73
N GLU B 89 3.33 -11.29 -42.53
CA GLU B 89 2.47 -10.08 -42.64
C GLU B 89 1.11 -10.44 -43.26
N GLY B 90 1.09 -11.38 -44.19
CA GLY B 90 -0.19 -11.81 -44.77
C GLY B 90 -1.12 -12.42 -43.75
N GLU B 91 -0.63 -13.33 -42.89
CA GLU B 91 -1.48 -13.87 -41.81
C GLU B 91 -1.75 -12.81 -40.74
N MET B 92 -0.78 -11.98 -40.39
CA MET B 92 -0.92 -11.00 -39.28
C MET B 92 -1.89 -9.86 -39.57
N TYR B 93 -1.95 -9.36 -40.80
CA TYR B 93 -2.82 -8.22 -41.15
C TYR B 93 -3.92 -8.72 -42.10
N ARG B 94 -4.32 -9.97 -41.97
CA ARG B 94 -5.32 -10.60 -42.84
C ARG B 94 -6.76 -10.13 -42.60
N ASP B 95 -7.13 -9.93 -41.37
CA ASP B 95 -8.52 -9.84 -40.99
C ASP B 95 -8.69 -8.76 -39.93
N PRO B 96 -9.27 -7.67 -40.23
CA PRO B 96 -9.41 -6.66 -39.21
C PRO B 96 -10.40 -7.01 -38.11
N VAL B 97 -11.45 -7.75 -38.40
CA VAL B 97 -12.40 -8.18 -37.39
C VAL B 97 -11.62 -8.87 -36.32
N GLU B 98 -10.78 -9.73 -36.73
CA GLU B 98 -10.06 -10.48 -35.84
C GLU B 98 -9.02 -9.79 -35.03
N ILE B 99 -8.33 -8.84 -35.62
CA ILE B 99 -7.40 -8.06 -34.90
C ILE B 99 -8.12 -7.24 -33.88
N TYR B 100 -9.25 -6.67 -34.25
CA TYR B 100 -9.98 -5.96 -33.35
C TYR B 100 -10.62 -6.81 -32.26
N ARG B 101 -11.18 -7.94 -32.54
CA ARG B 101 -11.79 -8.75 -31.60
C ARG B 101 -10.85 -9.22 -30.53
N GLU B 102 -9.73 -9.67 -30.90
CA GLU B 102 -8.70 -10.10 -30.03
C GLU B 102 -7.79 -9.14 -29.36
N GLY B 103 -7.17 -8.24 -30.07
CA GLY B 103 -6.35 -7.24 -29.47
C GLY B 103 -7.03 -6.27 -28.60
N ARG B 104 -8.24 -5.81 -28.84
CA ARG B 104 -8.87 -4.96 -27.86
C ARG B 104 -9.17 -5.70 -26.56
N ALA B 105 -9.62 -6.98 -26.59
CA ALA B 105 -9.80 -7.70 -25.33
C ALA B 105 -8.51 -7.89 -24.56
N LEU B 106 -7.44 -8.27 -25.26
CA LEU B 106 -6.17 -8.44 -24.57
C LEU B 106 -5.63 -7.12 -24.07
N PHE B 107 -5.66 -6.06 -24.83
CA PHE B 107 -5.16 -4.76 -24.47
C PHE B 107 -5.88 -4.13 -23.30
N GLN B 108 -7.20 -4.12 -23.27
CA GLN B 108 -8.09 -3.66 -22.24
C GLN B 108 -7.90 -4.34 -20.94
N ASN B 109 -7.53 -5.55 -20.94
CA ASN B 109 -7.20 -6.27 -19.80
C ASN B 109 -5.81 -6.05 -19.26
N ASN B 110 -4.82 -6.26 -20.03
CA ASN B 110 -3.46 -6.25 -19.64
C ASN B 110 -2.61 -5.11 -19.73
N CYS B 111 -2.89 -4.21 -20.61
CA CYS B 111 -2.09 -3.11 -20.93
C CYS B 111 -2.59 -1.75 -20.58
N VAL B 112 -3.83 -1.52 -20.23
CA VAL B 112 -4.49 -0.25 -19.88
C VAL B 112 -4.02 0.38 -18.60
N GLY B 113 -3.84 -0.39 -17.57
CA GLY B 113 -3.31 -0.03 -16.33
C GLY B 113 -2.13 0.91 -16.38
N CYS B 114 -1.12 0.57 -17.07
CA CYS B 114 0.10 1.36 -17.28
C CYS B 114 0.10 2.26 -18.52
N HIS B 115 -0.55 1.93 -19.58
CA HIS B 115 -0.56 2.77 -20.75
C HIS B 115 -1.70 3.68 -20.98
N GLY B 116 -2.60 3.77 -20.07
CA GLY B 116 -3.85 4.47 -20.03
C GLY B 116 -5.05 3.87 -20.68
N HIS B 117 -6.24 4.33 -20.36
CA HIS B 117 -7.48 4.06 -21.09
C HIS B 117 -7.49 4.63 -22.49
N ASN B 118 -6.70 5.62 -22.78
CA ASN B 118 -6.48 6.11 -24.12
C ASN B 118 -5.23 5.54 -24.78
N GLY B 119 -4.43 4.78 -24.06
CA GLY B 119 -3.27 4.23 -24.69
C GLY B 119 -2.21 5.25 -25.03
N CYS B 120 -2.20 6.35 -24.32
CA CYS B 120 -1.30 7.47 -24.50
C CYS B 120 -0.26 7.59 -23.41
N GLY B 121 -0.23 6.67 -22.45
CA GLY B 121 0.76 6.65 -21.40
C GLY B 121 0.18 6.87 -20.04
N ASN B 122 0.18 5.93 -19.12
CA ASN B 122 -0.11 6.38 -17.78
C ASN B 122 1.13 6.40 -16.89
N VAL B 123 1.77 5.28 -16.66
CA VAL B 123 2.89 5.14 -15.73
C VAL B 123 4.02 5.99 -16.25
N PRO B 124 4.78 6.68 -15.42
CA PRO B 124 5.90 7.53 -15.87
C PRO B 124 6.84 6.90 -16.86
N ARG B 125 7.04 7.60 -17.95
CA ARG B 125 7.80 7.25 -19.09
C ARG B 125 7.18 6.16 -19.93
N SER B 126 5.98 5.72 -19.77
CA SER B 126 5.40 4.60 -20.49
C SER B 126 5.14 4.87 -21.86
N THR B 127 5.12 3.91 -22.73
CA THR B 127 4.97 4.22 -24.16
C THR B 127 3.96 5.09 -24.81
N ASN B 128 2.69 5.35 -24.74
CA ASN B 128 2.14 6.27 -25.93
C ASN B 128 2.20 5.87 -27.40
N PHE B 129 1.43 4.88 -27.67
CA PHE B 129 1.19 4.28 -28.92
C PHE B 129 0.55 5.19 -29.97
N THR B 130 0.06 6.39 -29.74
CA THR B 130 -0.49 7.19 -30.82
C THR B 130 0.57 7.98 -31.51
N ASP B 131 1.76 8.04 -30.95
CA ASP B 131 2.80 8.88 -31.45
C ASP B 131 3.39 8.32 -32.73
N PRO B 132 3.31 9.03 -33.80
CA PRO B 132 3.85 8.66 -35.09
C PRO B 132 5.32 8.40 -35.16
N GLY B 133 6.13 9.09 -34.43
CA GLY B 133 7.52 8.95 -34.37
C GLY B 133 7.87 7.70 -33.74
N TRP B 134 7.16 7.27 -32.74
CA TRP B 134 7.32 5.99 -32.14
C TRP B 134 6.86 4.89 -33.13
N GLN B 135 5.79 5.03 -33.84
CA GLN B 135 5.33 4.06 -34.79
C GLN B 135 6.29 3.80 -35.91
N GLU B 136 6.85 4.83 -36.48
CA GLU B 136 7.74 4.73 -37.61
C GLU B 136 9.07 4.09 -37.31
N ASN B 137 9.45 3.97 -36.06
CA ASN B 137 10.81 3.61 -35.73
C ASN B 137 10.87 2.29 -35.04
N ASN B 138 9.74 1.64 -34.95
CA ASN B 138 9.58 0.30 -34.43
C ASN B 138 9.16 -0.65 -35.51
N SER B 139 9.82 -1.77 -35.64
CA SER B 139 9.36 -2.92 -36.40
C SER B 139 8.28 -3.63 -35.69
N ASP B 140 7.59 -4.51 -36.38
CA ASP B 140 6.75 -5.51 -35.73
C ASP B 140 7.52 -6.49 -34.85
N GLY B 141 8.66 -7.00 -35.34
CA GLY B 141 9.58 -7.81 -34.61
C GLY B 141 10.22 -7.12 -33.43
N GLY B 142 10.51 -5.85 -33.55
CA GLY B 142 10.89 -5.03 -32.44
C GLY B 142 9.86 -4.94 -31.32
N ILE B 143 8.61 -4.71 -31.70
CA ILE B 143 7.49 -4.71 -30.75
C ILE B 143 7.33 -6.07 -30.06
N TYR B 144 7.47 -7.20 -30.78
CA TYR B 144 7.51 -8.54 -30.15
C TYR B 144 8.64 -8.66 -29.11
N SER B 145 9.90 -8.36 -29.45
CA SER B 145 11.02 -8.34 -28.53
C SER B 145 10.71 -7.62 -27.25
N SER B 146 10.27 -6.38 -27.30
CA SER B 146 9.93 -5.67 -26.06
C SER B 146 8.73 -6.24 -25.30
N ILE B 147 7.79 -6.91 -25.96
CA ILE B 147 6.82 -7.57 -25.11
C ILE B 147 7.42 -8.81 -24.48
N TYR B 148 8.16 -9.59 -25.17
CA TYR B 148 8.70 -10.78 -24.68
C TYR B 148 9.78 -10.53 -23.63
N ASN B 149 10.68 -9.62 -23.83
CA ASN B 149 11.70 -9.34 -22.89
C ASN B 149 11.43 -8.42 -21.77
N GLY B 150 10.53 -7.53 -21.95
CA GLY B 150 10.31 -6.40 -21.09
C GLY B 150 11.30 -5.30 -21.51
N LYS B 151 11.34 -4.20 -20.90
CA LYS B 151 12.19 -3.09 -21.11
C LYS B 151 12.70 -2.48 -19.98
N GLY B 152 13.98 -2.38 -19.82
CA GLY B 152 14.64 -1.84 -18.64
C GLY B 152 15.21 -2.93 -17.78
N ILE B 153 16.13 -2.67 -16.89
CA ILE B 153 16.70 -3.66 -16.01
C ILE B 153 15.80 -3.95 -14.77
N GLY B 154 15.63 -5.16 -14.33
CA GLY B 154 14.89 -5.58 -13.17
C GLY B 154 14.58 -7.05 -13.22
N ASN B 155 14.02 -7.62 -12.17
CA ASN B 155 13.60 -8.95 -12.09
C ASN B 155 12.31 -9.04 -12.86
N GLY B 156 12.15 -9.98 -13.80
CA GLY B 156 10.95 -10.08 -14.55
C GLY B 156 10.75 -8.97 -15.56
N GLY B 157 11.76 -8.42 -16.10
CA GLY B 157 11.64 -7.24 -17.00
C GLY B 157 11.83 -5.96 -16.21
N GLY B 158 11.73 -4.77 -16.73
CA GLY B 158 11.90 -3.60 -15.99
C GLY B 158 10.65 -2.93 -15.68
N ALA B 159 10.59 -1.65 -15.90
CA ALA B 159 9.34 -0.96 -15.68
C ALA B 159 8.27 -1.38 -16.73
N MET B 160 8.63 -1.79 -17.93
CA MET B 160 7.85 -2.39 -18.93
C MET B 160 8.11 -3.83 -18.56
N PRO B 161 7.19 -4.54 -17.94
CA PRO B 161 7.43 -5.98 -17.62
C PRO B 161 7.51 -7.00 -18.77
N ALA B 162 8.22 -8.07 -18.65
CA ALA B 162 8.37 -9.12 -19.59
C ALA B 162 7.12 -9.97 -19.59
N TYR B 163 6.77 -10.58 -20.66
CA TYR B 163 5.66 -11.43 -20.80
C TYR B 163 6.01 -12.88 -21.18
N TYR B 164 7.26 -13.36 -21.37
CA TYR B 164 7.55 -14.73 -21.79
C TYR B 164 7.01 -15.98 -21.04
N ASN B 165 6.57 -15.88 -19.82
CA ASN B 165 5.80 -16.82 -19.09
C ASN B 165 4.37 -16.25 -19.45
N GLN B 166 3.43 -15.87 -18.76
CA GLN B 166 2.25 -15.04 -19.22
C GLN B 166 1.54 -15.12 -20.61
N LEU B 167 2.10 -14.73 -21.72
CA LEU B 167 1.39 -14.69 -22.99
C LEU B 167 1.85 -15.66 -23.96
N SER B 168 1.08 -16.04 -24.93
CA SER B 168 1.53 -16.93 -26.01
C SER B 168 2.16 -16.18 -27.30
N PRO B 169 2.80 -16.83 -28.32
CA PRO B 169 3.30 -16.07 -29.45
C PRO B 169 2.20 -15.53 -30.31
N GLN B 170 1.14 -16.29 -30.36
CA GLN B 170 -0.07 -15.89 -31.01
C GLN B 170 -0.86 -14.78 -30.30
N GLN B 171 -0.90 -14.74 -29.01
CA GLN B 171 -1.44 -13.66 -28.31
C GLN B 171 -0.56 -12.39 -28.53
N ILE B 172 0.77 -12.42 -28.47
CA ILE B 172 1.63 -11.26 -28.71
C ILE B 172 1.46 -10.71 -30.13
N ARG B 173 1.25 -11.53 -31.12
CA ARG B 173 0.96 -11.09 -32.43
C ARG B 173 -0.35 -10.38 -32.61
N TYR B 174 -1.42 -10.66 -31.88
CA TYR B 174 -2.59 -9.88 -31.97
C TYR B 174 -2.29 -8.55 -31.33
N LEU B 175 -1.58 -8.51 -30.25
CA LEU B 175 -1.18 -7.32 -29.66
C LEU B 175 -0.34 -6.41 -30.59
N VAL B 176 0.64 -6.92 -31.30
CA VAL B 176 1.43 -6.22 -32.23
C VAL B 176 0.50 -5.60 -33.25
N ALA B 177 -0.35 -6.27 -34.01
CA ALA B 177 -1.23 -5.67 -34.93
C ALA B 177 -2.22 -4.67 -34.43
N TYR B 178 -2.67 -4.73 -33.22
CA TYR B 178 -3.61 -3.88 -32.64
C TYR B 178 -2.97 -2.64 -32.32
N LEU B 179 -1.78 -2.67 -31.76
CA LEU B 179 -0.99 -1.51 -31.44
C LEU B 179 -0.71 -0.63 -32.65
N ARG B 180 -0.64 -1.16 -33.87
CA ARG B 180 -0.48 -0.23 -34.98
C ARG B 180 -1.75 0.53 -35.37
N ALA B 181 -2.93 0.18 -34.87
CA ALA B 181 -4.14 0.99 -35.01
C ALA B 181 -4.14 2.24 -34.11
N PHE B 182 -3.25 2.37 -33.19
CA PHE B 182 -3.19 3.56 -32.39
C PHE B 182 -2.67 4.74 -33.16
N LYS B 183 -1.89 4.54 -34.22
CA LYS B 183 -1.19 5.63 -34.94
C LYS B 183 -2.09 6.83 -35.29
N GLY B 184 -1.71 7.99 -34.76
CA GLY B 184 -2.24 9.32 -35.11
C GLY B 184 -3.65 9.52 -34.64
N ARG B 185 -4.13 8.71 -33.69
CA ARG B 185 -5.48 8.86 -33.10
C ARG B 185 -5.44 9.94 -32.02
N GLN B 186 -6.57 10.46 -31.61
CA GLN B 186 -6.67 11.45 -30.49
C GLN B 186 -6.73 10.71 -29.14
N CYS B 187 -6.59 11.41 -28.03
CA CYS B 187 -6.50 10.79 -26.68
C CYS B 187 -7.87 10.55 -26.03
N ASN B 188 -8.79 9.88 -26.71
CA ASN B 188 -10.10 9.44 -26.17
C ASN B 188 -9.96 7.96 -26.43
N GLY B 189 -10.57 7.05 -25.70
CA GLY B 189 -10.13 5.68 -25.57
C GLY B 189 -9.45 4.89 -26.65
N LEU B 190 -9.83 3.69 -26.96
CA LEU B 190 -9.01 2.73 -27.69
C LEU B 190 -9.34 2.66 -29.17
N PRO B 191 -8.51 2.12 -30.00
CA PRO B 191 -8.91 1.99 -31.42
C PRO B 191 -10.15 1.16 -31.64
N THR B 192 -11.04 1.63 -32.48
CA THR B 192 -12.28 0.98 -32.83
C THR B 192 -12.11 0.03 -33.99
N LEU B 193 -13.19 -0.59 -34.41
CA LEU B 193 -13.20 -1.52 -35.52
C LEU B 193 -12.84 -0.80 -36.78
N SER B 194 -13.20 0.45 -36.91
CA SER B 194 -12.82 1.13 -38.14
C SER B 194 -11.46 1.80 -38.11
N ASP B 195 -10.88 1.97 -36.95
CA ASP B 195 -9.50 2.29 -36.89
C ASP B 195 -8.68 1.12 -37.32
N VAL B 196 -9.04 -0.07 -36.93
CA VAL B 196 -8.26 -1.21 -37.32
C VAL B 196 -8.40 -1.34 -38.81
N GLU B 197 -9.56 -1.05 -39.35
CA GLU B 197 -9.74 -1.28 -40.77
C GLU B 197 -9.03 -0.27 -41.63
N ARG B 198 -9.01 0.99 -41.23
CA ARG B 198 -8.22 1.94 -41.99
C ARG B 198 -6.73 1.68 -41.89
N MET B 199 -6.24 1.19 -40.75
CA MET B 199 -4.87 0.71 -40.58
C MET B 199 -4.53 -0.45 -41.48
N VAL B 200 -5.40 -1.39 -41.65
CA VAL B 200 -5.13 -2.47 -42.47
C VAL B 200 -5.25 -2.09 -43.93
N ALA B 201 -5.98 -1.10 -44.36
CA ALA B 201 -6.08 -0.77 -45.75
C ALA B 201 -4.95 0.00 -46.23
N GLU B 202 -4.33 0.75 -45.36
CA GLU B 202 -3.17 1.53 -45.66
C GLU B 202 -1.84 0.81 -45.56
N ARG B 203 -1.96 -0.52 -45.62
CA ARG B 203 -0.98 -1.58 -45.53
C ARG B 203 -0.48 -1.54 -44.19
N GLN B 204 -0.99 -2.45 -43.45
CA GLN B 204 -0.76 -2.72 -42.09
C GLN B 204 0.31 -2.05 -41.16
N MET C 1 -13.13 -37.43 -5.42
CA MET C 1 -13.23 -37.98 -4.10
C MET C 1 -11.91 -38.12 -3.35
N THR C 2 -10.87 -38.64 -3.94
CA THR C 2 -9.61 -38.71 -3.33
C THR C 2 -9.08 -37.40 -2.77
N ALA C 3 -8.99 -36.33 -3.46
CA ALA C 3 -8.47 -35.05 -2.93
C ALA C 3 -9.36 -34.54 -1.79
N ILE C 4 -10.67 -34.69 -1.91
CA ILE C 4 -11.61 -34.23 -0.86
C ILE C 4 -11.29 -34.95 0.45
N LEU C 5 -11.17 -36.27 0.38
CA LEU C 5 -10.89 -37.08 1.59
C LEU C 5 -9.52 -36.69 2.14
N LEU C 6 -8.53 -36.49 1.28
CA LEU C 6 -7.18 -36.15 1.76
C LEU C 6 -7.23 -34.83 2.53
N ALA C 7 -7.88 -33.81 1.96
CA ALA C 7 -7.89 -32.48 2.60
C ALA C 7 -8.57 -32.52 3.98
N CYS C 8 -9.67 -33.15 4.00
CA CYS C 8 -10.46 -33.29 5.15
C CYS C 8 -9.75 -34.02 6.21
N LEU C 9 -9.11 -35.10 5.86
CA LEU C 9 -8.35 -35.83 6.81
C LEU C 9 -7.14 -35.09 7.26
N PHE C 10 -6.58 -34.23 6.45
CA PHE C 10 -5.44 -33.48 6.85
C PHE C 10 -5.77 -32.38 7.83
N VAL C 11 -6.96 -31.86 7.83
CA VAL C 11 -7.44 -30.88 8.75
C VAL C 11 -7.81 -31.67 10.00
N LEU C 12 -8.49 -32.78 9.88
CA LEU C 12 -8.85 -33.52 11.07
C LEU C 12 -7.68 -34.05 11.78
N GLY C 13 -6.60 -34.42 11.10
CA GLY C 13 -5.36 -34.81 11.66
C GLY C 13 -4.56 -33.65 12.19
N GLY C 14 -4.84 -32.46 11.81
CA GLY C 14 -4.23 -31.29 12.36
C GLY C 14 -4.70 -31.10 13.80
N TYR C 15 -5.92 -31.46 14.13
CA TYR C 15 -6.53 -31.30 15.43
C TYR C 15 -6.21 -32.40 16.26
N ALA C 16 -6.17 -33.59 15.72
CA ALA C 16 -5.80 -34.77 16.42
C ALA C 16 -4.37 -34.75 16.77
N ALA C 17 -3.53 -34.16 15.95
CA ALA C 17 -2.14 -34.05 16.20
C ALA C 17 -1.90 -33.23 17.38
N LEU C 18 -2.43 -32.03 17.43
CA LEU C 18 -2.35 -31.08 18.54
C LEU C 18 -2.77 -31.60 19.88
N TRP C 19 -3.90 -32.23 19.98
CA TRP C 19 -4.41 -32.90 21.21
C TRP C 19 -3.37 -33.87 21.75
N GLY C 20 -2.73 -34.66 20.89
CA GLY C 20 -1.74 -35.69 21.25
C GLY C 20 -0.53 -35.00 21.85
N ILE C 21 -0.08 -33.95 21.29
CA ILE C 21 0.95 -33.16 21.77
C ILE C 21 0.64 -32.63 23.12
N ILE C 22 -0.53 -32.08 23.30
CA ILE C 22 -1.00 -31.56 24.51
C ILE C 22 -1.14 -32.68 25.50
N LYS C 23 -1.57 -33.85 25.14
CA LYS C 23 -1.64 -34.93 26.05
C LYS C 23 -0.35 -35.40 26.58
N PHE C 24 0.72 -35.32 25.80
CA PHE C 24 2.03 -35.66 26.15
C PHE C 24 2.58 -34.66 27.12
N VAL C 25 2.39 -33.41 26.90
CA VAL C 25 2.80 -32.43 27.87
C VAL C 25 2.11 -32.57 29.18
N VAL C 26 0.84 -32.85 29.22
CA VAL C 26 0.09 -32.95 30.50
C VAL C 26 0.59 -34.17 31.27
N ALA C 27 0.66 -35.34 30.68
CA ALA C 27 1.15 -36.49 31.36
C ALA C 27 2.58 -36.43 31.84
N ASN C 28 3.46 -35.81 31.12
CA ASN C 28 4.83 -35.79 31.49
C ASN C 28 5.26 -34.67 32.35
N THR C 29 4.35 -33.91 32.87
CA THR C 29 4.54 -32.80 33.74
C THR C 29 3.48 -32.82 34.75
N LYS C 30 3.08 -34.00 35.08
CA LYS C 30 2.21 -34.16 36.19
C LYS C 30 3.09 -33.97 37.36
N ASP C 31 2.60 -33.36 38.39
CA ASP C 31 3.45 -33.02 39.54
C ASP C 31 4.48 -31.87 39.42
N ILE C 32 4.27 -30.93 38.50
CA ILE C 32 5.01 -29.70 38.35
C ILE C 32 3.81 -28.78 38.14
N ALA C 33 3.53 -27.85 39.03
CA ALA C 33 2.39 -27.00 38.82
C ALA C 33 2.35 -25.87 37.85
N ALA C 34 3.40 -25.19 37.44
CA ALA C 34 3.29 -23.95 36.51
C ALA C 34 2.75 -22.69 37.14
N ASN C 35 3.48 -22.25 38.15
CA ASN C 35 3.18 -21.09 38.89
C ASN C 35 4.12 -19.98 38.44
N MET D 1 22.98 -32.43 -3.86
CA MET D 1 23.47 -33.37 -2.88
C MET D 1 24.37 -32.64 -1.97
N TRP D 2 25.26 -31.88 -2.57
CA TRP D 2 26.16 -31.09 -1.84
C TRP D 2 25.67 -29.68 -1.86
N ASN D 3 24.76 -29.32 -2.73
CA ASN D 3 24.29 -27.97 -2.74
C ASN D 3 23.30 -27.90 -1.72
N VAL D 4 22.54 -28.95 -1.61
CA VAL D 4 21.49 -29.00 -0.64
C VAL D 4 22.01 -28.90 0.82
N VAL D 5 23.00 -29.65 1.19
CA VAL D 5 23.62 -29.61 2.47
C VAL D 5 24.14 -28.21 2.78
N GLY D 6 24.75 -27.52 1.83
CA GLY D 6 25.27 -26.19 1.93
C GLY D 6 24.23 -25.15 2.16
N GLN D 7 23.06 -25.35 1.69
CA GLN D 7 21.99 -24.49 1.78
C GLN D 7 21.31 -24.66 3.12
N ILE D 8 21.21 -25.87 3.66
CA ILE D 8 20.68 -26.19 4.90
C ILE D 8 21.55 -25.56 5.95
N ILE D 9 22.85 -25.58 5.81
CA ILE D 9 23.69 -24.90 6.72
C ILE D 9 23.49 -23.38 6.72
N SER D 10 23.31 -22.70 5.61
CA SER D 10 23.01 -21.29 5.66
C SER D 10 21.73 -20.89 6.30
N VAL D 11 20.65 -21.61 6.09
CA VAL D 11 19.34 -21.46 6.61
C VAL D 11 19.35 -21.67 8.12
N LEU D 12 20.10 -22.63 8.63
CA LEU D 12 20.23 -22.90 10.05
C LEU D 12 20.84 -21.72 10.68
N CYS D 13 22.00 -21.30 10.19
CA CYS D 13 22.64 -20.08 10.66
C CYS D 13 21.73 -18.87 10.67
N PHE D 14 20.90 -18.64 9.65
CA PHE D 14 19.98 -17.57 9.63
C PHE D 14 18.94 -17.67 10.74
N PHE D 15 18.33 -18.79 10.93
CA PHE D 15 17.43 -19.05 12.04
C PHE D 15 18.17 -18.86 13.36
N ILE D 16 19.42 -19.21 13.54
CA ILE D 16 20.13 -19.03 14.77
C ILE D 16 20.45 -17.57 15.04
N LEU D 17 20.69 -16.82 14.02
CA LEU D 17 20.95 -15.47 14.14
C LEU D 17 19.74 -14.62 14.28
N THR D 18 18.66 -14.88 13.59
CA THR D 18 17.47 -14.06 13.74
C THR D 18 16.67 -14.41 14.98
N VAL D 19 16.50 -15.66 15.36
CA VAL D 19 15.76 -15.97 16.56
C VAL D 19 16.62 -15.61 17.73
N GLY D 20 17.87 -15.86 17.61
CA GLY D 20 18.82 -15.55 18.61
C GLY D 20 18.85 -14.11 18.91
N THR D 21 18.76 -13.25 17.91
CA THR D 21 18.77 -11.80 18.00
C THR D 21 17.50 -11.31 18.61
N LEU D 22 16.36 -11.76 18.15
CA LEU D 22 15.12 -11.47 18.80
C LEU D 22 15.05 -11.73 20.28
N PHE D 23 15.62 -12.79 20.81
CA PHE D 23 15.57 -13.07 22.22
C PHE D 23 16.50 -12.20 22.97
N GLY D 24 17.56 -11.78 22.35
CA GLY D 24 18.43 -10.82 22.91
C GLY D 24 17.76 -9.49 23.00
N ILE D 25 16.90 -9.11 22.13
CA ILE D 25 16.18 -7.91 22.26
C ILE D 25 15.31 -7.97 23.47
N VAL D 26 14.63 -9.06 23.77
CA VAL D 26 13.81 -9.28 24.95
C VAL D 26 14.62 -9.23 26.22
N TYR D 27 15.75 -9.89 26.30
CA TYR D 27 16.59 -9.86 27.43
C TYR D 27 17.04 -8.43 27.69
N VAL D 28 17.44 -7.71 26.69
CA VAL D 28 17.85 -6.38 26.85
C VAL D 28 16.71 -5.49 27.26
N SER D 29 15.52 -5.73 26.76
CA SER D 29 14.38 -5.01 27.17
C SER D 29 14.23 -5.31 28.66
N HIS D 30 14.26 -6.55 29.08
CA HIS D 30 14.18 -6.89 30.46
C HIS D 30 15.21 -6.22 31.39
N LEU D 31 16.50 -6.19 31.07
CA LEU D 31 17.51 -5.55 31.89
C LEU D 31 17.34 -4.07 32.06
N LEU D 32 16.88 -3.39 31.04
CA LEU D 32 16.67 -1.95 31.11
C LEU D 32 15.55 -1.71 32.03
N SER D 33 14.35 -2.09 31.64
CA SER D 33 13.16 -1.92 32.43
C SER D 33 13.26 -2.35 33.84
N ARG D 34 13.87 -3.50 34.11
CA ARG D 34 14.08 -3.93 35.48
C ARG D 34 15.34 -4.70 35.83
N GLY D 35 15.18 -5.91 36.33
CA GLY D 35 16.32 -6.71 36.75
C GLY D 35 17.53 -6.78 35.85
N ASP E 1 24.12 -6.26 33.44
CA ASP E 1 24.03 -7.21 34.49
C ASP E 1 23.98 -8.67 33.83
N ILE E 2 24.30 -8.77 32.51
CA ILE E 2 24.32 -10.02 31.68
C ILE E 2 24.76 -11.40 32.31
N SER E 3 24.18 -12.51 31.88
CA SER E 3 24.62 -13.79 32.37
C SER E 3 25.75 -14.27 31.55
N LYS E 4 26.29 -15.37 32.00
CA LYS E 4 27.32 -16.05 31.28
C LYS E 4 26.61 -16.62 30.12
N VAL E 5 25.49 -17.30 30.39
CA VAL E 5 24.66 -17.91 29.38
C VAL E 5 24.36 -17.03 28.18
N ALA E 6 24.01 -15.76 28.43
CA ALA E 6 23.78 -14.72 27.47
C ALA E 6 25.06 -14.24 26.76
N TRP E 7 26.20 -14.28 27.43
CA TRP E 7 27.45 -13.83 26.83
C TRP E 7 27.88 -14.73 25.80
N ALA E 8 27.73 -15.99 26.16
CA ALA E 8 27.99 -17.13 25.37
C ALA E 8 27.04 -17.20 24.21
N TRP E 9 25.81 -16.73 24.33
CA TRP E 9 24.95 -16.79 23.20
C TRP E 9 25.47 -15.77 22.24
N PHE E 10 25.81 -14.58 22.77
CA PHE E 10 26.38 -13.45 22.05
C PHE E 10 27.71 -13.79 21.37
N GLY E 11 28.51 -14.68 21.91
CA GLY E 11 29.72 -15.03 21.24
C GLY E 11 29.36 -15.90 20.08
N VAL E 12 28.41 -16.79 20.27
CA VAL E 12 28.00 -17.70 19.20
C VAL E 12 27.37 -16.94 18.05
N LEU E 13 26.63 -15.88 18.32
CA LEU E 13 26.14 -15.10 17.20
C LEU E 13 27.23 -14.22 16.63
N LEU E 14 28.35 -13.98 17.28
CA LEU E 14 29.40 -13.16 16.69
C LEU E 14 30.20 -13.97 15.67
N ALA E 15 30.25 -15.25 15.90
CA ALA E 15 30.95 -16.24 15.12
C ALA E 15 30.30 -16.43 13.78
N ILE E 16 29.00 -16.73 13.77
CA ILE E 16 28.17 -16.86 12.56
C ILE E 16 28.35 -15.64 11.73
N CYS E 17 28.26 -14.46 12.35
CA CYS E 17 28.48 -13.23 11.69
C CYS E 17 29.78 -13.11 11.02
N LEU E 18 30.88 -13.33 11.72
CA LEU E 18 32.14 -13.21 11.09
C LEU E 18 32.40 -14.33 10.11
N ILE E 19 32.02 -15.57 10.40
CA ILE E 19 32.17 -16.67 9.43
C ILE E 19 31.49 -16.23 8.13
N GLY E 20 30.25 -15.78 8.18
CA GLY E 20 29.63 -15.23 7.01
C GLY E 20 30.39 -14.15 6.27
N ALA E 21 31.09 -13.26 6.96
CA ALA E 21 31.76 -12.13 6.34
C ALA E 21 32.99 -12.55 5.62
N PHE E 22 33.78 -13.37 6.27
CA PHE E 22 34.92 -14.00 5.70
C PHE E 22 34.57 -14.71 4.39
N GLY E 23 33.53 -15.48 4.35
CA GLY E 23 33.15 -16.13 3.12
C GLY E 23 32.75 -15.15 2.05
N ASN E 24 32.07 -14.07 2.37
CA ASN E 24 31.61 -13.02 1.45
C ASN E 24 32.78 -12.15 0.93
N TYR E 25 33.61 -11.66 1.83
CA TYR E 25 34.70 -10.79 1.41
C TYR E 25 36.11 -11.36 1.20
N VAL E 26 36.35 -12.64 1.44
CA VAL E 26 37.72 -13.11 1.26
C VAL E 26 38.07 -13.56 -0.10
N PRO E 27 37.17 -14.26 -0.80
CA PRO E 27 37.55 -14.61 -2.15
C PRO E 27 37.55 -13.44 -3.10
N LYS E 28 36.70 -12.46 -2.83
CA LYS E 28 36.55 -11.31 -3.68
C LYS E 28 37.67 -10.37 -3.66
N LEU E 29 38.19 -10.15 -2.48
CA LEU E 29 39.23 -9.20 -2.38
C LEU E 29 40.62 -9.73 -2.26
N PHE E 30 40.86 -11.01 -2.56
CA PHE E 30 42.17 -11.73 -2.48
C PHE E 30 42.40 -12.76 -3.53
N VAL E 31 41.33 -13.21 -4.14
CA VAL E 31 41.23 -14.22 -5.20
C VAL E 31 41.63 -15.61 -4.83
N LYS E 32 41.27 -16.00 -3.60
CA LYS E 32 41.59 -17.31 -2.99
C LYS E 32 40.43 -17.93 -2.31
N MET E 33 40.49 -19.22 -2.01
CA MET E 33 39.43 -19.94 -1.31
C MET E 33 38.23 -19.72 -2.21
N LEU E 34 38.42 -20.20 -3.43
CA LEU E 34 37.50 -20.04 -4.52
C LEU E 34 36.20 -20.77 -4.50
N MET E 35 35.89 -21.55 -3.49
CA MET E 35 34.62 -22.22 -3.36
C MET E 35 33.45 -21.26 -2.98
N PHE E 36 33.77 -20.07 -2.48
CA PHE E 36 32.78 -19.14 -2.01
C PHE E 36 32.72 -17.86 -2.79
N LEU E 37 33.36 -17.88 -3.88
CA LEU E 37 33.38 -16.76 -4.72
C LEU E 37 32.10 -16.62 -5.59
N ASN E 38 31.63 -15.39 -5.80
CA ASN E 38 30.38 -15.12 -6.57
C ASN E 38 30.55 -13.83 -7.42
N UNK F 1 14.65 -5.79 12.48
CA UNK F 1 14.62 -5.15 11.19
C UNK F 1 15.96 -5.26 10.45
N UNK F 2 16.37 -4.13 9.91
CA UNK F 2 17.52 -3.83 9.10
C UNK F 2 18.81 -4.61 8.73
N UNK F 3 19.46 -4.00 7.77
CA UNK F 3 20.80 -4.39 7.34
C UNK F 3 21.30 -3.46 6.44
N UNK F 4 22.47 -3.75 6.07
CA UNK F 4 23.23 -3.13 5.09
C UNK F 4 24.30 -4.06 4.81
N UNK F 5 25.10 -3.65 3.91
CA UNK F 5 26.21 -4.38 3.53
C UNK F 5 27.05 -3.54 2.84
N UNK F 6 28.29 -3.63 3.13
CA UNK F 6 29.23 -2.86 2.48
C UNK F 6 29.45 -3.51 1.15
N UNK F 7 29.45 -2.74 0.11
CA UNK F 7 29.67 -3.19 -1.23
C UNK F 7 31.11 -3.22 -1.52
N UNK F 8 31.56 -4.19 -2.25
CA UNK F 8 32.95 -4.28 -2.59
C UNK F 8 33.15 -4.74 -3.97
N UNK F 9 33.99 -4.08 -4.74
CA UNK F 9 34.31 -4.53 -6.10
C UNK F 9 35.32 -5.64 -5.98
N UNK F 10 35.06 -6.77 -6.62
CA UNK F 10 35.88 -7.97 -6.68
C UNK F 10 37.19 -7.69 -7.30
N UNK F 11 38.21 -8.35 -6.90
CA UNK F 11 39.52 -8.15 -7.52
C UNK F 11 39.94 -9.20 -8.58
N UNK F 12 39.05 -9.85 -9.29
CA UNK F 12 39.42 -10.98 -10.19
C UNK F 12 40.47 -11.00 -11.30
N UNK F 13 40.55 -9.94 -12.07
CA UNK F 13 41.37 -9.63 -13.25
C UNK F 13 40.45 -9.71 -14.41
N UNK F 14 40.43 -8.66 -15.19
CA UNK F 14 39.63 -8.63 -16.35
C UNK F 14 39.80 -9.85 -17.30
N UNK F 15 38.74 -10.07 -18.04
CA UNK F 15 38.51 -11.19 -18.86
C UNK F 15 39.46 -11.87 -19.80
N UNK F 16 40.73 -11.52 -19.87
CA UNK F 16 41.88 -11.93 -20.68
C UNK F 16 41.89 -10.98 -21.84
N UNK F 17 41.95 -11.39 -23.11
CA UNK F 17 41.97 -10.50 -24.29
C UNK F 17 41.79 -11.40 -25.52
N UNK F 18 40.74 -11.27 -26.31
CA UNK F 18 40.54 -12.18 -27.43
C UNK F 18 41.42 -12.10 -28.64
N UNK F 19 42.22 -11.04 -28.81
CA UNK F 19 43.15 -10.84 -29.95
C UNK F 19 44.53 -11.53 -29.84
N ALA G 1 7.05 4.88 36.42
CA ALA G 1 8.17 5.67 36.94
C ALA G 1 9.07 4.77 37.75
N ASN G 2 9.53 3.73 37.10
CA ASN G 2 10.36 2.71 37.71
C ASN G 2 10.95 1.81 36.66
N GLY G 3 10.38 1.86 35.48
CA GLY G 3 10.85 1.00 34.44
C GLY G 3 11.85 1.69 33.60
N VAL G 4 11.55 1.74 32.32
CA VAL G 4 12.49 2.29 31.34
C VAL G 4 12.45 3.80 31.29
N LYS G 5 11.43 4.43 31.91
CA LYS G 5 11.30 5.87 31.96
C LYS G 5 12.48 6.63 32.45
N ARG G 6 13.33 6.11 33.30
CA ARG G 6 14.48 6.81 33.73
C ARG G 6 15.70 6.64 32.85
N TRP G 7 15.57 6.27 31.58
CA TRP G 7 16.75 6.13 30.79
C TRP G 7 16.70 7.21 29.80
N TYR G 8 15.56 7.47 29.15
CA TYR G 8 15.52 8.56 28.17
C TYR G 8 15.11 9.89 28.76
N GLN G 9 15.32 10.05 30.04
CA GLN G 9 15.03 11.24 30.82
C GLN G 9 16.18 11.40 31.81
N LYS G 10 17.34 10.85 31.55
CA LYS G 10 18.41 10.98 32.51
C LYS G 10 19.09 12.34 32.55
N LEU G 11 18.89 13.13 31.48
CA LEU G 11 19.53 14.43 31.38
C LEU G 11 18.66 15.54 31.13
N GLU G 12 17.95 15.94 32.14
CA GLU G 12 16.96 16.98 32.11
C GLU G 12 17.35 18.37 32.60
N LEU G 13 16.59 19.38 32.23
CA LEU G 13 16.80 20.80 32.48
C LEU G 13 16.16 21.24 33.74
N PRO G 14 16.65 22.24 34.38
CA PRO G 14 17.78 23.06 34.08
C PRO G 14 19.09 22.44 34.33
N MET G 15 20.13 22.91 33.72
CA MET G 15 21.49 22.45 33.90
C MET G 15 22.36 23.64 34.07
N PRO G 16 23.53 23.52 34.68
CA PRO G 16 24.56 24.55 34.75
C PRO G 16 25.09 24.90 33.37
N PRO G 17 25.60 26.11 33.16
CA PRO G 17 26.12 26.45 31.83
C PRO G 17 27.34 25.69 31.37
N GLU G 18 28.34 25.38 32.18
CA GLU G 18 29.50 24.70 31.68
C GLU G 18 29.12 23.37 31.14
N ARG G 19 28.03 22.82 31.60
CA ARG G 19 27.60 21.56 31.14
C ARG G 19 26.92 21.67 29.84
N ILE G 20 26.12 22.70 29.59
CA ILE G 20 25.55 22.88 28.29
C ILE G 20 26.65 23.20 27.28
N PHE G 21 27.58 24.05 27.62
CA PHE G 21 28.60 24.59 26.73
C PHE G 21 29.57 23.53 26.27
N GLY G 22 30.10 22.77 27.19
CA GLY G 22 31.03 21.76 26.81
C GLY G 22 30.41 20.66 26.00
N ALA G 23 29.20 20.24 26.34
CA ALA G 23 28.47 19.24 25.55
C ALA G 23 28.15 19.70 24.12
N HIS G 24 27.75 20.95 23.92
CA HIS G 24 27.58 21.48 22.57
C HIS G 24 28.92 21.52 21.83
N MET G 25 29.96 21.98 22.47
CA MET G 25 31.26 21.98 21.83
C MET G 25 31.74 20.58 21.45
N MET G 26 31.40 19.59 22.24
CA MET G 26 31.75 18.25 21.85
C MET G 26 30.91 17.76 20.69
N LEU G 27 29.63 18.08 20.65
CA LEU G 27 28.83 17.73 19.48
C LEU G 27 29.31 18.42 18.22
N ILE G 28 29.67 19.69 18.31
CA ILE G 28 30.28 20.35 17.16
C ILE G 28 31.51 19.57 16.68
N GLY G 29 32.45 19.27 17.56
CA GLY G 29 33.58 18.48 17.15
C GLY G 29 33.27 17.12 16.55
N GLY G 30 32.31 16.42 17.11
CA GLY G 30 31.87 15.20 16.51
C GLY G 30 31.23 15.36 15.14
N LEU G 31 30.40 16.36 14.96
CA LEU G 31 29.83 16.61 13.64
C LEU G 31 30.89 17.03 12.60
N ALA G 32 31.96 17.71 13.01
CA ALA G 32 33.05 17.98 12.07
C ALA G 32 33.89 16.73 11.73
N CYS G 33 34.00 15.76 12.62
CA CYS G 33 34.68 14.52 12.23
C CYS G 33 33.84 13.70 11.24
N LEU G 34 32.53 13.64 11.45
CA LEU G 34 31.61 12.99 10.52
C LEU G 34 31.61 13.62 9.13
N ILE G 35 31.61 14.94 9.03
CA ILE G 35 31.69 15.60 7.73
C ILE G 35 33.06 15.34 7.08
N GLY G 36 34.14 15.37 7.84
CA GLY G 36 35.39 14.85 7.36
C GLY G 36 35.24 13.57 6.58
N THR G 37 34.65 12.55 7.20
CA THR G 37 34.48 11.29 6.49
C THR G 37 33.59 11.46 5.27
N TYR G 38 32.66 12.38 5.25
CA TYR G 38 31.83 12.51 4.06
C TYR G 38 32.64 13.07 2.88
N PHE G 39 33.59 13.95 3.14
CA PHE G 39 34.56 14.34 2.13
C PHE G 39 35.33 13.15 1.57
N PHE G 40 35.80 12.24 2.42
CA PHE G 40 36.43 11.02 1.88
C PHE G 40 35.46 10.22 1.02
N ALA G 41 34.23 10.12 1.44
CA ALA G 41 33.22 9.39 0.72
C ALA G 41 32.81 10.04 -0.59
N SER G 42 33.28 11.22 -0.92
CA SER G 42 32.95 11.93 -2.13
C SER G 42 34.00 11.84 -3.22
N MET G 43 35.14 11.21 -3.00
CA MET G 43 36.17 11.11 -4.01
C MET G 43 35.72 10.29 -5.20
N THR G 44 36.48 10.40 -6.27
CA THR G 44 35.94 10.02 -7.57
C THR G 44 36.06 8.54 -7.85
N MET G 45 36.71 7.78 -7.00
CA MET G 45 36.74 6.34 -7.20
C MET G 45 35.50 5.65 -6.64
N TRP G 46 34.62 6.35 -5.93
CA TRP G 46 33.50 5.64 -5.32
C TRP G 46 32.25 5.69 -6.20
N ASN G 47 31.45 4.65 -6.13
CA ASN G 47 30.09 4.67 -6.61
C ASN G 47 29.31 5.92 -6.15
N ASP G 48 28.34 6.29 -6.93
CA ASP G 48 27.32 7.21 -6.45
C ASP G 48 26.49 6.55 -5.37
N GLY G 49 26.18 7.32 -4.35
CA GLY G 49 25.22 6.94 -3.34
C GLY G 49 24.50 8.16 -2.84
N TYR G 50 23.57 8.00 -1.93
CA TYR G 50 22.81 9.17 -1.52
C TYR G 50 23.57 10.14 -0.60
N VAL G 51 24.65 9.75 0.06
CA VAL G 51 25.43 10.71 0.84
C VAL G 51 26.27 11.63 -0.05
N ASN G 52 27.08 11.08 -0.93
CA ASN G 52 28.01 11.88 -1.74
C ASN G 52 27.30 12.65 -2.84
N LEU G 53 26.13 12.21 -3.21
CA LEU G 53 25.30 12.94 -4.11
C LEU G 53 24.62 14.12 -3.48
N THR G 54 24.21 14.06 -2.19
CA THR G 54 23.63 15.26 -1.61
C THR G 54 24.70 16.30 -1.39
N LEU G 55 25.94 15.89 -1.24
CA LEU G 55 26.98 16.92 -1.16
C LEU G 55 27.49 17.45 -2.49
N ARG G 56 27.48 16.70 -3.58
CA ARG G 56 28.12 17.14 -4.82
C ARG G 56 27.67 18.47 -5.46
N PRO G 57 26.39 18.80 -5.68
CA PRO G 57 26.06 20.13 -6.21
C PRO G 57 26.70 21.32 -5.52
N ARG G 58 26.73 21.32 -4.21
CA ARG G 58 27.42 22.31 -3.44
C ARG G 58 28.95 22.26 -3.57
N LEU G 59 29.53 21.11 -3.51
CA LEU G 59 30.95 20.99 -3.77
C LEU G 59 31.37 21.48 -5.15
N ILE G 60 30.56 21.23 -6.19
CA ILE G 60 30.75 21.83 -7.50
C ILE G 60 30.68 23.35 -7.44
N SER G 61 29.59 23.90 -6.94
CA SER G 61 29.46 25.35 -6.78
C SER G 61 30.62 25.98 -6.03
N LEU G 62 31.22 25.31 -5.06
CA LEU G 62 32.39 25.87 -4.41
C LEU G 62 33.69 25.72 -5.21
N GLY G 63 33.70 24.97 -6.27
CA GLY G 63 34.87 24.72 -7.03
C GLY G 63 35.81 23.68 -6.50
N ILE G 64 35.43 22.98 -5.45
CA ILE G 64 36.24 21.92 -4.88
C ILE G 64 36.17 20.68 -5.75
N TYR G 65 34.98 20.30 -6.13
CA TYR G 65 34.74 19.22 -7.05
C TYR G 65 34.69 19.75 -8.46
N ASP G 66 35.69 19.45 -9.25
CA ASP G 66 35.75 19.87 -10.65
C ASP G 66 35.03 18.87 -11.52
N PRO G 67 33.98 19.26 -12.22
CA PRO G 67 33.28 18.31 -13.09
C PRO G 67 34.05 17.82 -14.31
N TYR G 68 35.06 18.52 -14.80
CA TYR G 68 35.70 18.17 -16.06
C TYR G 68 37.17 17.92 -15.90
N ASP G 69 37.56 17.18 -14.91
CA ASP G 69 38.95 16.99 -14.59
C ASP G 69 39.22 15.49 -14.57
N THR G 70 40.00 15.02 -15.51
CA THR G 70 40.29 13.61 -15.62
C THR G 70 41.76 13.30 -15.43
N GLU G 71 42.63 14.28 -15.42
CA GLU G 71 44.05 13.99 -15.45
C GLU G 71 44.48 13.33 -14.15
N GLN G 72 45.19 12.23 -14.24
CA GLN G 72 45.63 11.52 -13.06
C GLN G 72 46.90 12.11 -12.54
N ILE G 73 47.07 12.15 -11.26
CA ILE G 73 48.20 12.74 -10.56
C ILE G 73 49.07 11.61 -10.04
N GLN G 74 50.39 11.83 -10.14
CA GLN G 74 51.40 10.89 -9.77
C GLN G 74 52.55 11.35 -8.89
N ARG G 75 52.52 12.56 -8.34
CA ARG G 75 53.63 13.01 -7.47
C ARG G 75 53.33 14.15 -6.48
N VAL G 76 52.56 15.15 -6.92
CA VAL G 76 52.13 16.40 -6.22
C VAL G 76 53.01 17.15 -5.27
N TRP G 77 53.19 16.59 -4.07
CA TRP G 77 54.02 17.24 -3.06
C TRP G 77 55.39 16.55 -2.85
N LEU G 78 55.55 15.83 -1.75
CA LEU G 78 56.80 15.16 -1.50
C LEU G 78 57.14 14.19 -2.60
N PRO G 79 58.42 14.17 -3.00
CA PRO G 79 59.14 13.39 -4.03
C PRO G 79 58.75 11.94 -4.22
N LEU G 80 58.60 11.47 -5.45
CA LEU G 80 58.29 10.07 -5.78
C LEU G 80 57.09 9.34 -5.13
N ILE G 81 55.90 9.35 -5.74
CA ILE G 81 54.76 8.68 -5.11
C ILE G 81 53.73 7.80 -5.89
N GLY G 82 54.24 6.87 -6.70
CA GLY G 82 53.46 5.81 -7.32
C GLY G 82 52.42 5.21 -6.37
N GLU G 83 52.87 4.66 -5.25
CA GLU G 83 52.05 4.29 -4.11
C GLU G 83 52.96 3.78 -3.01
N PHE G 84 52.53 3.92 -1.74
CA PHE G 84 53.39 3.63 -0.59
C PHE G 84 52.75 2.60 0.35
N SER G 85 53.27 2.54 1.58
CA SER G 85 52.51 2.03 2.73
C SER G 85 51.31 2.97 2.90
N THR G 86 50.22 2.45 3.43
CA THR G 86 48.89 2.59 2.78
C THR G 86 48.91 3.94 2.07
N SER G 87 48.66 3.92 0.76
CA SER G 87 49.71 4.26 -0.18
C SER G 87 49.68 5.68 -0.74
N LYS G 88 50.70 6.50 -0.47
CA LYS G 88 50.80 7.87 -0.98
C LYS G 88 49.67 8.72 -0.41
N LEU G 89 48.59 8.06 -0.05
CA LEU G 89 47.64 8.46 0.96
C LEU G 89 47.25 7.15 1.63
N PRO G 90 46.97 7.09 2.93
CA PRO G 90 46.55 5.81 3.52
C PRO G 90 45.40 5.16 2.77
N PHE G 91 45.69 4.06 2.10
CA PHE G 91 44.72 3.16 1.45
C PHE G 91 44.12 3.73 0.18
N PHE G 92 44.26 5.01 -0.08
CA PHE G 92 43.80 5.64 -1.31
C PHE G 92 44.81 5.52 -2.40
N GLY G 93 45.69 4.53 -2.35
CA GLY G 93 46.85 4.54 -3.21
C GLY G 93 46.71 3.62 -4.39
N GLN G 94 46.04 2.49 -4.17
CA GLN G 94 45.63 1.62 -5.26
C GLN G 94 44.70 2.30 -6.24
N TYR G 95 44.27 3.52 -5.95
CA TYR G 95 43.34 4.10 -6.89
C TYR G 95 44.02 5.19 -7.70
N PRO G 96 43.53 5.46 -8.89
CA PRO G 96 43.99 6.63 -9.63
C PRO G 96 43.31 7.89 -9.11
N LEU G 97 44.09 8.93 -8.88
CA LEU G 97 43.55 10.12 -8.26
C LEU G 97 43.75 11.36 -9.12
N THR G 98 42.75 12.21 -9.12
CA THR G 98 42.78 13.52 -9.74
C THR G 98 42.97 14.61 -8.71
N MET G 99 43.08 15.84 -9.18
CA MET G 99 43.20 16.99 -8.32
C MET G 99 42.01 17.18 -7.41
N THR G 100 40.81 16.87 -7.88
CA THR G 100 39.67 17.02 -7.01
C THR G 100 39.64 15.95 -5.92
N ASP G 101 40.34 14.84 -6.09
CA ASP G 101 40.45 13.90 -4.97
C ASP G 101 41.35 14.47 -3.91
N PHE G 102 42.38 15.19 -4.31
CA PHE G 102 43.27 15.77 -3.35
C PHE G 102 42.62 16.90 -2.62
N ARG G 103 41.87 17.73 -3.32
CA ARG G 103 41.15 18.76 -2.61
C ARG G 103 40.19 18.14 -1.61
N LEU G 104 39.59 17.02 -1.96
CA LEU G 104 38.58 16.44 -1.13
C LEU G 104 39.20 15.80 0.08
N PHE G 105 40.38 15.22 -0.11
CA PHE G 105 41.15 14.67 0.98
C PHE G 105 41.69 15.77 1.87
N GLY G 106 42.14 16.87 1.31
CA GLY G 106 42.56 17.98 2.14
C GLY G 106 41.46 18.50 3.03
N TRP G 107 40.29 18.71 2.48
CA TRP G 107 39.19 19.27 3.26
C TRP G 107 38.67 18.28 4.27
N GLY G 108 38.72 17.00 3.93
CA GLY G 108 38.38 15.93 4.84
C GLY G 108 39.30 15.80 6.03
N CYS G 109 40.54 15.94 5.86
CA CYS G 109 41.50 15.95 6.91
C CYS G 109 41.38 17.09 7.81
N PHE G 110 41.26 18.30 7.33
CA PHE G 110 41.00 19.48 8.12
C PHE G 110 39.80 19.28 9.02
N HIS G 111 38.64 18.92 8.51
CA HIS G 111 37.48 18.63 9.25
C HIS G 111 37.77 17.66 10.39
N ILE G 112 38.46 16.58 10.17
CA ILE G 112 38.80 15.63 11.18
C ILE G 112 39.75 16.13 12.18
N GLY G 113 40.74 16.89 11.79
CA GLY G 113 41.64 17.50 12.74
C GLY G 113 40.99 18.53 13.65
N LEU G 114 40.28 19.48 13.06
CA LEU G 114 39.56 20.51 13.81
C LEU G 114 38.41 19.95 14.62
N GLY G 115 37.77 18.93 14.13
CA GLY G 115 36.80 18.22 14.95
C GLY G 115 37.36 17.54 16.17
N LEU G 116 38.42 16.76 16.03
CA LEU G 116 39.02 16.09 17.18
C LEU G 116 39.47 17.08 18.22
N TRP G 117 40.03 18.19 17.79
CA TRP G 117 40.48 19.17 18.76
C TRP G 117 39.30 19.90 19.40
N LEU G 118 38.21 20.05 18.70
CA LEU G 118 37.06 20.67 19.31
C LEU G 118 36.44 19.74 20.32
N VAL G 119 36.45 18.43 20.05
CA VAL G 119 35.98 17.44 21.01
C VAL G 119 36.79 17.50 22.29
N TYR G 120 38.11 17.60 22.18
CA TYR G 120 38.94 17.67 23.37
C TYR G 120 38.64 18.92 24.17
N ALA G 121 38.63 20.09 23.53
CA ALA G 121 38.41 21.36 24.23
C ALA G 121 37.00 21.43 24.85
N GLY G 122 36.08 20.74 24.25
CA GLY G 122 34.77 20.65 24.78
C GLY G 122 34.69 19.80 26.01
N ALA G 123 35.43 18.70 26.03
CA ALA G 123 35.57 17.90 27.23
C ALA G 123 36.36 18.61 28.31
N ALA G 124 37.29 19.45 27.96
CA ALA G 124 37.91 20.29 28.97
C ALA G 124 36.91 21.19 29.69
N HIS G 125 35.94 21.78 29.00
CA HIS G 125 34.93 22.56 29.73
C HIS G 125 33.94 21.66 30.45
N TYR G 126 33.47 20.62 29.81
CA TYR G 126 32.48 19.73 30.38
C TYR G 126 32.96 19.03 31.63
N TYR G 127 34.07 18.34 31.61
CA TYR G 127 34.58 17.62 32.75
C TYR G 127 35.24 18.53 33.63
N GLY G 128 35.75 19.63 33.15
CA GLY G 128 36.44 20.57 33.98
C GLY G 128 35.66 21.29 35.00
N ALA G 129 34.37 21.43 34.77
CA ALA G 129 33.45 22.05 35.71
C ALA G 129 33.43 21.18 36.98
N ARG G 130 33.19 19.89 36.83
CA ARG G 130 33.24 18.92 37.92
C ARG G 130 34.53 18.72 38.63
N GLY G 131 35.52 19.55 38.50
CA GLY G 131 36.79 19.33 39.10
C GLY G 131 37.73 18.50 38.28
N GLY G 132 37.26 17.64 37.37
CA GLY G 132 38.03 16.78 36.51
C GLY G 132 37.46 15.38 36.49
N ALA G 133 38.08 14.49 35.82
CA ALA G 133 37.58 13.13 35.71
C ALA G 133 38.72 12.14 35.45
N THR G 134 38.39 10.87 35.33
CA THR G 134 39.40 9.84 35.07
C THR G 134 39.20 9.22 33.71
N ILE G 135 40.27 8.67 33.15
CA ILE G 135 40.13 8.00 31.86
C ILE G 135 39.09 6.90 31.94
N GLY G 136 38.82 6.40 33.14
CA GLY G 136 37.89 5.30 33.26
C GLY G 136 36.46 5.78 33.33
N GLU G 137 36.25 7.00 33.82
CA GLU G 137 34.90 7.55 33.80
C GLU G 137 34.61 8.22 32.48
N ILE G 138 35.62 8.74 31.81
CA ILE G 138 35.37 9.43 30.55
C ILE G 138 34.91 8.46 29.51
N PHE G 139 35.65 7.38 29.47
CA PHE G 139 35.42 6.35 28.52
C PHE G 139 34.58 5.27 29.05
N TRP G 140 34.66 4.97 30.33
CA TRP G 140 33.83 3.94 30.99
C TRP G 140 33.78 2.45 30.58
N LEU G 141 34.32 2.08 29.42
CA LEU G 141 34.32 0.75 28.94
C LEU G 141 35.72 0.28 28.94
N LEU G 142 36.51 0.71 29.91
CA LEU G 142 37.89 0.31 30.00
C LEU G 142 38.15 -0.45 31.26
N PRO G 143 37.16 -0.49 32.14
CA PRO G 143 37.34 -1.29 33.34
C PRO G 143 37.44 -2.75 32.90
N TYR G 144 36.55 -3.16 32.00
CA TYR G 144 36.50 -4.51 31.47
C TYR G 144 37.39 -4.72 30.24
N VAL G 145 38.64 -4.30 30.33
CA VAL G 145 39.64 -4.48 29.31
C VAL G 145 40.82 -4.59 30.22
N PRO G 146 40.88 -5.68 30.99
CA PRO G 146 41.96 -5.89 31.95
C PRO G 146 43.35 -5.69 31.34
N GLY G 147 44.19 -5.09 32.15
CA GLY G 147 45.53 -4.74 31.75
C GLY G 147 45.39 -3.27 32.02
N LEU G 148 44.81 -2.58 31.04
CA LEU G 148 44.61 -1.15 31.11
C LEU G 148 43.75 -0.72 32.28
N LYS G 149 44.38 -0.69 33.45
CA LYS G 149 43.74 -0.27 34.69
C LYS G 149 44.68 0.67 35.45
N GLY G 150 45.95 0.65 35.06
CA GLY G 150 46.93 1.53 35.65
C GLY G 150 46.88 2.87 34.95
N LEU G 151 46.33 2.90 33.74
CA LEU G 151 46.19 4.13 32.99
C LEU G 151 44.71 4.47 32.88
N CYS G 152 43.96 4.05 33.89
CA CYS G 152 42.55 4.29 33.95
C CYS G 152 42.26 4.78 35.36
N GLN G 153 43.21 5.48 35.94
CA GLN G 153 43.12 6.02 37.28
C GLN G 153 43.72 7.39 37.20
N ILE G 154 44.32 7.69 36.06
CA ILE G 154 44.85 8.98 35.81
C ILE G 154 43.69 9.97 35.77
N LYS G 155 43.86 11.14 36.31
CA LYS G 155 42.81 12.15 36.33
C LYS G 155 43.10 13.18 35.24
N TRP G 156 42.10 13.57 34.47
CA TRP G 156 42.33 14.57 33.45
C TRP G 156 41.50 15.80 33.74
N PHE G 157 41.81 16.89 33.05
CA PHE G 157 41.00 18.11 33.06
C PHE G 157 40.90 18.73 34.43
N THR G 158 41.95 18.65 35.17
CA THR G 158 41.92 19.09 36.54
C THR G 158 42.20 20.57 36.66
N PRO G 159 41.96 21.17 37.83
CA PRO G 159 42.06 22.61 37.94
C PRO G 159 43.46 23.15 37.96
N GLU G 160 44.43 22.45 38.46
CA GLU G 160 45.73 23.08 38.61
C GLU G 160 46.77 22.30 37.86
N GLY G 161 46.34 21.43 36.97
CA GLY G 161 47.23 20.46 36.40
C GLY G 161 48.27 21.16 35.60
N PRO G 162 49.32 20.46 35.25
CA PRO G 162 50.21 20.96 34.21
C PRO G 162 49.36 21.23 32.99
N TRP G 163 49.75 22.21 32.22
CA TRP G 163 48.98 22.70 31.11
C TRP G 163 48.27 21.77 30.21
N TYR G 164 48.75 20.58 30.08
CA TYR G 164 48.22 19.72 29.04
C TYR G 164 47.14 18.85 29.60
N LYS G 165 46.88 18.91 30.89
CA LYS G 165 45.69 18.24 31.37
C LYS G 165 44.82 19.15 32.21
N VAL G 166 44.98 20.46 32.09
CA VAL G 166 44.08 21.33 32.85
C VAL G 166 42.67 21.22 32.31
N GLY G 167 41.71 21.67 33.11
CA GLY G 167 40.33 21.83 32.73
C GLY G 167 39.92 23.26 32.85
N LEU G 168 39.22 23.59 33.91
CA LEU G 168 38.79 24.96 34.20
C LEU G 168 39.38 25.45 35.50
N PRO G 169 40.52 26.13 35.54
CA PRO G 169 41.19 26.34 36.83
C PRO G 169 40.38 27.09 37.90
N TRP G 170 39.45 28.00 37.58
CA TRP G 170 38.58 28.58 38.59
C TRP G 170 37.28 27.85 38.69
N GLY G 171 37.19 26.65 38.18
CA GLY G 171 36.04 25.86 38.51
C GLY G 171 34.80 26.01 37.69
N SER G 172 34.48 27.20 37.23
CA SER G 172 33.23 27.48 36.52
C SER G 172 33.35 28.86 35.93
N PHE G 173 32.51 29.14 34.93
CA PHE G 173 32.50 30.46 34.32
C PHE G 173 32.32 31.52 35.37
N ALA G 174 31.45 31.30 36.35
CA ALA G 174 31.06 32.38 37.24
C ALA G 174 32.20 32.78 38.16
N ASN G 175 33.01 31.85 38.62
CA ASN G 175 34.21 32.21 39.37
C ASN G 175 35.37 32.73 38.55
N THR G 176 35.32 32.74 37.31
CA THR G 176 36.65 33.14 36.84
C THR G 176 36.71 34.63 36.71
N PRO G 177 37.69 35.22 37.21
CA PRO G 177 37.69 36.67 37.40
C PRO G 177 38.15 37.43 36.18
N TRP G 178 37.58 37.13 35.04
CA TRP G 178 37.87 37.91 33.86
C TRP G 178 36.70 38.85 33.63
N PRO G 179 36.92 40.15 33.58
CA PRO G 179 35.78 41.06 33.45
C PRO G 179 35.11 41.07 32.11
N ILE G 180 35.75 40.65 31.04
CA ILE G 180 35.06 40.70 29.76
C ILE G 180 33.87 39.76 29.74
N LEU G 181 33.84 38.80 30.64
CA LEU G 181 32.87 37.73 30.59
C LEU G 181 31.51 38.16 31.11
N ARG G 182 30.47 37.77 30.42
CA ARG G 182 29.13 38.20 30.77
C ARG G 182 28.49 37.21 31.71
N ARG G 183 27.68 37.74 32.63
CA ARG G 183 27.21 37.01 33.79
C ARG G 183 25.80 36.46 33.67
N THR G 184 24.99 36.90 32.73
CA THR G 184 23.67 36.30 32.59
C THR G 184 23.47 35.89 31.16
N TYR G 185 22.30 35.36 30.86
CA TYR G 185 22.00 34.88 29.53
C TYR G 185 21.56 35.99 28.59
N ALA G 186 20.86 37.00 29.08
CA ALA G 186 20.61 38.24 28.34
C ALA G 186 21.89 38.98 27.97
N ASP G 187 22.68 39.27 28.99
CA ASP G 187 23.98 39.84 28.74
C ASP G 187 24.75 39.05 27.72
N ALA G 188 24.75 37.74 27.80
CA ALA G 188 25.49 36.93 26.87
C ALA G 188 24.91 36.94 25.48
N LEU G 189 23.65 37.29 25.31
CA LEU G 189 23.17 37.40 23.95
C LEU G 189 24.01 38.38 23.17
N SER G 190 24.56 39.31 23.80
CA SER G 190 25.41 40.15 22.92
C SER G 190 26.76 39.63 22.35
N PRO G 191 27.64 39.01 23.17
CA PRO G 191 28.86 38.42 22.60
C PRO G 191 28.63 37.26 21.67
N HIS G 192 27.60 36.46 21.88
CA HIS G 192 27.13 35.44 20.97
C HIS G 192 26.80 35.93 19.56
N THR G 193 26.17 37.08 19.41
CA THR G 193 25.86 37.55 18.07
C THR G 193 27.03 38.30 17.47
N ILE G 194 27.96 38.78 18.27
CA ILE G 194 29.22 39.18 17.69
C ILE G 194 30.03 37.97 17.19
N TYR G 195 30.05 36.85 17.92
CA TYR G 195 30.76 35.65 17.52
C TYR G 195 30.21 35.09 16.23
N ILE G 196 28.89 35.07 16.10
CA ILE G 196 28.31 34.63 14.86
C ILE G 196 28.67 35.58 13.70
N GLY G 197 28.61 36.88 13.91
CA GLY G 197 29.05 37.75 12.86
C GLY G 197 30.44 37.45 12.36
N LEU G 198 31.34 37.12 13.28
CA LEU G 198 32.71 36.71 12.94
C LEU G 198 32.77 35.39 12.16
N LEU G 199 31.89 34.45 12.45
CA LEU G 199 31.91 33.23 11.66
C LEU G 199 31.55 33.51 10.21
N PHE G 200 30.62 34.44 9.99
CA PHE G 200 30.36 34.92 8.64
C PHE G 200 31.62 35.49 8.01
N PHE G 201 32.32 36.36 8.71
CA PHE G 201 33.49 37.00 8.13
C PHE G 201 34.54 35.97 7.76
N ILE G 202 34.66 34.92 8.56
CA ILE G 202 35.59 33.83 8.28
C ILE G 202 35.20 33.11 6.99
N TRP G 203 33.91 32.77 6.82
CA TRP G 203 33.48 32.10 5.61
C TRP G 203 33.72 32.92 4.35
N GLY G 204 33.62 34.24 4.44
CA GLY G 204 33.85 35.08 3.29
C GLY G 204 35.32 35.26 2.98
N PHE G 205 36.15 35.24 3.96
CA PHE G 205 37.56 35.26 3.67
C PHE G 205 38.03 33.96 3.07
N VAL G 206 37.50 32.84 3.51
CA VAL G 206 37.77 31.56 2.91
C VAL G 206 37.26 31.46 1.49
N LEU G 207 36.03 31.88 1.25
CA LEU G 207 35.52 31.99 -0.11
C LEU G 207 36.41 32.87 -0.97
N TRP G 208 36.79 34.02 -0.51
CA TRP G 208 37.55 34.94 -1.34
C TRP G 208 38.95 34.44 -1.64
N PHE G 209 39.72 34.11 -0.62
CA PHE G 209 41.15 33.92 -0.75
C PHE G 209 41.60 32.49 -0.67
N VAL G 210 40.75 31.55 -0.30
CA VAL G 210 41.13 30.15 -0.30
C VAL G 210 40.40 29.39 -1.39
N LEU G 211 39.19 29.74 -1.65
CA LEU G 211 38.48 29.12 -2.73
C LEU G 211 38.47 29.98 -3.96
N ASP G 212 38.83 31.25 -3.84
CA ASP G 212 39.06 32.12 -4.99
C ASP G 212 37.74 32.54 -5.65
N LYS G 213 36.76 32.82 -4.82
CA LYS G 213 35.50 33.42 -5.26
C LYS G 213 35.46 34.79 -4.64
N PRO G 214 35.87 35.83 -5.36
CA PRO G 214 35.79 37.15 -4.81
C PRO G 214 34.35 37.62 -4.73
N PRO G 215 34.07 38.54 -3.87
CA PRO G 215 32.72 39.04 -3.79
C PRO G 215 32.37 40.06 -4.86
N VAL G 216 31.15 40.10 -5.29
CA VAL G 216 30.65 41.11 -6.16
C VAL G 216 30.76 42.39 -5.41
N PRO G 217 31.25 43.43 -6.02
CA PRO G 217 31.57 43.68 -7.39
C PRO G 217 33.00 43.61 -7.72
N LEU G 218 33.77 42.82 -7.04
CA LEU G 218 35.13 42.68 -7.25
C LEU G 218 35.42 41.40 -7.97
N GLN G 219 34.50 40.87 -8.74
CA GLN G 219 34.71 39.67 -9.52
C GLN G 219 35.77 39.87 -10.62
N PRO G 220 36.48 38.81 -10.97
CA PRO G 220 37.47 38.89 -12.05
C PRO G 220 36.87 39.09 -13.43
N ALA G 221 37.62 39.80 -14.25
CA ALA G 221 37.28 39.95 -15.65
C ALA G 221 37.38 38.67 -16.46
N GLN G 222 38.23 37.73 -16.09
CA GLN G 222 38.38 36.46 -16.79
C GLN G 222 38.57 35.32 -15.81
N VAL G 223 38.27 34.11 -16.24
CA VAL G 223 38.54 32.95 -15.42
C VAL G 223 39.12 31.83 -16.27
N MET G 224 39.83 30.93 -15.61
CA MET G 224 40.36 29.74 -16.25
C MET G 224 39.32 28.64 -16.37
N THR G 225 39.21 28.08 -17.54
CA THR G 225 38.26 27.02 -17.84
C THR G 225 38.99 25.87 -18.54
N PRO G 226 38.37 24.69 -18.64
CA PRO G 226 38.96 23.61 -19.43
C PRO G 226 39.30 23.97 -20.84
N ASN G 227 38.74 25.05 -21.39
CA ASN G 227 39.19 25.58 -22.66
C ASN G 227 40.02 26.84 -22.55
N GLY G 228 40.82 27.02 -21.53
CA GLY G 228 41.64 28.20 -21.51
C GLY G 228 40.99 29.30 -20.73
N LEU G 229 41.47 30.52 -20.95
CA LEU G 229 41.12 31.67 -20.14
C LEU G 229 40.04 32.47 -20.88
N MET G 230 38.93 32.72 -20.22
CA MET G 230 37.69 33.16 -20.82
C MET G 230 37.10 34.33 -20.07
N PRO G 231 36.46 35.25 -20.76
CA PRO G 231 35.71 36.31 -20.06
C PRO G 231 34.63 35.71 -19.19
N LEU G 232 34.49 36.26 -17.97
CA LEU G 232 33.62 35.78 -16.89
C LEU G 232 32.20 35.56 -17.33
N GLU G 233 31.73 36.38 -18.23
CA GLU G 233 30.34 36.31 -18.61
C GLU G 233 30.06 35.24 -19.65
N GLN G 234 31.08 34.68 -20.28
CA GLN G 234 30.97 33.60 -21.21
C GLN G 234 31.51 32.27 -20.74
N ALA G 235 32.27 32.27 -19.71
CA ALA G 235 32.77 31.07 -19.11
C ALA G 235 31.61 30.32 -18.49
N PRO G 236 31.45 29.03 -18.74
CA PRO G 236 30.30 28.29 -18.22
C PRO G 236 30.31 28.05 -16.72
N PHE G 237 29.19 27.53 -16.21
CA PHE G 237 28.76 27.79 -14.84
C PHE G 237 29.80 27.52 -13.80
N PRO G 238 30.42 26.34 -13.69
CA PRO G 238 31.23 26.18 -12.48
C PRO G 238 32.33 27.19 -12.48
N TYR G 239 32.83 27.54 -13.64
CA TYR G 239 33.93 28.47 -13.77
C TYR G 239 33.49 29.91 -13.81
N GLY G 240 32.43 30.26 -14.52
CA GLY G 240 31.99 31.62 -14.69
C GLY G 240 30.50 31.77 -14.57
N TRP G 241 29.97 32.82 -15.11
CA TRP G 241 28.59 33.15 -14.98
C TRP G 241 27.68 32.69 -16.08
N PHE G 242 28.14 32.01 -17.07
CA PHE G 242 27.22 31.63 -18.13
C PHE G 242 26.56 30.28 -17.80
N ASP G 243 25.27 30.29 -17.64
CA ASP G 243 24.52 29.07 -17.43
C ASP G 243 24.37 28.29 -18.74
N PRO G 244 24.90 27.08 -18.86
CA PRO G 244 24.78 26.36 -20.12
C PRO G 244 23.40 25.76 -20.33
N TYR G 245 22.72 25.30 -19.31
CA TYR G 245 21.48 24.58 -19.46
C TYR G 245 20.28 25.46 -19.61
N LEU G 246 20.40 26.75 -19.39
CA LEU G 246 19.41 27.73 -19.74
C LEU G 246 19.94 28.71 -20.76
N ASN G 247 21.22 28.72 -20.95
CA ASN G 247 21.82 29.44 -22.05
C ASN G 247 21.64 30.93 -21.87
N GLN G 248 22.00 31.43 -20.68
CA GLN G 248 21.94 32.84 -20.33
C GLN G 248 22.98 33.18 -19.30
N VAL G 249 23.40 34.43 -19.29
CA VAL G 249 24.23 34.97 -18.24
C VAL G 249 23.44 34.99 -16.95
N MET G 250 24.06 34.58 -15.86
CA MET G 250 23.42 34.53 -14.56
C MET G 250 23.48 35.90 -13.91
N HIS G 251 22.40 36.26 -13.21
CA HIS G 251 22.43 37.39 -12.29
C HIS G 251 23.66 37.27 -11.39
N PRO G 252 24.29 38.38 -11.01
CA PRO G 252 25.45 38.31 -10.12
C PRO G 252 25.22 37.75 -8.73
N MET G 253 24.04 37.87 -8.15
CA MET G 253 23.68 37.27 -6.87
C MET G 253 23.14 35.86 -6.97
N ASN G 254 23.06 35.31 -8.14
CA ASN G 254 22.79 33.92 -8.37
C ASN G 254 24.08 33.10 -8.50
N THR G 255 25.20 33.59 -8.07
CA THR G 255 26.50 32.95 -8.25
C THR G 255 27.16 32.78 -6.89
N ILE G 256 28.17 31.94 -6.78
CA ILE G 256 28.79 31.86 -5.46
C ILE G 256 29.48 33.14 -5.04
N ASN G 257 29.79 34.01 -5.99
CA ASN G 257 30.34 35.32 -5.69
C ASN G 257 29.32 36.17 -4.98
N GLY G 258 28.08 36.04 -5.40
CA GLY G 258 27.00 36.71 -4.70
C GLY G 258 26.93 36.34 -3.25
N GLU G 259 27.18 35.08 -2.98
CA GLU G 259 27.30 34.48 -1.67
C GLU G 259 28.49 35.01 -0.89
N THR G 260 29.64 35.23 -1.49
CA THR G 260 30.66 35.83 -0.65
C THR G 260 30.40 37.31 -0.35
N THR G 261 29.64 38.03 -1.19
CA THR G 261 29.33 39.40 -0.80
C THR G 261 28.30 39.44 0.33
N MET G 262 27.37 38.52 0.32
CA MET G 262 26.45 38.42 1.43
C MET G 262 27.13 37.97 2.70
N CYS G 263 28.19 37.22 2.65
CA CYS G 263 28.96 36.92 3.85
C CYS G 263 29.39 38.19 4.54
N PHE G 264 29.92 39.11 3.77
CA PHE G 264 30.35 40.32 4.43
C PHE G 264 29.20 41.20 4.89
N VAL G 265 28.09 41.21 4.14
CA VAL G 265 26.90 41.95 4.52
C VAL G 265 26.33 41.43 5.83
N TRP G 266 26.01 40.15 5.89
CA TRP G 266 25.44 39.56 7.09
C TRP G 266 26.34 39.71 8.28
N GLY G 267 27.63 39.51 8.09
CA GLY G 267 28.58 39.69 9.14
C GLY G 267 28.59 41.06 9.73
N VAL G 268 28.59 42.10 8.91
CA VAL G 268 28.49 43.46 9.45
C VAL G 268 27.20 43.68 10.22
N LEU G 269 26.08 43.18 9.72
CA LEU G 269 24.85 43.37 10.45
C LEU G 269 24.88 42.75 11.85
N PHE G 270 25.24 41.47 11.96
CA PHE G 270 25.38 40.72 13.21
C PHE G 270 26.37 41.33 14.18
N VAL G 271 27.48 41.82 13.69
CA VAL G 271 28.41 42.49 14.58
C VAL G 271 27.83 43.79 15.11
N ALA G 272 27.08 44.52 14.30
CA ALA G 272 26.53 45.76 14.81
C ALA G 272 25.41 45.54 15.83
N LEU G 273 24.51 44.60 15.58
CA LEU G 273 23.49 44.18 16.51
C LEU G 273 24.07 43.67 17.83
N GLY G 274 25.18 42.96 17.78
CA GLY G 274 25.86 42.60 19.00
C GLY G 274 26.46 43.77 19.73
N ALA G 275 27.02 44.73 19.00
CA ALA G 275 27.50 45.92 19.68
C ALA G 275 26.38 46.71 20.32
N TYR G 276 25.24 46.78 19.68
CA TYR G 276 24.12 47.45 20.29
C TYR G 276 23.72 46.74 21.57
N TRP G 277 23.53 45.43 21.53
CA TRP G 277 23.13 44.73 22.72
C TRP G 277 24.19 44.71 23.78
N TRP G 278 25.41 45.07 23.48
CA TRP G 278 26.40 45.14 24.53
C TRP G 278 26.15 46.30 25.47
N TYR G 279 25.58 47.39 24.99
CA TYR G 279 25.21 48.51 25.81
C TYR G 279 23.79 48.48 26.31
N ARG G 280 22.90 47.88 25.56
CA ARG G 280 21.50 47.71 25.88
C ARG G 280 21.06 46.26 25.81
N PRO G 281 21.39 45.46 26.78
CA PRO G 281 20.92 44.09 26.78
C PRO G 281 19.43 44.02 27.04
N PRO G 282 18.76 42.95 26.62
CA PRO G 282 17.37 42.77 27.02
C PRO G 282 17.15 42.84 28.51
N ARG G 283 16.06 43.49 28.90
CA ARG G 283 15.84 43.71 30.30
C ARG G 283 14.41 43.56 30.81
N SER G 284 13.39 43.54 29.98
CA SER G 284 12.06 43.65 30.55
C SER G 284 11.68 42.47 31.38
N ILE G 285 10.79 42.73 32.34
CA ILE G 285 10.23 41.71 33.21
C ILE G 285 9.57 40.62 32.43
N ASN G 286 9.15 40.91 31.23
CA ASN G 286 8.56 39.91 30.41
C ASN G 286 9.54 38.82 30.06
N ILE G 287 10.81 39.00 30.30
CA ILE G 287 11.80 38.12 29.74
C ILE G 287 12.67 37.49 30.78
N THR G 288 12.59 37.92 32.04
CA THR G 288 13.56 37.44 33.02
C THR G 288 13.25 36.06 33.60
N HIS G 289 12.09 35.50 33.36
CA HIS G 289 11.99 34.08 33.64
C HIS G 289 12.76 33.21 32.64
N LEU G 290 13.19 33.73 31.50
CA LEU G 290 13.91 32.96 30.52
C LEU G 290 15.35 32.67 30.91
N GLU G 291 15.91 33.29 31.93
CA GLU G 291 17.15 32.79 32.52
C GLU G 291 17.10 31.32 33.00
N ASP G 292 15.96 30.74 33.31
CA ASP G 292 15.88 29.31 33.57
C ASP G 292 16.02 28.57 32.24
N THR G 293 16.94 27.62 32.13
CA THR G 293 17.22 27.04 30.81
C THR G 293 16.12 26.15 30.33
N LYS G 294 15.33 25.58 31.21
CA LYS G 294 14.10 24.90 30.85
C LYS G 294 13.10 25.78 30.06
N ALA G 295 12.92 27.05 30.45
CA ALA G 295 12.06 27.96 29.71
C ALA G 295 12.67 28.42 28.37
N VAL G 296 13.91 28.90 28.34
CA VAL G 296 14.44 29.27 27.05
C VAL G 296 14.55 28.10 26.11
N PHE G 297 14.66 26.89 26.64
CA PHE G 297 14.72 25.73 25.77
C PHE G 297 13.50 25.65 24.89
N HIS G 298 12.33 26.01 25.39
CA HIS G 298 11.18 26.06 24.57
C HIS G 298 11.34 27.16 23.55
N VAL G 299 11.81 28.33 23.80
CA VAL G 299 11.86 29.36 22.85
C VAL G 299 12.81 28.99 21.69
N HIS G 300 13.96 28.56 22.00
CA HIS G 300 15.04 28.28 21.08
C HIS G 300 14.82 27.16 20.17
N LEU G 301 14.33 26.05 20.64
CA LEU G 301 13.97 24.93 19.92
C LEU G 301 12.80 25.16 19.00
N THR G 302 11.70 25.78 19.40
CA THR G 302 10.68 25.91 18.37
C THR G 302 11.04 27.04 17.41
N ALA G 303 11.88 27.95 17.83
CA ALA G 303 12.45 28.87 16.87
C ALA G 303 13.28 28.13 15.81
N ILE G 304 14.10 27.19 16.20
CA ILE G 304 14.94 26.52 15.22
C ILE G 304 14.07 25.73 14.28
N GLY G 305 12.96 25.20 14.76
CA GLY G 305 12.03 24.56 13.90
C GLY G 305 11.58 25.46 12.78
N TYR G 306 11.21 26.67 13.13
CA TYR G 306 10.73 27.60 12.14
C TYR G 306 11.83 27.99 11.15
N VAL G 307 13.05 28.16 11.63
CA VAL G 307 14.22 28.33 10.79
C VAL G 307 14.41 27.19 9.79
N SER G 308 14.27 25.96 10.22
CA SER G 308 14.31 24.79 9.34
C SER G 308 13.22 24.78 8.25
N PHE G 309 11.98 25.10 8.61
CA PHE G 309 10.90 25.25 7.62
C PHE G 309 11.27 26.32 6.61
N ALA G 310 11.90 27.39 7.05
CA ALA G 310 12.27 28.50 6.21
C ALA G 310 13.44 28.20 5.28
N LEU G 311 14.41 27.44 5.76
CA LEU G 311 15.42 26.85 4.91
C LEU G 311 14.83 25.98 3.83
N ALA G 312 13.94 25.07 4.18
CA ALA G 312 13.26 24.31 3.13
C ALA G 312 12.65 25.22 2.05
N ILE G 313 11.86 26.19 2.43
CA ILE G 313 11.20 27.02 1.44
C ILE G 313 12.20 27.82 0.58
N VAL G 314 13.08 28.55 1.22
CA VAL G 314 14.05 29.36 0.53
C VAL G 314 14.92 28.51 -0.38
N GLY G 315 15.45 27.41 0.14
CA GLY G 315 16.24 26.49 -0.63
C GLY G 315 15.52 25.91 -1.80
N PHE G 316 14.32 25.42 -1.61
CA PHE G 316 13.54 24.96 -2.74
C PHE G 316 13.53 25.97 -3.88
N LEU G 317 13.07 27.15 -3.65
CA LEU G 317 12.94 28.06 -4.77
C LEU G 317 14.29 28.44 -5.42
N ALA G 318 15.13 29.03 -4.59
CA ALA G 318 16.47 29.45 -4.98
C ALA G 318 17.20 28.42 -5.79
N LEU G 319 17.04 27.17 -5.51
CA LEU G 319 17.82 26.22 -6.21
C LEU G 319 17.06 25.26 -7.10
N ARG G 320 15.74 25.32 -7.23
CA ARG G 320 15.04 24.41 -8.14
C ARG G 320 15.60 24.54 -9.52
N ASN G 321 16.01 25.71 -9.92
CA ASN G 321 16.57 25.57 -11.28
C ASN G 321 18.04 25.94 -11.42
N HIS G 322 18.81 25.81 -10.47
CA HIS G 322 20.18 26.30 -10.42
C HIS G 322 21.12 25.34 -11.11
N PRO G 323 22.14 25.80 -11.84
CA PRO G 323 23.02 24.85 -12.56
C PRO G 323 23.86 23.87 -11.71
N SER G 324 23.85 23.90 -10.40
CA SER G 324 24.48 22.92 -9.51
C SER G 324 23.88 21.53 -9.62
N TYR G 325 22.60 21.51 -9.62
CA TYR G 325 21.76 20.37 -9.66
C TYR G 325 21.58 19.86 -11.09
N LEU G 326 21.37 20.75 -12.03
CA LEU G 326 21.21 20.29 -13.41
C LEU G 326 22.50 19.64 -13.94
N MET G 327 23.62 20.14 -13.45
CA MET G 327 24.90 19.51 -13.74
C MET G 327 24.96 18.07 -13.29
N LEU G 328 24.28 17.70 -12.20
CA LEU G 328 24.21 16.24 -11.94
C LEU G 328 23.52 15.47 -13.06
N ASN G 329 22.50 16.05 -13.66
CA ASN G 329 21.94 15.29 -14.79
C ASN G 329 22.93 14.99 -15.93
N ASP G 330 24.11 15.52 -16.07
CA ASP G 330 25.05 15.04 -17.11
C ASP G 330 26.18 14.20 -16.59
N MET G 331 26.17 13.69 -15.39
CA MET G 331 27.33 13.03 -14.86
C MET G 331 27.26 11.51 -14.83
N ASN G 332 26.48 10.91 -15.69
CA ASN G 332 26.20 9.53 -15.80
C ASN G 332 25.99 8.93 -14.37
N VAL G 333 24.96 9.34 -13.67
CA VAL G 333 24.72 8.93 -12.29
C VAL G 333 24.16 7.51 -12.20
N ILE G 334 24.85 6.65 -11.49
CA ILE G 334 24.48 5.27 -11.40
C ILE G 334 24.38 4.85 -9.95
N ILE G 335 23.22 4.39 -9.54
CA ILE G 335 22.97 3.98 -8.16
C ILE G 335 22.47 2.55 -8.13
N TYR G 336 23.12 1.73 -7.31
CA TYR G 336 22.91 0.30 -7.14
C TYR G 336 22.81 -0.37 -8.50
N GLY G 337 23.70 0.03 -9.35
CA GLY G 337 23.72 -0.28 -10.74
C GLY G 337 22.71 0.34 -11.67
N LYS G 338 22.13 1.52 -11.52
CA LYS G 338 20.99 1.60 -12.40
C LYS G 338 20.90 2.64 -13.52
N LYS G 339 21.00 3.93 -13.29
CA LYS G 339 20.75 5.14 -14.25
C LYS G 339 19.51 5.77 -13.82
N ILE G 340 19.53 6.97 -13.36
CA ILE G 340 18.45 7.64 -12.68
C ILE G 340 17.86 8.68 -13.59
N VAL G 341 16.53 8.79 -13.61
CA VAL G 341 15.90 9.91 -14.29
C VAL G 341 16.00 11.16 -13.44
N ASN G 342 16.66 12.17 -13.95
CA ASN G 342 16.76 13.49 -13.31
C ASN G 342 17.29 13.49 -11.88
N PRO G 343 18.48 12.95 -11.65
CA PRO G 343 19.05 12.96 -10.31
C PRO G 343 19.26 14.32 -9.69
N GLY G 344 19.53 15.37 -10.46
CA GLY G 344 19.49 16.72 -9.98
C GLY G 344 18.32 17.07 -9.11
N ARG G 345 17.14 16.95 -9.69
CA ARG G 345 15.94 17.31 -8.97
C ARG G 345 15.70 16.34 -7.84
N MET G 346 15.91 15.06 -8.02
CA MET G 346 15.77 14.11 -6.92
C MET G 346 16.54 14.53 -5.67
N ILE G 347 17.84 14.80 -5.81
CA ILE G 347 18.69 15.23 -4.72
C ILE G 347 18.23 16.53 -4.12
N HIS G 348 17.81 17.47 -4.96
CA HIS G 348 17.28 18.72 -4.48
C HIS G 348 16.04 18.46 -3.63
N ASN G 349 15.19 17.57 -4.08
CA ASN G 349 13.94 17.29 -3.39
C ASN G 349 14.18 16.71 -2.02
N MET G 350 15.25 15.92 -1.90
CA MET G 350 15.58 15.19 -0.69
C MET G 350 16.12 16.11 0.38
N ILE G 351 16.94 17.08 -0.03
CA ILE G 351 17.40 18.12 0.86
C ILE G 351 16.26 19.03 1.34
N THR G 352 15.31 19.34 0.46
CA THR G 352 14.33 20.26 0.95
C THR G 352 13.35 19.52 1.86
N PHE G 353 13.12 18.24 1.63
CA PHE G 353 12.12 17.57 2.43
C PHE G 353 12.72 17.09 3.73
N ASN G 354 14.02 17.02 3.75
CA ASN G 354 14.72 16.73 4.93
C ASN G 354 14.72 17.88 5.86
N HIS G 355 14.66 19.12 5.46
CA HIS G 355 14.57 20.26 6.23
C HIS G 355 13.21 20.56 6.73
N VAL G 356 12.21 20.18 5.95
CA VAL G 356 10.84 20.25 6.20
C VAL G 356 10.51 19.29 7.36
N GLN G 357 11.11 18.10 7.39
CA GLN G 357 10.86 17.16 8.34
C GLN G 357 11.54 17.49 9.66
N VAL G 358 12.62 18.17 9.63
CA VAL G 358 13.28 18.60 10.83
C VAL G 358 12.48 19.73 11.48
N GLY G 359 11.86 20.56 10.66
CA GLY G 359 11.06 21.69 11.08
C GLY G 359 9.83 21.33 11.87
N LEU G 360 9.06 20.42 11.30
CA LEU G 360 7.98 19.83 12.05
C LEU G 360 8.43 19.22 13.40
N LEU G 361 9.37 18.29 13.40
CA LEU G 361 9.83 17.75 14.68
C LEU G 361 10.26 18.83 15.69
N TYR G 362 11.16 19.69 15.35
CA TYR G 362 11.57 20.67 16.34
C TYR G 362 10.49 21.65 16.76
N VAL G 363 9.60 22.13 15.90
CA VAL G 363 8.48 22.93 16.38
C VAL G 363 7.67 22.16 17.40
N ALA G 364 7.24 20.96 17.06
CA ALA G 364 6.43 20.15 17.95
C ALA G 364 7.13 19.90 19.28
N ALA G 365 8.35 19.40 19.23
CA ALA G 365 9.11 19.17 20.42
C ALA G 365 9.40 20.46 21.20
N GLY G 366 9.64 21.58 20.56
CA GLY G 366 9.75 22.78 21.33
C GLY G 366 8.47 23.11 22.07
N VAL G 367 7.33 22.92 21.43
CA VAL G 367 6.12 23.23 22.14
C VAL G 367 5.90 22.29 23.32
N PHE G 368 6.11 20.98 23.17
CA PHE G 368 6.09 19.96 24.17
C PHE G 368 6.94 20.29 25.36
N HIS G 369 8.10 20.77 25.14
CA HIS G 369 9.03 21.16 26.12
C HIS G 369 8.57 22.36 26.77
N GLY G 370 7.93 23.29 26.12
CA GLY G 370 7.37 24.40 26.78
C GLY G 370 6.24 24.01 27.71
N GLY G 371 5.41 23.09 27.33
CA GLY G 371 4.37 22.49 28.11
C GLY G 371 4.89 21.84 29.36
N GLN G 372 6.07 21.28 29.30
CA GLN G 372 6.71 20.84 30.52
C GLN G 372 7.10 21.96 31.48
N TYR G 373 7.59 23.07 30.99
CA TYR G 373 7.80 24.18 31.91
C TYR G 373 6.51 24.62 32.58
N LEU G 374 5.43 24.73 31.82
CA LEU G 374 4.20 25.29 32.33
C LEU G 374 3.51 24.33 33.29
N HIS G 375 3.52 23.05 32.99
CA HIS G 375 3.05 22.07 33.95
C HIS G 375 3.82 22.13 35.25
N GLY G 376 5.13 22.24 35.18
CA GLY G 376 5.87 22.43 36.38
C GLY G 376 5.40 23.58 37.19
N LEU G 377 5.20 24.72 36.57
CA LEU G 377 4.69 25.88 37.27
C LEU G 377 3.35 25.61 37.94
N ASN G 378 2.43 24.96 37.27
CA ASN G 378 1.14 24.71 37.90
C ASN G 378 1.24 23.79 39.09
N ILE G 379 2.15 22.84 39.04
CA ILE G 379 2.07 21.78 40.00
C ILE G 379 2.81 22.16 41.28
N SER G 380 3.49 23.30 41.26
CA SER G 380 4.15 23.84 42.44
C SER G 380 3.56 25.17 42.90
N GLY G 381 2.50 25.64 42.27
CA GLY G 381 1.83 26.79 42.77
C GLY G 381 2.16 28.11 42.14
N ALA G 382 3.16 28.22 41.28
CA ALA G 382 3.66 29.54 40.91
C ALA G 382 3.22 29.94 39.52
N TYR G 383 2.38 29.16 38.90
CA TYR G 383 1.81 29.54 37.62
C TYR G 383 0.91 30.75 37.76
N LYS G 384 0.11 30.76 38.80
CA LYS G 384 -0.81 31.84 39.07
C LYS G 384 -0.13 33.13 39.41
N GLN G 385 1.17 33.15 39.56
CA GLN G 385 1.80 34.40 39.87
C GLN G 385 2.99 34.66 39.03
N ALA G 386 2.91 34.17 37.80
CA ALA G 386 3.88 34.48 36.76
C ALA G 386 3.71 35.92 36.37
N ARG G 387 4.78 36.59 36.08
CA ARG G 387 4.65 37.97 35.75
C ARG G 387 4.81 38.37 34.39
N SER G 388 5.39 37.57 33.54
CA SER G 388 5.53 38.02 32.18
C SER G 388 4.21 37.88 31.48
N LYS G 389 3.89 38.87 30.67
CA LYS G 389 2.74 38.82 29.83
C LYS G 389 2.81 37.73 28.80
N PHE G 390 3.96 37.19 28.48
CA PHE G 390 3.91 36.07 27.54
C PHE G 390 3.29 34.84 28.18
N ILE G 391 3.34 34.69 29.49
CA ILE G 391 2.53 33.70 30.14
C ILE G 391 1.12 34.20 30.38
N THR G 392 0.95 35.40 30.92
CA THR G 392 -0.35 35.81 31.46
C THR G 392 -1.34 36.17 30.37
N TRP G 393 -0.91 36.53 29.17
CA TRP G 393 -1.79 36.80 28.06
C TRP G 393 -2.70 35.66 27.74
N PHE G 394 -2.37 34.46 28.13
CA PHE G 394 -3.17 33.31 27.81
C PHE G 394 -3.69 32.54 29.02
N GLN G 395 -3.84 33.15 30.17
CA GLN G 395 -4.26 32.40 31.36
C GLN G 395 -5.76 32.21 31.44
N ASN G 396 -6.53 33.15 31.00
CA ASN G 396 -7.97 33.05 31.05
C ASN G 396 -8.47 31.78 30.33
N PRO G 397 -9.18 30.88 31.00
CA PRO G 397 -9.57 29.63 30.34
C PRO G 397 -10.58 29.80 29.25
N ASP G 398 -11.34 30.88 29.27
CA ASP G 398 -12.38 31.09 28.28
C ASP G 398 -11.81 31.61 26.97
N LEU G 399 -10.87 32.56 27.02
CA LEU G 399 -10.04 32.83 25.88
C LEU G 399 -9.38 31.55 25.33
N GLN G 400 -8.89 30.65 26.17
CA GLN G 400 -8.27 29.45 25.65
C GLN G 400 -9.26 28.61 24.83
N THR G 401 -10.51 28.44 25.32
CA THR G 401 -11.47 27.72 24.46
C THR G 401 -11.90 28.52 23.22
N LYS G 402 -11.97 29.83 23.28
CA LYS G 402 -12.25 30.57 22.06
C LYS G 402 -11.13 30.42 21.02
N ILE G 403 -9.87 30.58 21.39
CA ILE G 403 -8.76 30.37 20.47
C ILE G 403 -8.83 29.00 19.80
N VAL G 404 -8.90 27.94 20.61
CA VAL G 404 -8.86 26.59 20.09
C VAL G 404 -10.05 26.28 19.21
N GLY G 405 -11.25 26.61 19.66
CA GLY G 405 -12.43 26.31 18.89
C GLY G 405 -12.52 27.04 17.57
N THR G 406 -12.05 28.27 17.50
CA THR G 406 -12.05 28.85 16.19
C THR G 406 -10.95 28.35 15.28
N THR G 407 -9.83 27.87 15.78
CA THR G 407 -8.89 27.22 14.89
C THR G 407 -9.32 25.83 14.47
N MET G 408 -10.17 25.16 15.23
CA MET G 408 -10.85 23.98 14.74
C MET G 408 -11.86 24.32 13.67
N PHE G 409 -12.66 25.36 13.85
CA PHE G 409 -13.57 25.74 12.81
C PHE G 409 -12.83 26.11 11.53
N VAL G 410 -11.70 26.79 11.62
CA VAL G 410 -11.02 27.17 10.39
C VAL G 410 -10.43 25.95 9.70
N SER G 411 -9.83 25.07 10.48
CA SER G 411 -9.37 23.79 9.95
C SER G 411 -10.49 23.03 9.25
N PHE G 412 -11.68 22.99 9.86
CA PHE G 412 -12.78 22.20 9.37
C PHE G 412 -13.23 22.70 8.02
N VAL G 413 -13.46 23.99 7.93
CA VAL G 413 -13.91 24.56 6.69
C VAL G 413 -12.91 24.33 5.56
N THR G 414 -11.64 24.56 5.78
CA THR G 414 -10.73 24.51 4.66
C THR G 414 -10.35 23.10 4.26
N VAL G 415 -10.37 22.14 5.19
CA VAL G 415 -10.13 20.72 4.90
C VAL G 415 -11.35 20.14 4.20
N VAL G 416 -12.54 20.52 4.64
CA VAL G 416 -13.75 20.09 3.96
C VAL G 416 -13.77 20.59 2.53
N PHE G 417 -13.38 21.83 2.30
CA PHE G 417 -13.26 22.32 0.94
C PHE G 417 -12.24 21.54 0.14
N GLY G 418 -11.01 21.41 0.61
CA GLY G 418 -9.99 20.71 -0.12
C GLY G 418 -10.33 19.28 -0.45
N TYR G 419 -10.52 18.50 0.57
CA TYR G 419 -10.89 17.11 0.40
C TYR G 419 -12.19 16.94 -0.36
N GLY G 420 -13.18 17.79 -0.14
CA GLY G 420 -14.38 17.70 -0.89
C GLY G 420 -14.22 17.93 -2.38
N MET G 421 -13.42 18.90 -2.78
CA MET G 421 -13.03 19.05 -4.17
C MET G 421 -12.23 17.88 -4.73
N ILE G 422 -11.33 17.29 -3.99
CA ILE G 422 -10.63 16.14 -4.49
C ILE G 422 -11.62 15.04 -4.81
N CYS G 423 -12.54 14.80 -3.93
CA CYS G 423 -13.56 13.78 -4.14
C CYS G 423 -14.46 14.06 -5.33
N TRP G 424 -14.96 15.29 -5.48
CA TRP G 424 -15.77 15.65 -6.64
C TRP G 424 -15.06 15.33 -7.96
N ASN G 425 -13.82 15.74 -8.08
CA ASN G 425 -13.13 15.48 -9.32
C ASN G 425 -12.61 14.04 -9.49
N THR G 426 -12.47 13.23 -8.45
CA THR G 426 -12.26 11.83 -8.79
C THR G 426 -13.53 11.13 -9.22
N GLY G 427 -14.68 11.55 -8.69
CA GLY G 427 -15.94 11.18 -9.26
C GLY G 427 -16.07 11.53 -10.74
N ALA G 428 -15.65 12.73 -11.11
CA ALA G 428 -15.70 13.19 -12.51
C ALA G 428 -14.81 12.37 -13.41
N GLU G 429 -13.56 12.21 -13.02
CA GLU G 429 -12.61 11.50 -13.84
C GLU G 429 -12.97 10.04 -13.99
N LEU G 430 -13.63 9.43 -13.05
CA LEU G 430 -13.96 8.03 -13.16
C LEU G 430 -15.32 7.74 -13.79
N ASP G 431 -16.08 8.75 -14.22
CA ASP G 431 -17.45 8.74 -14.79
C ASP G 431 -18.49 7.96 -14.00
N LEU G 432 -18.42 7.94 -12.69
CA LEU G 432 -19.27 7.16 -11.78
C LEU G 432 -20.72 7.58 -11.82
N ASN G 433 -21.62 6.64 -11.87
CA ASN G 433 -23.07 6.86 -11.79
C ASN G 433 -23.51 6.63 -10.34
N PHE G 434 -24.18 7.58 -9.73
CA PHE G 434 -24.71 7.38 -8.40
C PHE G 434 -26.22 7.19 -8.45
N GLY G 435 -26.81 7.16 -9.63
CA GLY G 435 -28.24 7.05 -9.73
C GLY G 435 -28.91 8.38 -9.57
N ILE G 436 -28.57 9.04 -8.47
CA ILE G 436 -28.99 10.42 -8.23
C ILE G 436 -28.24 11.42 -9.09
N TYR G 437 -27.10 11.07 -9.67
CA TYR G 437 -26.33 11.96 -10.53
C TYR G 437 -25.31 11.15 -11.31
N GLN G 438 -24.98 11.56 -12.50
CA GLN G 438 -23.92 10.93 -13.26
C GLN G 438 -22.76 11.90 -13.36
N PHE G 439 -21.61 11.51 -12.85
CA PHE G 439 -20.35 12.23 -13.06
C PHE G 439 -19.85 12.05 -14.49
N ARG G 440 -19.32 13.10 -15.07
CA ARG G 440 -18.80 13.01 -16.44
C ARG G 440 -17.40 13.62 -16.57
N SER G 441 -16.55 12.95 -17.30
CA SER G 441 -15.14 13.20 -17.59
C SER G 441 -14.92 14.29 -18.63
N PHE G 442 -13.74 14.92 -18.62
CA PHE G 442 -13.22 15.75 -19.71
C PHE G 442 -12.92 14.89 -20.96
N ARG G 443 -13.30 15.38 -22.13
CA ARG G 443 -12.97 14.78 -23.40
C ARG G 443 -12.90 15.86 -24.42
N ALA G 444 -11.94 15.75 -25.32
CA ALA G 444 -11.59 16.77 -26.28
C ALA G 444 -11.37 16.18 -27.65
N ILE G 445 -11.90 16.81 -28.64
CA ILE G 445 -11.82 16.41 -30.04
C ILE G 445 -11.24 17.61 -30.79
N GLN G 446 -10.07 17.45 -31.42
CA GLN G 446 -9.48 18.53 -32.18
C GLN G 446 -10.35 18.98 -33.36
N MET G 447 -10.44 20.27 -33.56
CA MET G 447 -11.37 20.84 -34.51
C MET G 447 -10.70 21.55 -35.67
N ASP G 448 -9.42 21.78 -35.59
CA ASP G 448 -8.60 22.32 -36.66
C ASP G 448 -7.50 21.33 -36.98
N GLY G 449 -6.67 21.66 -37.93
CA GLY G 449 -5.74 20.67 -38.38
C GLY G 449 -6.26 19.86 -39.54
N GLU G 450 -5.71 18.67 -39.68
CA GLU G 450 -6.37 17.67 -40.51
C GLU G 450 -7.31 16.85 -39.67
N ALA G 451 -7.07 16.77 -38.37
CA ALA G 451 -8.07 16.14 -37.52
C ALA G 451 -9.39 16.87 -37.52
N GLY G 452 -9.44 18.11 -37.93
CA GLY G 452 -10.76 18.67 -37.98
C GLY G 452 -11.58 18.28 -39.16
N ASN G 453 -11.07 17.44 -40.04
CA ASN G 453 -11.77 16.90 -41.17
C ASN G 453 -12.23 15.48 -40.96
N ILE G 454 -12.13 14.94 -39.76
CA ILE G 454 -12.64 13.60 -39.46
C ILE G 454 -14.14 13.64 -39.20
N GLY G 455 -14.87 12.67 -39.70
CA GLY G 455 -16.31 12.65 -39.51
C GLY G 455 -16.80 11.88 -38.31
N TYR G 456 -17.95 12.25 -37.81
CA TYR G 456 -18.62 11.61 -36.69
C TYR G 456 -20.11 11.60 -36.90
N ARG G 457 -20.75 10.55 -36.42
CA ARG G 457 -22.22 10.51 -36.40
C ARG G 457 -22.73 11.28 -35.20
N VAL G 458 -23.69 12.15 -35.41
CA VAL G 458 -24.07 13.13 -34.40
C VAL G 458 -25.55 13.04 -34.16
N PHE G 459 -25.94 12.95 -32.89
CA PHE G 459 -27.37 13.05 -32.49
C PHE G 459 -27.56 14.49 -32.02
N ARG G 460 -28.36 15.27 -32.72
CA ARG G 460 -28.52 16.68 -32.53
C ARG G 460 -29.86 17.02 -31.92
N PRO G 461 -29.94 17.60 -30.73
CA PRO G 461 -31.24 18.08 -30.25
C PRO G 461 -31.75 19.24 -31.09
N LYS G 462 -33.06 19.39 -31.11
CA LYS G 462 -33.61 20.56 -31.78
C LYS G 462 -33.61 21.77 -30.86
N ASN G 463 -34.12 21.62 -29.68
CA ASN G 463 -34.30 22.79 -28.84
C ASN G 463 -34.20 22.34 -27.40
N PRO G 464 -32.99 22.29 -26.88
CA PRO G 464 -32.80 21.88 -25.50
C PRO G 464 -33.65 22.62 -24.50
N TRP G 465 -34.29 23.71 -24.90
CA TRP G 465 -35.00 24.58 -23.97
C TRP G 465 -36.48 24.27 -23.94
N ASP G 466 -36.95 23.59 -24.97
CA ASP G 466 -38.22 22.97 -24.74
C ASP G 466 -38.01 21.60 -24.16
N PRO G 467 -38.25 21.38 -22.87
CA PRO G 467 -38.36 20.01 -22.39
C PRO G 467 -39.52 19.40 -23.13
N THR G 468 -39.39 18.15 -23.51
CA THR G 468 -40.28 17.50 -24.47
C THR G 468 -39.93 17.90 -25.91
N ALA G 469 -38.67 18.25 -26.19
CA ALA G 469 -38.28 18.39 -27.57
C ALA G 469 -37.89 17.05 -28.19
N GLY G 470 -36.84 16.40 -27.72
CA GLY G 470 -36.25 15.32 -28.49
C GLY G 470 -35.29 15.81 -29.57
N GLY G 471 -34.64 14.88 -30.26
CA GLY G 471 -33.62 15.20 -31.26
C GLY G 471 -33.70 14.29 -32.46
N ASP G 472 -32.79 14.49 -33.41
CA ASP G 472 -32.63 13.44 -34.40
C ASP G 472 -31.17 13.27 -34.79
N TRP G 473 -30.92 12.13 -35.43
CA TRP G 473 -29.58 11.85 -35.95
C TRP G 473 -29.42 12.70 -37.18
N VAL G 474 -28.27 13.33 -37.33
CA VAL G 474 -27.97 14.08 -38.55
C VAL G 474 -27.87 13.15 -39.73
N LYS G 475 -28.54 13.50 -40.79
CA LYS G 475 -28.65 12.63 -41.93
C LYS G 475 -28.40 13.17 -43.31
N ASN G 476 -28.45 12.33 -44.30
CA ASN G 476 -28.37 12.83 -45.68
C ASN G 476 -29.81 12.98 -46.19
N PRO G 477 -30.02 13.36 -47.46
CA PRO G 477 -31.38 13.42 -47.99
C PRO G 477 -31.84 12.00 -48.38
N ASP G 478 -30.84 11.19 -48.67
CA ASP G 478 -30.84 9.81 -49.00
C ASP G 478 -31.12 8.91 -47.81
N GLY G 479 -31.27 9.43 -46.58
CA GLY G 479 -31.52 8.61 -45.42
C GLY G 479 -30.35 8.08 -44.61
N THR G 480 -29.13 8.06 -45.12
CA THR G 480 -28.09 7.50 -44.30
C THR G 480 -27.37 8.47 -43.41
N ALA G 481 -26.90 8.03 -42.29
CA ALA G 481 -26.17 8.91 -41.39
C ALA G 481 -25.13 9.78 -41.97
N LYS G 482 -25.29 11.08 -41.89
CA LYS G 482 -24.28 12.03 -42.29
C LYS G 482 -23.15 11.99 -41.29
N LEU G 483 -21.94 12.06 -41.78
CA LEU G 483 -20.76 12.22 -40.96
C LEU G 483 -20.44 13.68 -40.84
N VAL G 484 -20.50 14.22 -39.65
CA VAL G 484 -20.22 15.60 -39.41
C VAL G 484 -18.72 15.72 -39.19
N LYS G 485 -18.08 16.60 -39.90
CA LYS G 485 -16.67 16.80 -39.67
C LYS G 485 -16.44 17.59 -38.40
N ALA G 486 -15.47 17.19 -37.61
CA ALA G 486 -15.12 17.90 -36.38
C ALA G 486 -15.15 19.41 -36.47
N ARG G 487 -14.75 20.02 -37.58
CA ARG G 487 -14.86 21.46 -37.73
C ARG G 487 -16.29 21.99 -37.60
N ASN G 488 -17.30 21.18 -37.90
CA ASN G 488 -18.68 21.63 -37.87
C ASN G 488 -19.45 21.15 -36.64
N LEU G 489 -18.81 20.59 -35.65
CA LEU G 489 -19.44 20.26 -34.40
C LEU G 489 -20.04 21.50 -33.76
N GLN G 490 -21.28 21.39 -33.29
CA GLN G 490 -21.83 22.48 -32.52
C GLN G 490 -22.19 22.07 -31.12
N VAL G 491 -22.40 23.11 -30.32
CA VAL G 491 -22.66 22.97 -28.90
C VAL G 491 -24.05 22.38 -28.74
N GLY G 492 -24.12 21.28 -28.06
CA GLY G 492 -25.29 20.49 -27.88
C GLY G 492 -25.22 19.10 -28.45
N ASP G 493 -24.31 18.87 -29.37
CA ASP G 493 -24.17 17.64 -30.13
C ASP G 493 -23.77 16.44 -29.27
N ARG G 494 -24.40 15.32 -29.54
CA ARG G 494 -24.01 14.08 -28.83
C ARG G 494 -23.38 13.10 -29.81
N ILE G 495 -22.25 12.51 -29.44
CA ILE G 495 -21.57 11.50 -30.22
C ILE G 495 -21.50 10.26 -29.36
N LEU G 496 -21.74 9.13 -29.95
CA LEU G 496 -21.70 7.85 -29.27
C LEU G 496 -20.32 7.52 -28.74
N ASN G 497 -20.25 7.02 -27.51
CA ASN G 497 -18.97 6.79 -26.84
C ASN G 497 -18.17 5.73 -27.54
N GLU G 498 -18.86 4.85 -28.20
CA GLU G 498 -18.25 3.70 -28.79
C GLU G 498 -17.77 3.97 -30.21
N GLU G 499 -18.29 4.99 -30.88
CA GLU G 499 -17.63 5.57 -32.03
C GLU G 499 -16.35 6.30 -31.68
N LEU G 500 -16.15 6.70 -30.44
CA LEU G 500 -14.91 7.28 -30.00
C LEU G 500 -14.01 6.30 -29.29
N GLY G 501 -14.45 5.08 -29.06
CA GLY G 501 -13.59 4.08 -28.60
C GLY G 501 -13.57 3.91 -27.12
N ILE G 502 -14.35 4.71 -26.41
CA ILE G 502 -14.35 4.80 -24.95
C ILE G 502 -15.06 3.60 -24.34
N GLY G 503 -14.34 2.81 -23.64
CA GLY G 503 -14.89 1.69 -22.92
C GLY G 503 -14.92 1.87 -21.44
N SER G 504 -14.36 2.92 -20.96
CA SER G 504 -14.31 3.15 -19.56
C SER G 504 -15.55 3.80 -18.92
N SER G 505 -16.41 4.38 -19.67
CA SER G 505 -17.66 4.85 -19.17
C SER G 505 -18.90 4.02 -19.60
N PRO G 506 -19.13 2.73 -19.17
CA PRO G 506 -20.24 1.91 -19.65
C PRO G 506 -21.58 2.27 -19.09
N THR G 507 -21.73 3.34 -18.38
CA THR G 507 -22.93 3.63 -17.65
C THR G 507 -23.74 4.74 -18.35
N TYR G 508 -23.10 5.51 -19.21
CA TYR G 508 -23.79 6.46 -20.08
C TYR G 508 -23.34 6.27 -21.52
N SER G 509 -24.04 6.82 -22.42
CA SER G 509 -23.92 6.42 -23.81
C SER G 509 -23.25 7.43 -24.74
N PHE G 510 -23.27 8.71 -24.44
CA PHE G 510 -22.86 9.73 -25.39
C PHE G 510 -21.91 10.75 -24.77
N THR G 511 -21.02 11.28 -25.56
CA THR G 511 -20.32 12.47 -25.14
C THR G 511 -21.03 13.69 -25.69
N THR G 512 -21.18 14.69 -24.85
CA THR G 512 -21.80 15.92 -25.27
C THR G 512 -20.77 16.97 -25.55
N ILE G 513 -20.92 17.66 -26.65
CA ILE G 513 -20.04 18.77 -26.93
C ILE G 513 -20.56 19.96 -26.15
N GLU G 514 -19.75 20.48 -25.26
CA GLU G 514 -20.15 21.64 -24.48
C GLU G 514 -19.47 22.94 -24.85
N GLU G 515 -18.43 22.94 -25.65
CA GLU G 515 -17.71 24.14 -26.02
C GLU G 515 -16.95 23.89 -27.31
N ILE G 516 -17.13 24.71 -28.30
CA ILE G 516 -16.44 24.53 -29.57
C ILE G 516 -15.40 25.61 -29.76
N ASN G 517 -14.46 25.33 -30.63
CA ASN G 517 -13.31 26.18 -30.95
C ASN G 517 -12.56 26.65 -29.71
N TYR G 518 -12.32 25.74 -28.79
CA TYR G 518 -11.71 26.11 -27.55
C TYR G 518 -10.19 26.06 -27.65
N LYS G 519 -9.55 27.13 -27.25
CA LYS G 519 -8.13 27.12 -27.13
C LYS G 519 -7.74 27.27 -25.67
N PRO G 520 -7.12 26.31 -25.11
CA PRO G 520 -6.66 26.48 -23.69
C PRO G 520 -5.92 27.74 -23.34
N GLU G 521 -6.40 28.50 -22.39
CA GLU G 521 -5.63 29.62 -21.82
C GLU G 521 -4.48 28.83 -21.29
N TRP G 522 -3.25 28.94 -21.67
CA TRP G 522 -2.22 27.95 -21.19
C TRP G 522 -2.38 26.47 -21.59
N GLY G 523 -1.77 26.04 -22.65
CA GLY G 523 -1.91 24.66 -23.05
C GLY G 523 -1.43 24.48 -24.46
N GLN G 524 -1.99 23.65 -25.21
CA GLN G 524 -1.64 23.36 -26.57
C GLN G 524 -2.16 24.40 -27.55
N PRO G 525 -1.42 24.72 -28.58
CA PRO G 525 -1.93 25.68 -29.57
C PRO G 525 -2.88 25.06 -30.58
N LYS G 526 -4.02 24.61 -30.12
CA LYS G 526 -5.01 24.05 -31.04
C LYS G 526 -6.38 24.52 -30.64
N LEU G 527 -7.34 24.05 -31.38
CA LEU G 527 -8.74 24.42 -31.27
C LEU G 527 -9.50 23.14 -31.02
N TYR G 528 -10.44 23.14 -30.09
CA TYR G 528 -10.99 21.86 -29.67
C TYR G 528 -12.49 21.94 -29.49
N ALA G 529 -13.15 20.80 -29.56
CA ALA G 529 -14.48 20.58 -29.01
C ALA G 529 -14.46 19.77 -27.73
N VAL G 530 -15.14 20.23 -26.71
CA VAL G 530 -15.02 19.67 -25.38
C VAL G 530 -16.18 19.23 -24.61
N GLN G 531 -16.10 18.13 -23.96
CA GLN G 531 -17.04 17.80 -22.94
C GLN G 531 -16.27 18.21 -21.68
N TRP G 532 -16.70 19.22 -20.97
CA TRP G 532 -16.26 19.54 -19.62
C TRP G 532 -17.25 18.72 -18.84
N GLY G 533 -17.25 17.55 -18.28
CA GLY G 533 -18.48 17.00 -17.55
C GLY G 533 -18.64 17.74 -16.26
N SER G 534 -18.13 17.09 -15.26
CA SER G 534 -18.13 17.55 -13.98
C SER G 534 -16.75 18.01 -13.66
N TRP G 535 -15.78 17.98 -14.55
CA TRP G 535 -14.45 18.33 -14.26
C TRP G 535 -14.34 19.78 -14.04
N THR G 536 -13.88 20.27 -12.92
CA THR G 536 -13.94 21.69 -12.62
C THR G 536 -12.66 22.45 -12.83
N HIS G 537 -12.35 22.69 -14.04
CA HIS G 537 -11.22 23.46 -14.52
C HIS G 537 -11.18 24.87 -13.89
N PHE G 538 -12.32 25.50 -13.62
CA PHE G 538 -12.34 26.79 -12.94
C PHE G 538 -11.66 26.78 -11.58
N LEU G 539 -11.51 25.65 -10.96
CA LEU G 539 -10.98 25.53 -9.62
C LEU G 539 -9.52 25.95 -9.50
N ARG G 540 -8.75 25.95 -10.59
CA ARG G 540 -7.40 26.51 -10.62
C ARG G 540 -7.37 27.99 -10.22
N LYS G 541 -8.38 28.71 -10.43
CA LYS G 541 -8.46 30.14 -10.16
C LYS G 541 -8.91 30.47 -8.81
N VAL G 542 -9.14 29.51 -7.95
CA VAL G 542 -9.65 29.68 -6.63
C VAL G 542 -8.43 29.54 -5.73
N ASN G 543 -7.44 30.27 -6.00
CA ASN G 543 -6.07 30.20 -5.52
C ASN G 543 -5.49 31.60 -5.54
N PRO G 544 -5.25 32.23 -4.41
CA PRO G 544 -4.68 33.56 -4.43
C PRO G 544 -3.30 33.62 -5.07
N LEU G 545 -2.57 32.52 -5.05
CA LEU G 545 -1.30 32.37 -5.72
C LEU G 545 -1.36 32.24 -7.23
N PHE G 546 -2.47 31.78 -7.82
CA PHE G 546 -2.69 31.83 -9.26
C PHE G 546 -2.59 33.27 -9.73
N TRP G 547 -3.19 34.17 -8.98
CA TRP G 547 -3.48 35.51 -9.42
C TRP G 547 -2.30 36.42 -9.21
N VAL G 548 -1.56 36.24 -8.12
CA VAL G 548 -0.38 37.06 -7.91
C VAL G 548 0.68 36.74 -8.97
N ASP G 549 0.88 35.47 -9.21
CA ASP G 549 1.81 34.94 -10.18
C ASP G 549 1.43 35.38 -11.59
N LYS G 550 0.18 35.19 -11.98
CA LYS G 550 -0.11 35.58 -13.34
C LYS G 550 -0.10 37.08 -13.52
N GLY G 551 -0.50 37.87 -12.53
CA GLY G 551 -0.47 39.29 -12.69
C GLY G 551 0.93 39.81 -12.79
N ILE G 552 1.85 39.27 -12.01
CA ILE G 552 3.20 39.81 -12.04
C ILE G 552 3.87 39.42 -13.33
N TRP G 553 3.71 38.18 -13.78
CA TRP G 553 4.20 37.78 -15.03
C TRP G 553 3.61 38.54 -16.20
N TYR G 554 2.31 38.79 -16.31
CA TYR G 554 1.72 39.65 -17.30
C TYR G 554 2.37 41.02 -17.29
N LEU G 555 2.53 41.61 -16.14
CA LEU G 555 3.20 42.87 -16.08
C LEU G 555 4.63 42.83 -16.59
N GLN G 556 5.38 41.79 -16.34
CA GLN G 556 6.73 41.81 -16.87
C GLN G 556 6.80 41.52 -18.34
N ASN G 557 5.80 40.89 -18.88
CA ASN G 557 5.78 40.33 -20.22
C ASN G 557 4.66 40.90 -21.05
N GLN G 558 4.21 42.11 -20.76
CA GLN G 558 2.93 42.60 -21.24
C GLN G 558 2.81 42.60 -22.76
N LYS G 559 3.86 42.93 -23.47
CA LYS G 559 3.66 43.21 -24.87
C LYS G 559 3.89 41.99 -25.77
N THR G 560 4.69 41.02 -25.34
CA THR G 560 4.59 39.71 -25.97
C THR G 560 3.27 39.01 -25.62
N PHE G 561 2.72 39.10 -24.40
CA PHE G 561 1.35 38.68 -24.11
C PHE G 561 0.33 39.23 -25.06
N GLU G 562 0.38 40.51 -25.28
CA GLU G 562 -0.51 41.21 -26.15
C GLU G 562 -0.41 40.83 -27.61
N ALA G 563 0.78 40.72 -28.16
CA ALA G 563 0.97 40.24 -29.52
C ALA G 563 0.57 38.77 -29.68
N THR G 564 0.72 37.96 -28.65
CA THR G 564 0.33 36.57 -28.75
C THR G 564 -1.18 36.45 -28.79
N ARG G 565 -1.85 37.36 -28.11
CA ARG G 565 -3.29 37.49 -28.14
C ARG G 565 -3.81 37.93 -29.50
N LYS G 566 -3.14 38.90 -30.13
CA LYS G 566 -3.53 39.32 -31.47
C LYS G 566 -3.25 38.23 -32.51
N ALA G 567 -2.24 37.41 -32.30
CA ALA G 567 -1.99 36.35 -33.24
C ALA G 567 -3.06 35.27 -33.15
N ASP G 568 -3.34 34.77 -31.95
CA ASP G 568 -4.49 33.90 -31.77
C ASP G 568 -5.73 34.43 -32.48
N GLU G 569 -6.03 35.69 -32.27
CA GLU G 569 -7.22 36.31 -32.88
C GLU G 569 -7.24 36.20 -34.39
N ALA G 570 -6.18 36.65 -35.05
CA ALA G 570 -6.10 36.53 -36.50
C ALA G 570 -6.19 35.09 -36.95
N TYR G 571 -5.64 34.17 -36.19
CA TYR G 571 -5.71 32.78 -36.59
C TYR G 571 -7.13 32.23 -36.50
N LEU G 572 -7.80 32.40 -35.38
CA LEU G 572 -9.18 31.96 -35.29
C LEU G 572 -10.06 32.49 -36.41
N ALA G 573 -9.85 33.72 -36.83
CA ALA G 573 -10.62 34.23 -37.96
C ALA G 573 -10.28 33.52 -39.25
N ALA G 574 -9.01 33.21 -39.48
CA ALA G 574 -8.64 32.47 -40.68
C ALA G 574 -9.16 31.04 -40.65
N HIS G 575 -9.10 30.36 -39.51
CA HIS G 575 -9.68 29.03 -39.43
C HIS G 575 -11.14 29.07 -39.78
N LEU G 576 -11.89 30.01 -39.21
CA LEU G 576 -13.32 30.07 -39.45
C LEU G 576 -13.66 30.30 -40.91
N LYS G 577 -12.95 31.19 -41.56
CA LYS G 577 -13.24 31.44 -42.95
C LYS G 577 -12.81 30.28 -43.85
N ALA G 578 -11.72 29.60 -43.50
CA ALA G 578 -11.31 28.43 -44.26
C ALA G 578 -12.26 27.27 -44.06
N VAL G 579 -12.88 27.19 -42.90
CA VAL G 579 -13.89 26.17 -42.69
C VAL G 579 -15.10 26.44 -43.57
N SER G 580 -15.52 27.68 -43.73
CA SER G 580 -16.63 27.91 -44.65
C SER G 580 -16.28 27.59 -46.09
N LEU G 581 -15.06 27.86 -46.52
CA LEU G 581 -14.66 27.48 -47.86
C LEU G 581 -14.64 25.97 -48.06
N LEU G 582 -14.12 25.24 -47.08
CA LEU G 582 -14.13 23.78 -47.17
C LEU G 582 -15.56 23.28 -47.21
N ASN G 583 -16.45 23.92 -46.50
CA ASN G 583 -17.80 23.44 -46.50
C ASN G 583 -18.47 23.67 -47.84
N GLN G 584 -18.19 24.77 -48.50
CA GLN G 584 -18.77 24.97 -49.82
C GLN G 584 -18.24 23.96 -50.82
N ILE G 585 -17.01 23.53 -50.63
CA ILE G 585 -16.57 22.41 -51.47
C ILE G 585 -17.38 21.16 -51.16
N ASP G 586 -17.51 20.79 -49.90
CA ASP G 586 -18.24 19.57 -49.53
C ASP G 586 -19.64 19.56 -50.08
N ASP G 587 -20.38 20.65 -49.94
CA ASP G 587 -21.76 20.77 -50.38
C ASP G 587 -21.92 21.47 -51.70
N ALA G 588 -20.93 21.44 -52.58
CA ALA G 588 -20.97 22.34 -53.73
C ALA G 588 -22.11 21.99 -54.68
N GLN G 589 -22.38 20.70 -54.87
CA GLN G 589 -23.51 20.17 -55.64
C GLN G 589 -23.41 20.15 -57.16
N THR G 590 -22.51 20.90 -57.76
CA THR G 590 -22.34 20.79 -59.21
C THR G 590 -20.95 21.28 -59.60
N GLU G 591 -20.28 20.52 -60.45
CA GLU G 591 -18.85 20.71 -60.65
C GLU G 591 -18.50 22.15 -61.02
N GLU G 592 -19.42 22.91 -61.57
CA GLU G 592 -19.12 24.32 -61.75
C GLU G 592 -18.92 24.99 -60.40
N ALA G 593 -19.86 24.78 -59.49
CA ALA G 593 -19.73 25.25 -58.13
C ALA G 593 -18.52 24.63 -57.44
N LYS G 594 -18.23 23.38 -57.73
CA LYS G 594 -17.14 22.69 -57.03
C LYS G 594 -15.77 23.20 -57.50
N GLN G 595 -15.66 23.66 -58.75
CA GLN G 595 -14.40 24.22 -59.18
C GLN G 595 -14.22 25.58 -58.60
N LYS G 596 -15.25 26.41 -58.71
CA LYS G 596 -15.20 27.70 -58.08
C LYS G 596 -14.79 27.59 -56.61
N ALA G 597 -15.41 26.68 -55.86
CA ALA G 597 -15.07 26.53 -54.45
C ALA G 597 -13.63 26.09 -54.27
N GLN G 598 -13.21 25.07 -55.00
CA GLN G 598 -11.87 24.56 -54.79
C GLN G 598 -10.83 25.58 -55.16
N ALA G 599 -11.15 26.45 -56.09
CA ALA G 599 -10.24 27.51 -56.45
C ALA G 599 -10.21 28.59 -55.39
N GLU G 600 -11.30 28.81 -54.68
CA GLU G 600 -11.25 29.78 -53.60
C GLU G 600 -10.46 29.29 -52.41
N LEU G 601 -10.62 28.04 -52.06
CA LEU G 601 -9.81 27.49 -51.00
C LEU G 601 -8.35 27.50 -51.41
N ASP G 602 -8.06 27.16 -52.66
CA ASP G 602 -6.69 27.14 -53.15
C ASP G 602 -6.09 28.54 -53.12
N LYS G 603 -6.89 29.56 -53.28
CA LYS G 603 -6.36 30.90 -53.13
C LYS G 603 -6.25 31.41 -51.70
N PHE G 604 -6.98 30.81 -50.77
CA PHE G 604 -6.87 31.28 -49.40
C PHE G 604 -5.82 30.51 -48.63
N ARG G 605 -5.42 29.39 -49.08
CA ARG G 605 -4.51 28.62 -48.38
C ARG G 605 -3.19 29.16 -47.95
N PRO G 606 -2.45 29.86 -48.81
CA PRO G 606 -1.22 30.44 -48.34
C PRO G 606 -1.47 31.32 -47.17
N GLU G 607 -2.39 32.24 -47.23
CA GLU G 607 -2.78 33.07 -46.12
C GLU G 607 -3.25 32.35 -44.82
N LEU G 608 -3.76 31.14 -44.90
CA LEU G 608 -4.11 30.42 -43.71
C LEU G 608 -2.91 29.75 -43.10
N GLU G 609 -1.79 29.66 -43.78
CA GLU G 609 -0.63 28.99 -43.33
C GLU G 609 0.21 30.01 -42.66
N LYS G 610 0.16 31.19 -43.17
CA LYS G 610 0.83 32.30 -42.55
C LYS G 610 0.28 32.59 -41.19
N ALA G 611 -1.04 32.62 -41.05
CA ALA G 611 -1.67 32.89 -39.77
C ALA G 611 -1.41 31.79 -38.78
N HIS G 612 -1.38 30.54 -39.21
CA HIS G 612 -1.02 29.47 -38.29
C HIS G 612 0.45 29.55 -37.83
N ALA G 613 1.39 29.79 -38.72
CA ALA G 613 2.77 29.82 -38.32
C ALA G 613 3.05 31.01 -37.43
N ASN G 614 2.38 32.11 -37.71
CA ASN G 614 2.40 33.25 -36.82
C ASN G 614 1.90 32.96 -35.43
N MET G 615 0.78 32.28 -35.29
CA MET G 615 0.28 31.94 -33.99
C MET G 615 1.21 30.99 -33.27
N LEU G 616 1.63 29.93 -33.94
CA LEU G 616 2.58 29.00 -33.37
C LEU G 616 3.81 29.70 -32.80
N GLU G 617 4.39 30.61 -33.54
CA GLU G 617 5.62 31.15 -33.04
C GLU G 617 5.41 32.25 -31.99
N TRP G 618 4.29 32.95 -31.99
CA TRP G 618 4.02 33.78 -30.82
C TRP G 618 3.71 32.94 -29.57
N ASN G 619 3.00 31.86 -29.68
CA ASN G 619 2.71 31.02 -28.51
C ASN G 619 3.92 30.30 -27.98
N GLU G 620 4.93 30.12 -28.81
CA GLU G 620 6.17 29.52 -28.35
C GLU G 620 7.06 30.54 -27.70
N ARG G 621 7.06 31.74 -28.22
CA ARG G 621 7.74 32.82 -27.55
C ARG G 621 7.12 33.16 -26.21
N LEU G 622 5.80 33.12 -26.11
CA LEU G 622 5.16 33.37 -24.83
C LEU G 622 5.50 32.28 -23.82
N ALA G 623 5.63 31.05 -24.23
CA ALA G 623 5.83 29.97 -23.28
C ALA G 623 7.27 29.80 -22.86
N SER G 624 8.20 30.61 -23.35
CA SER G 624 9.53 30.62 -22.93
C SER G 624 9.92 31.87 -22.12
N THR G 625 9.02 32.60 -21.53
CA THR G 625 9.28 33.78 -20.73
C THR G 625 9.67 33.34 -19.31
N PRO G 626 10.46 34.09 -18.59
CA PRO G 626 10.88 33.62 -17.24
C PRO G 626 9.83 33.37 -16.13
N ALA G 627 9.89 32.33 -15.36
CA ALA G 627 9.00 32.11 -14.27
C ALA G 627 9.06 33.14 -13.16
N VAL G 628 8.00 33.29 -12.43
CA VAL G 628 7.83 34.09 -11.23
C VAL G 628 7.68 33.11 -10.06
N LEU G 629 6.53 32.50 -9.85
CA LEU G 629 6.37 31.51 -8.81
C LEU G 629 6.12 30.09 -9.31
N TYR G 630 5.33 29.88 -10.36
CA TYR G 630 5.07 28.55 -10.90
C TYR G 630 5.96 28.30 -12.10
N SER G 631 6.70 27.23 -12.05
CA SER G 631 7.84 27.06 -12.94
C SER G 631 7.79 25.71 -13.62
N ASN G 632 8.28 25.70 -14.83
CA ASN G 632 8.90 24.61 -15.57
C ASN G 632 10.12 23.98 -14.95
N LEU G 633 10.57 22.95 -15.60
CA LEU G 633 11.93 22.46 -15.43
C LEU G 633 12.96 23.33 -16.12
N ARG G 634 12.58 24.25 -16.99
CA ARG G 634 13.58 25.18 -17.49
C ARG G 634 13.34 26.63 -17.13
N ASP G 635 12.84 26.86 -15.93
CA ASP G 635 12.62 28.15 -15.33
C ASP G 635 11.77 29.05 -16.24
N GLN G 636 10.71 28.47 -16.76
CA GLN G 636 9.79 29.21 -17.59
C GLN G 636 8.44 29.17 -16.93
N HIS G 637 7.68 30.20 -17.16
CA HIS G 637 6.32 30.30 -16.68
C HIS G 637 5.48 29.11 -17.03
N ARG G 638 4.64 28.75 -16.08
CA ARG G 638 3.48 27.92 -16.26
C ARG G 638 2.34 28.58 -15.51
N ASP G 639 1.13 28.49 -16.04
CA ASP G 639 -0.03 28.87 -15.26
C ASP G 639 -0.20 27.97 -14.04
N GLY G 640 -0.79 28.48 -12.98
CA GLY G 640 -1.20 27.59 -11.87
C GLY G 640 -2.24 26.57 -12.28
N GLU G 641 -2.27 25.46 -11.61
CA GLU G 641 -3.06 24.31 -11.98
C GLU G 641 -4.05 23.99 -10.88
N ILE G 642 -4.93 23.04 -11.12
CA ILE G 642 -5.86 22.63 -10.08
C ILE G 642 -5.11 22.03 -8.91
N ASN G 643 -4.08 21.29 -9.23
CA ASN G 643 -3.02 20.85 -8.33
C ASN G 643 -2.44 21.95 -7.41
N ASP G 644 -2.08 23.12 -7.94
CA ASP G 644 -1.50 24.17 -7.12
C ASP G 644 -2.52 24.82 -6.21
N ALA G 645 -3.73 24.90 -6.67
CA ALA G 645 -4.80 25.46 -5.89
C ALA G 645 -5.20 24.54 -4.74
N ILE G 646 -5.23 23.23 -5.02
CA ILE G 646 -5.52 22.27 -3.96
C ILE G 646 -4.43 22.31 -2.90
N PHE G 647 -3.15 22.38 -3.33
CA PHE G 647 -2.02 22.50 -2.43
C PHE G 647 -2.07 23.76 -1.58
N PHE G 648 -2.58 24.86 -2.11
CA PHE G 648 -2.76 26.01 -1.24
C PHE G 648 -3.75 25.71 -0.11
N TRP G 649 -4.88 25.19 -0.41
CA TRP G 649 -5.86 24.93 0.59
C TRP G 649 -5.52 23.87 1.58
N LEU G 650 -4.89 22.87 1.11
CA LEU G 650 -4.40 21.83 1.97
C LEU G 650 -3.28 22.28 2.87
N MET G 651 -2.47 23.25 2.50
CA MET G 651 -1.48 23.74 3.45
C MET G 651 -2.17 24.42 4.61
N ILE G 652 -3.21 25.20 4.34
CA ILE G 652 -3.87 25.86 5.47
C ILE G 652 -4.56 24.83 6.35
N GLY G 653 -5.43 24.05 5.77
CA GLY G 653 -6.21 23.16 6.56
C GLY G 653 -5.37 22.15 7.28
N GLY G 654 -4.50 21.46 6.55
CA GLY G 654 -3.71 20.44 7.14
C GLY G 654 -2.67 20.90 8.12
N TRP G 655 -2.10 22.10 7.98
CA TRP G 655 -1.20 22.49 9.06
C TRP G 655 -1.97 22.87 10.32
N LEU G 656 -3.20 23.38 10.19
CA LEU G 656 -4.00 23.63 11.37
C LEU G 656 -4.51 22.34 12.02
N PHE G 657 -4.94 21.39 11.21
CA PHE G 657 -5.24 20.06 11.70
C PHE G 657 -4.07 19.50 12.52
N GLY G 658 -2.87 19.62 12.01
CA GLY G 658 -1.71 19.10 12.67
C GLY G 658 -1.24 19.88 13.86
N PHE G 659 -1.61 21.14 13.99
CA PHE G 659 -1.17 21.99 15.06
C PHE G 659 -2.15 22.26 16.15
N ILE G 660 -3.38 21.89 16.04
CA ILE G 660 -4.33 22.01 17.15
C ILE G 660 -3.96 21.18 18.37
N PRO G 661 -3.31 20.03 18.25
CA PRO G 661 -2.78 19.37 19.46
C PRO G 661 -1.71 20.18 20.17
N LEU G 662 -1.01 21.08 19.48
CA LEU G 662 0.05 21.86 20.12
C LEU G 662 -0.51 23.01 20.95
N LEU G 663 -1.62 23.56 20.52
CA LEU G 663 -2.38 24.52 21.28
C LEU G 663 -3.02 23.87 22.50
N ARG G 664 -3.45 22.63 22.34
CA ARG G 664 -3.89 21.90 23.51
C ARG G 664 -2.76 21.67 24.51
N ILE G 665 -1.53 21.40 24.08
CA ILE G 665 -0.40 21.31 25.01
C ILE G 665 -0.18 22.63 25.73
N ALA G 666 -0.15 23.74 24.99
CA ALA G 666 0.09 25.05 25.55
C ALA G 666 -0.97 25.53 26.53
N PHE G 667 -2.23 25.19 26.33
CA PHE G 667 -3.25 25.69 27.24
C PHE G 667 -3.71 24.65 28.24
N HIS G 668 -3.71 23.40 27.88
CA HIS G 668 -4.40 22.39 28.64
C HIS G 668 -3.46 21.37 29.25
N ASN G 669 -2.27 21.77 29.62
CA ASN G 669 -1.31 20.87 30.25
C ASN G 669 -1.70 20.47 31.66
N TYR G 670 -2.49 21.28 32.30
CA TYR G 670 -2.90 21.02 33.67
C TYR G 670 -4.40 20.79 33.78
N GLN G 671 -5.18 21.50 33.02
CA GLN G 671 -6.62 21.43 33.07
C GLN G 671 -7.14 21.85 31.73
N SER G 672 -8.00 21.06 31.20
CA SER G 672 -8.80 21.41 30.04
C SER G 672 -10.16 21.76 30.58
N PRO G 673 -11.09 22.21 29.77
CA PRO G 673 -12.43 22.49 30.31
C PRO G 673 -13.24 21.25 30.64
N TRP G 674 -12.93 20.10 30.06
CA TRP G 674 -13.52 18.80 30.39
C TRP G 674 -12.97 18.36 31.74
N TYR G 675 -11.69 18.51 31.99
CA TYR G 675 -11.14 18.21 33.31
C TYR G 675 -11.70 19.13 34.38
N ARG G 676 -11.85 20.39 34.07
CA ARG G 676 -12.25 21.41 35.03
C ARG G 676 -13.73 21.31 35.42
N ASP G 677 -14.57 20.71 34.59
CA ASP G 677 -15.94 20.44 35.02
C ASP G 677 -15.98 19.32 36.05
N PHE G 678 -15.04 18.43 36.00
CA PHE G 678 -15.03 17.30 36.90
C PHE G 678 -14.18 17.57 38.14
N GLU G 679 -13.45 18.67 38.20
CA GLU G 679 -12.31 18.87 39.12
C GLU G 679 -11.21 17.85 38.95
N TRP G 680 -10.50 17.85 37.83
CA TRP G 680 -9.56 16.75 37.78
C TRP G 680 -8.07 17.05 37.95
N ARG G 681 -7.45 17.99 37.27
CA ARG G 681 -5.99 18.18 37.46
C ARG G 681 -5.02 17.12 36.97
N LYS G 682 -4.36 17.34 35.85
CA LYS G 682 -3.47 16.35 35.34
C LYS G 682 -2.27 16.31 36.16
N GLN G 683 -1.92 15.20 36.75
CA GLN G 683 -0.80 15.18 37.65
C GLN G 683 0.60 15.06 37.14
N SER G 684 0.81 14.79 35.87
CA SER G 684 2.13 14.75 35.27
C SER G 684 2.05 14.89 33.80
N PRO G 685 3.13 15.19 33.14
CA PRO G 685 3.08 15.33 31.69
C PRO G 685 2.99 14.06 30.90
N ASP G 686 3.24 12.89 31.41
CA ASP G 686 3.19 11.73 30.55
C ASP G 686 2.26 10.57 30.92
N PHE G 687 1.35 10.72 31.85
CA PHE G 687 0.49 9.62 32.27
C PHE G 687 -0.37 9.10 31.13
N PRO G 688 -0.68 7.80 31.11
CA PRO G 688 -1.40 7.25 29.96
C PRO G 688 -2.90 7.56 29.93
N CYS G 689 -3.51 7.67 31.07
CA CYS G 689 -4.94 7.82 31.31
C CYS G 689 -5.18 7.83 32.75
N ILE G 690 -6.41 7.79 33.07
CA ILE G 690 -6.88 7.62 34.36
C ILE G 690 -8.11 6.73 34.27
N GLY G 691 -8.59 6.33 33.08
CA GLY G 691 -9.92 5.70 32.75
C GLY G 691 -9.96 4.30 32.99
N PRO G 692 -11.14 3.69 33.02
CA PRO G 692 -12.44 3.69 32.34
C PRO G 692 -13.48 4.75 32.82
N VAL G 693 -13.32 5.60 33.83
CA VAL G 693 -14.32 6.63 34.15
C VAL G 693 -14.74 7.58 33.03
N LYS G 694 -16.01 7.96 33.09
CA LYS G 694 -16.68 8.86 32.19
C LYS G 694 -16.62 8.41 30.75
N GLY G 695 -16.62 7.13 30.47
CA GLY G 695 -16.40 6.59 29.17
C GLY G 695 -14.98 6.32 28.82
N GLY G 696 -14.06 6.85 29.55
CA GLY G 696 -12.71 6.53 29.26
C GLY G 696 -11.88 7.73 28.99
N THR G 697 -10.65 7.77 29.42
CA THR G 697 -9.89 8.96 29.23
C THR G 697 -8.55 8.84 28.57
N CYS G 698 -8.28 7.86 27.72
CA CYS G 698 -6.90 7.74 27.21
C CYS G 698 -6.32 8.77 26.21
N GLY G 699 -5.30 9.54 26.60
CA GLY G 699 -4.70 10.39 25.63
C GLY G 699 -4.81 11.85 25.97
N VAL G 700 -5.09 12.18 27.22
CA VAL G 700 -5.20 13.58 27.60
C VAL G 700 -3.85 14.21 27.99
N SER G 701 -2.83 13.47 28.41
CA SER G 701 -1.56 14.07 28.81
C SER G 701 -0.87 14.83 27.68
N ILE G 702 0.14 15.56 28.07
CA ILE G 702 0.89 16.38 27.16
C ILE G 702 1.77 15.54 26.27
N GLN G 703 2.35 14.48 26.81
CA GLN G 703 3.09 13.55 26.00
C GLN G 703 2.27 12.98 24.85
N ASP G 704 1.02 12.61 25.13
CA ASP G 704 0.13 12.07 24.12
C ASP G 704 -0.29 13.09 23.08
N GLN G 705 -0.56 14.32 23.46
CA GLN G 705 -0.82 15.38 22.53
C GLN G 705 0.36 15.60 21.61
N LEU G 706 1.57 15.54 22.13
CA LEU G 706 2.73 15.48 21.25
C LEU G 706 2.67 14.34 20.25
N TRP G 707 2.34 13.12 20.69
CA TRP G 707 2.26 12.06 19.70
C TRP G 707 1.16 12.28 18.65
N PHE G 708 0.04 12.90 19.03
CA PHE G 708 -1.06 13.11 18.09
C PHE G 708 -0.73 14.24 17.11
N CYS G 709 -0.07 15.31 17.52
CA CYS G 709 0.60 16.19 16.59
C CYS G 709 1.43 15.43 15.55
N ILE G 710 2.36 14.55 15.97
CA ILE G 710 3.25 13.88 15.03
C ILE G 710 2.45 13.07 13.99
N LEU G 711 1.48 12.30 14.44
CA LEU G 711 0.63 11.61 13.47
C LEU G 711 -0.18 12.56 12.53
N PHE G 712 -0.99 13.44 13.11
CA PHE G 712 -1.78 14.37 12.30
C PHE G 712 -0.90 15.11 11.30
N SER G 713 0.31 15.43 11.67
CA SER G 713 1.20 16.12 10.76
C SER G 713 1.70 15.26 9.64
N ILE G 714 1.77 13.95 9.80
CA ILE G 714 1.98 13.09 8.64
C ILE G 714 1.09 13.45 7.47
N LYS G 715 -0.14 13.88 7.70
CA LYS G 715 -0.96 14.19 6.52
C LYS G 715 -0.54 15.44 5.68
N PRO G 716 -0.27 16.64 6.26
CA PRO G 716 0.27 17.74 5.41
C PRO G 716 1.69 17.49 4.85
N LEU G 717 2.52 16.79 5.58
CA LEU G 717 3.84 16.39 5.13
C LEU G 717 3.80 15.55 3.86
N SER G 718 2.84 14.64 3.73
CA SER G 718 2.71 13.77 2.57
C SER G 718 2.08 14.49 1.42
N ALA G 719 1.18 15.43 1.69
CA ALA G 719 0.91 16.44 0.69
C ALA G 719 2.18 17.12 0.14
N ILE G 720 3.09 17.53 1.01
CA ILE G 720 4.32 18.17 0.55
C ILE G 720 5.16 17.19 -0.26
N ALA G 721 5.27 15.93 0.19
CA ALA G 721 6.10 14.99 -0.55
C ALA G 721 5.53 14.68 -1.93
N TRP G 722 4.25 14.35 -2.05
CA TRP G 722 3.66 14.08 -3.35
C TRP G 722 3.84 15.26 -4.30
N TYR G 723 3.63 16.50 -3.80
CA TYR G 723 3.76 17.70 -4.60
C TYR G 723 5.20 17.97 -5.06
N LEU G 724 6.20 17.83 -4.25
CA LEU G 724 7.59 17.89 -4.67
C LEU G 724 8.05 16.90 -5.70
N ASP G 725 7.59 15.72 -5.69
CA ASP G 725 8.02 14.70 -6.51
C ASP G 725 7.23 14.46 -7.79
N GLY G 726 6.35 15.30 -7.99
CA GLY G 726 5.36 15.44 -9.08
C GLY G 726 4.04 14.70 -9.03
N GLY G 727 3.40 14.39 -7.87
CA GLY G 727 2.12 13.77 -8.00
C GLY G 727 1.10 14.84 -8.22
N TRP G 728 -0.03 14.43 -8.72
CA TRP G 728 -1.20 15.26 -8.83
C TRP G 728 -2.09 15.02 -7.63
N ILE G 729 -2.37 16.07 -6.92
CA ILE G 729 -3.00 15.96 -5.64
C ILE G 729 -4.46 16.36 -5.65
N ALA G 730 -4.99 16.78 -6.78
CA ALA G 730 -6.30 17.35 -6.82
C ALA G 730 -7.35 16.32 -7.05
N THR G 731 -6.96 15.10 -7.38
CA THR G 731 -7.84 13.94 -7.50
C THR G 731 -7.09 12.71 -6.99
N MET G 732 -7.77 11.62 -6.90
CA MET G 732 -7.22 10.36 -6.53
C MET G 732 -6.73 9.41 -7.66
N MET G 733 -7.21 9.49 -8.91
CA MET G 733 -6.89 8.60 -10.05
C MET G 733 -6.46 9.30 -11.30
N ALA G 734 -5.92 10.48 -11.27
CA ALA G 734 -5.42 11.09 -12.51
C ALA G 734 -4.42 10.18 -13.21
N ARG G 735 -4.57 9.92 -14.46
CA ARG G 735 -3.60 9.25 -15.28
C ARG G 735 -2.70 10.22 -15.87
N GLY G 736 -1.45 9.86 -16.13
CA GLY G 736 -0.42 10.72 -16.66
C GLY G 736 -0.81 11.51 -17.88
N ASN G 737 -1.09 10.82 -18.98
CA ASN G 737 -1.57 11.47 -20.19
C ASN G 737 -3.06 11.25 -20.45
N GLU G 738 -3.90 11.67 -19.54
CA GLU G 738 -5.30 11.83 -19.89
C GLU G 738 -5.51 13.08 -20.72
N ALA G 739 -6.50 13.04 -21.59
CA ALA G 739 -6.87 14.16 -22.44
C ALA G 739 -6.77 15.53 -21.77
N TYR G 740 -7.17 15.67 -20.53
CA TYR G 740 -7.08 16.99 -19.94
C TYR G 740 -5.62 17.42 -19.78
N TYR G 741 -4.77 16.54 -19.30
CA TYR G 741 -3.40 16.88 -19.03
C TYR G 741 -2.66 17.14 -20.31
N LEU G 742 -2.91 16.35 -21.32
CA LEU G 742 -2.36 16.57 -22.63
C LEU G 742 -2.81 17.86 -23.26
N THR G 743 -4.07 18.25 -23.15
CA THR G 743 -4.47 19.45 -23.85
C THR G 743 -4.02 20.67 -23.12
N HIS G 744 -3.78 20.57 -21.84
CA HIS G 744 -3.35 21.73 -21.12
C HIS G 744 -1.90 21.68 -20.70
N ASN G 745 -1.06 20.88 -21.37
CA ASN G 745 0.38 20.77 -21.12
C ASN G 745 0.73 20.63 -19.66
N ILE G 746 0.13 19.69 -18.97
CA ILE G 746 0.45 19.39 -17.60
C ILE G 746 1.16 18.06 -17.51
N SER G 747 2.22 18.04 -16.78
CA SER G 747 3.00 16.87 -16.49
C SER G 747 2.86 16.44 -15.05
N HIS G 748 2.43 15.23 -14.81
CA HIS G 748 2.32 14.73 -13.45
C HIS G 748 2.60 13.24 -13.47
N THR G 749 2.89 12.72 -12.31
CA THR G 749 3.18 11.37 -12.16
C THR G 749 2.15 10.50 -11.67
N GLY G 750 1.08 11.00 -11.19
CA GLY G 750 -0.01 10.25 -10.81
C GLY G 750 -1.25 10.56 -10.24
N GLY G 751 -1.54 11.42 -9.38
CA GLY G 751 -2.92 11.43 -8.77
C GLY G 751 -2.93 10.65 -7.45
N VAL G 752 -3.20 11.13 -6.30
CA VAL G 752 -3.16 10.39 -4.98
C VAL G 752 -2.81 8.87 -4.82
N PHE G 753 -3.68 8.00 -5.06
CA PHE G 753 -3.55 6.52 -5.10
C PHE G 753 -2.78 6.02 -6.32
N LEU G 754 -3.12 6.52 -7.50
CA LEU G 754 -2.46 6.13 -8.72
C LEU G 754 -0.96 6.44 -8.69
N TYR G 755 -0.58 7.63 -8.22
CA TYR G 755 0.81 7.95 -7.88
C TYR G 755 1.54 6.85 -7.14
N MET G 756 0.98 6.26 -6.15
CA MET G 756 1.48 5.18 -5.34
C MET G 756 1.86 3.93 -6.11
N TRP G 757 1.06 3.44 -7.05
CA TRP G 757 1.27 2.33 -7.83
C TRP G 757 2.16 2.70 -9.00
N ASN G 758 2.15 3.92 -9.51
CA ASN G 758 2.91 4.42 -10.61
C ASN G 758 4.37 4.58 -10.28
N GLU G 759 4.67 5.09 -9.15
CA GLU G 759 6.01 5.25 -8.67
C GLU G 759 6.59 3.91 -8.23
N THR G 760 5.80 3.06 -7.60
CA THR G 760 6.29 1.74 -7.21
C THR G 760 6.61 0.84 -8.39
N THR G 761 6.11 1.08 -9.56
CA THR G 761 6.69 0.26 -10.64
C THR G 761 8.11 0.70 -10.96
N TRP G 762 8.44 1.89 -10.71
CA TRP G 762 9.78 2.30 -10.83
C TRP G 762 10.54 1.83 -9.65
N ILE G 763 9.98 1.80 -8.46
CA ILE G 763 10.70 1.35 -7.26
C ILE G 763 11.07 -0.14 -7.36
N TRP G 764 10.20 -0.95 -7.92
CA TRP G 764 10.47 -2.36 -8.11
C TRP G 764 11.66 -2.64 -8.98
N THR G 765 12.01 -1.78 -9.93
CA THR G 765 13.23 -2.06 -10.71
C THR G 765 14.58 -1.91 -9.95
N ASP G 766 14.60 -1.57 -8.69
CA ASP G 766 15.82 -1.47 -7.90
C ASP G 766 15.76 -2.42 -6.71
N ASN G 767 16.70 -3.32 -6.55
CA ASN G 767 16.56 -4.28 -5.51
C ASN G 767 16.98 -3.82 -4.20
N HIS G 768 17.56 -2.67 -4.08
CA HIS G 768 17.91 -2.17 -2.81
C HIS G 768 16.74 -1.42 -2.36
N LEU G 769 16.03 -0.74 -3.21
CA LEU G 769 14.88 -0.01 -2.79
C LEU G 769 13.76 -0.91 -2.51
N THR G 770 13.65 -2.10 -3.06
CA THR G 770 12.56 -3.00 -2.71
C THR G 770 12.79 -3.67 -1.36
N ALA G 771 14.05 -3.87 -0.98
CA ALA G 771 14.37 -4.33 0.39
C ALA G 771 14.00 -3.29 1.45
N MET G 772 14.27 -2.02 1.16
CA MET G 772 13.86 -0.91 2.00
C MET G 772 12.35 -0.83 2.10
N LEU G 773 11.65 -1.09 1.00
CA LEU G 773 10.22 -1.08 1.01
C LEU G 773 9.64 -2.13 1.96
N LEU G 774 10.22 -3.34 1.96
CA LEU G 774 9.78 -4.45 2.81
C LEU G 774 9.99 -4.18 4.31
N LEU G 775 11.17 -3.69 4.65
CA LEU G 775 11.49 -3.34 6.03
C LEU G 775 10.66 -2.19 6.57
N GLY G 776 10.29 -1.24 5.77
CA GLY G 776 9.53 -0.11 6.07
C GLY G 776 8.15 -0.54 6.36
N HIS G 777 7.52 -1.36 5.59
CA HIS G 777 6.24 -1.85 5.90
C HIS G 777 6.14 -2.62 7.17
N LEU G 778 7.17 -3.37 7.54
CA LEU G 778 7.09 -4.14 8.74
C LEU G 778 7.23 -3.30 9.99
N ILE G 779 8.00 -2.29 10.00
CA ILE G 779 8.18 -1.44 11.16
C ILE G 779 6.85 -0.77 11.54
N TRP G 780 6.13 -0.34 10.50
CA TRP G 780 4.91 0.40 10.71
C TRP G 780 3.79 -0.45 11.34
N PHE G 781 3.36 -1.50 10.68
CA PHE G 781 2.20 -2.21 11.22
C PHE G 781 2.48 -2.75 12.64
N VAL G 782 3.73 -3.05 12.95
CA VAL G 782 4.00 -3.37 14.36
C VAL G 782 3.67 -2.21 15.34
N SER G 783 3.75 -0.98 14.88
CA SER G 783 3.25 0.07 15.78
C SER G 783 1.83 -0.20 16.26
N PHE G 784 1.02 -0.88 15.45
CA PHE G 784 -0.39 -1.16 15.87
C PHE G 784 -0.44 -2.06 17.10
N ALA G 785 0.38 -3.10 17.13
CA ALA G 785 0.49 -3.79 18.41
C ALA G 785 0.62 -2.83 19.60
N LEU G 786 1.50 -1.87 19.49
CA LEU G 786 1.71 -0.95 20.61
C LEU G 786 0.65 0.14 20.79
N TRP G 787 -0.17 0.49 19.82
CA TRP G 787 -1.07 1.62 19.95
C TRP G 787 -2.53 1.23 20.21
N PHE G 788 -2.97 0.01 19.87
CA PHE G 788 -4.34 -0.45 20.13
C PHE G 788 -4.58 -0.59 21.64
N LYS G 789 -5.79 -0.49 22.12
CA LYS G 789 -6.20 -0.72 23.48
C LYS G 789 -6.18 -2.16 23.79
N ASP G 790 -5.06 -2.61 24.17
CA ASP G 790 -4.82 -4.02 24.23
C ASP G 790 -3.72 -4.38 25.21
N ARG G 791 -3.24 -3.48 26.04
CA ARG G 791 -2.03 -3.80 26.81
C ARG G 791 -2.26 -4.86 27.87
N GLY G 792 -3.44 -4.87 28.51
CA GLY G 792 -3.85 -5.91 29.42
C GLY G 792 -3.91 -7.29 28.80
N SER G 793 -4.51 -7.43 27.62
CA SER G 793 -4.43 -8.69 26.92
C SER G 793 -2.98 -9.18 26.76
N ARG G 794 -2.09 -8.33 26.22
CA ARG G 794 -0.66 -8.61 26.12
C ARG G 794 0.03 -8.91 27.48
N ALA G 795 -0.38 -8.28 28.57
CA ALA G 795 0.21 -8.61 29.87
C ALA G 795 -0.24 -9.97 30.40
N GLU G 796 -1.48 -10.34 30.13
CA GLU G 796 -2.04 -11.57 30.68
C GLU G 796 -1.61 -12.78 29.83
N GLY G 797 -1.34 -12.55 28.55
CA GLY G 797 -0.78 -13.59 27.71
C GLY G 797 0.71 -13.77 27.90
N GLY G 798 1.45 -12.69 27.98
CA GLY G 798 2.81 -12.78 28.43
C GLY G 798 2.96 -13.58 29.70
N ASP G 799 2.11 -13.36 30.66
CA ASP G 799 2.13 -14.15 31.88
C ASP G 799 1.91 -15.66 31.68
N ILE G 800 0.98 -16.05 30.80
CA ILE G 800 0.83 -17.45 30.44
C ILE G 800 2.10 -17.98 29.79
N GLN G 801 2.72 -17.19 28.92
CA GLN G 801 3.99 -17.55 28.30
C GLN G 801 5.11 -17.74 29.30
N SER G 802 5.23 -16.86 30.27
CA SER G 802 6.24 -17.06 31.29
C SER G 802 6.00 -18.33 32.10
N ARG G 803 4.77 -18.61 32.47
CA ARG G 803 4.52 -19.81 33.27
C ARG G 803 4.91 -21.04 32.51
N TRP G 804 4.61 -21.11 31.28
CA TRP G 804 4.87 -22.18 30.44
C TRP G 804 6.33 -22.36 30.28
N VAL G 805 7.08 -21.36 30.01
CA VAL G 805 8.51 -21.51 29.83
C VAL G 805 9.18 -21.94 31.12
N ARG G 806 8.63 -21.54 32.25
CA ARG G 806 9.24 -21.98 33.49
C ARG G 806 8.91 -23.41 33.76
N LEU G 807 7.75 -23.88 33.33
CA LEU G 807 7.40 -25.30 33.42
C LEU G 807 8.35 -26.13 32.58
N MET G 808 8.73 -25.64 31.42
CA MET G 808 9.65 -26.37 30.58
C MET G 808 10.99 -26.38 31.20
N GLY G 809 11.46 -25.27 31.72
CA GLY G 809 12.70 -25.29 32.47
C GLY G 809 12.71 -26.30 33.60
N LYS G 810 11.74 -26.23 34.49
CA LYS G 810 11.70 -27.19 35.60
C LYS G 810 11.62 -28.63 35.09
N ARG G 811 10.88 -28.92 34.05
CA ARG G 811 10.81 -30.28 33.60
C ARG G 811 12.08 -30.74 33.00
N LEU G 812 12.69 -29.94 32.14
CA LEU G 812 13.90 -30.37 31.45
C LEU G 812 15.19 -30.10 32.19
N GLY G 813 15.14 -29.60 33.43
CA GLY G 813 16.33 -29.35 34.21
C GLY G 813 17.22 -28.26 33.68
N ILE G 814 16.66 -27.22 33.08
CA ILE G 814 17.43 -26.17 32.41
C ILE G 814 17.39 -24.91 33.25
N LYS G 815 18.43 -24.68 34.00
CA LYS G 815 18.43 -23.59 34.96
C LYS G 815 18.29 -22.18 34.48
N THR G 816 18.64 -21.92 33.26
CA THR G 816 18.51 -20.57 32.75
C THR G 816 17.07 -20.22 32.48
N LEU G 817 16.19 -21.18 32.54
CA LEU G 817 14.83 -20.99 32.11
C LEU G 817 13.81 -21.24 33.18
N GLN G 818 14.22 -21.49 34.41
CA GLN G 818 13.21 -21.73 35.42
C GLN G 818 12.80 -20.45 36.11
N GLU G 819 13.41 -19.34 35.82
CA GLU G 819 12.81 -18.08 36.16
C GLU G 819 12.83 -17.13 34.98
N VAL G 820 12.01 -17.37 33.98
CA VAL G 820 11.82 -16.43 32.87
C VAL G 820 10.56 -15.63 33.17
N ARG G 821 10.63 -14.35 32.89
CA ARG G 821 9.53 -13.49 33.02
C ARG G 821 9.68 -12.63 31.85
N PHE G 822 8.74 -12.73 30.94
CA PHE G 822 8.75 -11.91 29.73
C PHE G 822 8.37 -10.46 30.05
N PRO G 823 9.09 -9.48 29.55
CA PRO G 823 8.74 -8.07 29.84
C PRO G 823 7.70 -7.56 28.86
N VAL G 824 6.68 -6.91 29.37
CA VAL G 824 5.55 -6.41 28.59
C VAL G 824 5.46 -4.93 28.88
N SER G 825 5.63 -4.08 27.87
CA SER G 825 5.61 -2.63 28.04
C SER G 825 4.34 -2.11 28.71
N ASN G 826 4.46 -1.12 29.61
CA ASN G 826 3.28 -0.46 30.12
C ASN G 826 2.77 0.53 29.08
N LEU G 827 1.67 1.22 29.39
CA LEU G 827 0.89 1.96 28.40
C LEU G 827 1.63 3.18 27.86
N ALA G 828 2.27 3.96 28.73
CA ALA G 828 3.12 5.07 28.34
C ALA G 828 4.26 4.67 27.42
N THR G 829 5.02 3.65 27.78
CA THR G 829 6.08 3.24 26.89
C THR G 829 5.53 2.60 25.64
N ALA G 830 4.43 1.88 25.70
CA ALA G 830 3.83 1.43 24.46
C ALA G 830 3.44 2.59 23.53
N LYS G 831 2.98 3.72 24.05
CA LYS G 831 2.62 4.82 23.16
C LYS G 831 3.82 5.52 22.57
N LEU G 832 4.89 5.63 23.34
CA LEU G 832 6.14 6.16 22.84
C LEU G 832 6.69 5.31 21.70
N TRP G 833 6.93 4.01 21.92
CA TRP G 833 7.52 3.19 20.89
C TRP G 833 6.55 2.96 19.74
N GLY G 834 5.24 3.07 19.97
CA GLY G 834 4.30 2.99 18.89
C GLY G 834 4.34 4.15 17.94
N THR G 835 4.60 5.33 18.47
CA THR G 835 4.79 6.51 17.64
C THR G 835 6.13 6.47 16.97
N VAL G 836 7.15 6.04 17.66
CA VAL G 836 8.41 5.83 16.99
C VAL G 836 8.27 4.88 15.81
N PHE G 837 7.66 3.70 16.00
CA PHE G 837 7.58 2.72 14.91
C PHE G 837 6.71 3.21 13.77
N PHE G 838 5.65 3.97 14.06
CA PHE G 838 4.72 4.47 13.05
C PHE G 838 5.41 5.49 12.15
N TYR G 839 6.06 6.48 12.77
CA TYR G 839 6.85 7.50 12.10
C TYR G 839 7.96 6.92 11.24
N THR G 840 8.73 6.00 11.75
CA THR G 840 9.89 5.62 10.97
C THR G 840 9.49 4.73 9.80
N GLY G 841 8.55 3.82 10.02
CA GLY G 841 7.94 3.15 8.90
C GLY G 841 7.52 4.07 7.79
N THR G 842 6.76 5.11 8.12
CA THR G 842 6.21 5.89 7.04
C THR G 842 7.29 6.61 6.28
N PHE G 843 8.27 7.11 6.97
CA PHE G 843 9.18 8.01 6.33
C PHE G 843 10.39 7.30 5.71
N VAL G 844 10.68 6.04 6.06
CA VAL G 844 11.51 5.29 5.13
C VAL G 844 10.77 4.99 3.81
N LEU G 845 9.55 4.65 3.89
CA LEU G 845 8.85 4.44 2.73
C LEU G 845 8.77 5.67 1.86
N VAL G 846 8.72 6.95 2.32
CA VAL G 846 8.62 8.22 1.57
C VAL G 846 9.95 8.54 0.92
N PHE G 847 11.03 8.17 1.59
CA PHE G 847 12.34 8.30 1.00
C PHE G 847 12.38 7.60 -0.35
N LEU G 848 11.69 6.49 -0.43
CA LEU G 848 11.64 5.76 -1.68
C LEU G 848 10.94 6.54 -2.77
N TYR G 849 9.88 7.27 -2.45
CA TYR G 849 9.24 8.02 -3.54
C TYR G 849 10.19 9.07 -4.11
N PHE G 850 11.08 9.60 -3.30
CA PHE G 850 12.10 10.48 -3.83
C PHE G 850 13.23 9.70 -4.51
N ALA G 851 13.66 8.60 -3.94
CA ALA G 851 14.81 7.85 -4.41
C ALA G 851 14.57 7.18 -5.75
N ASP G 852 13.35 6.97 -6.11
CA ASP G 852 13.07 6.28 -7.34
C ASP G 852 13.46 7.12 -8.57
N GLY G 853 13.57 8.43 -8.55
CA GLY G 853 13.73 9.27 -9.71
C GLY G 853 12.76 10.44 -9.75
N PHE G 854 12.90 11.48 -10.51
CA PHE G 854 11.88 12.52 -10.60
C PHE G 854 11.33 12.32 -12.01
N PHE G 855 10.10 11.88 -12.18
CA PHE G 855 9.68 11.51 -13.51
C PHE G 855 8.88 12.57 -14.26
N GLN G 856 8.69 13.73 -13.68
CA GLN G 856 8.00 14.85 -14.28
C GLN G 856 8.78 15.29 -15.43
N ASN G 857 8.18 15.32 -16.55
CA ASN G 857 8.90 15.63 -17.72
C ASN G 857 8.89 16.94 -18.19
N ARG G 858 8.16 17.80 -17.51
CA ARG G 858 8.00 19.20 -17.84
C ARG G 858 7.45 19.38 -19.25
N VAL H 1 26.10 9.15 14.56
CA VAL H 1 26.96 8.58 13.57
C VAL H 1 26.37 7.33 12.97
N MET H 2 26.76 7.07 11.73
CA MET H 2 26.44 5.92 10.96
C MET H 2 27.35 6.04 9.78
N ALA H 3 26.92 6.73 8.74
CA ALA H 3 27.51 6.64 7.44
C ALA H 3 28.74 7.22 7.57
N THR H 4 29.79 6.49 7.50
CA THR H 4 31.07 7.12 7.78
C THR H 4 31.51 7.26 6.42
N GLY H 5 30.86 8.04 5.66
CA GLY H 5 31.03 8.05 4.31
C GLY H 5 29.82 7.32 3.97
N CYS H 6 29.96 6.15 3.39
CA CYS H 6 28.97 5.14 3.03
C CYS H 6 29.67 4.25 2.11
N PHE H 7 29.56 3.01 2.42
CA PHE H 7 30.32 1.97 1.81
C PHE H 7 29.52 1.45 0.64
N VAL H 8 29.66 2.07 -0.49
CA VAL H 8 28.93 1.86 -1.71
C VAL H 8 29.74 1.17 -2.76
N GLY H 9 30.99 0.99 -2.51
CA GLY H 9 31.98 0.46 -3.37
C GLY H 9 32.61 1.39 -4.36
N ALA H 10 33.56 0.92 -5.12
CA ALA H 10 34.25 1.59 -6.16
C ALA H 10 33.46 1.53 -7.42
N ARG H 11 33.44 2.54 -8.20
CA ARG H 11 32.77 2.60 -9.44
C ARG H 11 33.31 1.76 -10.61
N ASN H 12 32.52 1.02 -11.29
CA ASN H 12 32.93 0.34 -12.54
C ASN H 12 33.11 1.32 -13.67
N ALA H 13 34.19 1.26 -14.40
CA ALA H 13 34.41 2.14 -15.53
C ALA H 13 34.93 1.38 -16.74
N SER H 14 35.45 2.00 -17.78
CA SER H 14 36.06 1.29 -18.92
C SER H 14 37.53 1.09 -18.72
N GLU H 15 38.22 0.86 -19.80
CA GLU H 15 39.62 0.57 -19.83
C GLU H 15 40.54 1.67 -19.42
N PRO H 16 41.63 1.30 -18.77
CA PRO H 16 42.54 2.37 -18.45
C PRO H 16 43.62 2.67 -19.46
N ARG H 17 43.76 3.96 -19.64
CA ARG H 17 44.72 4.57 -20.48
C ARG H 17 45.61 5.21 -19.49
N LEU H 18 46.87 5.02 -19.65
CA LEU H 18 47.80 5.58 -18.72
C LEU H 18 47.84 7.09 -18.58
N GLY H 19 47.74 7.53 -17.33
CA GLY H 19 47.83 8.92 -16.98
C GLY H 19 46.55 9.68 -17.01
N SER H 20 45.42 9.01 -17.02
CA SER H 20 44.15 9.69 -17.16
C SER H 20 43.06 8.83 -16.58
N SER H 21 42.65 9.10 -15.36
CA SER H 21 41.69 8.33 -14.64
C SER H 21 40.45 7.83 -15.43
N SER H 22 40.20 6.54 -15.50
CA SER H 22 39.08 6.04 -16.19
C SER H 22 37.81 6.16 -15.43
N ILE H 23 37.89 6.17 -14.12
CA ILE H 23 36.76 6.32 -13.29
C ILE H 23 36.30 7.69 -13.41
N ALA H 24 37.18 8.63 -13.42
CA ALA H 24 36.80 9.98 -13.58
C ALA H 24 36.20 10.18 -14.87
N ALA H 25 36.77 9.66 -15.94
CA ALA H 25 36.26 9.75 -17.28
C ALA H 25 34.88 9.28 -17.44
N SER H 26 34.47 8.34 -16.67
CA SER H 26 33.14 7.86 -16.74
C SER H 26 32.04 8.67 -16.14
N ARG H 27 32.32 9.83 -15.58
CA ARG H 27 31.36 10.75 -15.14
C ARG H 27 31.58 12.04 -15.82
N THR H 28 32.56 12.21 -16.64
CA THR H 28 32.75 13.51 -17.31
C THR H 28 32.29 13.46 -18.70
N ALA H 29 31.11 13.93 -18.97
CA ALA H 29 30.46 13.94 -20.28
C ALA H 29 31.32 14.12 -21.51
N PRO H 30 32.08 15.19 -21.64
CA PRO H 30 33.05 15.23 -22.73
C PRO H 30 34.05 14.04 -22.78
N ALA H 31 34.42 13.28 -21.79
CA ALA H 31 35.27 12.16 -21.97
C ALA H 31 34.45 10.99 -22.37
N TYR H 32 33.39 10.64 -21.67
CA TYR H 32 32.57 9.55 -22.04
C TYR H 32 31.95 9.67 -23.43
N LEU H 33 31.61 10.84 -23.90
CA LEU H 33 31.11 10.88 -25.20
C LEU H 33 32.10 10.78 -26.28
N ARG H 34 33.35 11.00 -26.05
CA ARG H 34 34.36 10.80 -26.96
C ARG H 34 34.52 9.30 -27.10
N GLU H 35 34.50 8.52 -26.06
CA GLU H 35 34.57 7.08 -26.22
C GLU H 35 33.31 6.49 -26.86
N ALA H 36 32.13 7.04 -26.57
CA ALA H 36 30.90 6.63 -27.23
C ALA H 36 30.93 6.91 -28.72
N GLN H 37 31.37 8.05 -29.14
CA GLN H 37 31.54 8.29 -30.55
C GLN H 37 32.52 7.33 -31.21
N VAL H 38 33.61 6.95 -30.55
CA VAL H 38 34.48 5.98 -31.17
C VAL H 38 33.77 4.64 -31.38
N LEU H 39 33.04 4.18 -30.39
CA LEU H 39 32.34 2.91 -30.50
C LEU H 39 31.27 3.00 -31.55
N TYR H 40 30.49 4.02 -31.49
CA TYR H 40 29.49 4.30 -32.47
C TYR H 40 29.99 4.37 -33.90
N GLU H 41 31.14 4.89 -34.14
CA GLU H 41 31.54 5.06 -35.50
C GLU H 41 32.38 4.06 -35.97
N GLY H 42 33.01 3.28 -35.13
CA GLY H 42 33.94 2.28 -35.47
C GLY H 42 35.29 2.75 -35.89
N SER H 43 35.62 3.99 -35.73
CA SER H 43 36.88 4.63 -36.07
C SER H 43 37.15 5.78 -35.23
N THR H 44 38.39 6.24 -35.25
CA THR H 44 38.74 7.40 -34.49
C THR H 44 38.73 8.64 -35.35
N ASP H 45 38.32 8.53 -36.58
CA ASP H 45 38.33 9.60 -37.56
C ASP H 45 37.52 10.85 -37.43
N GLY H 46 36.40 10.78 -36.79
CA GLY H 46 35.56 11.90 -36.54
C GLY H 46 35.83 12.54 -35.21
N LEU H 47 36.91 12.20 -34.57
CA LEU H 47 37.28 12.78 -33.28
C LEU H 47 38.07 14.01 -33.51
N PRO H 48 37.82 15.04 -32.72
CA PRO H 48 38.38 16.40 -32.76
C PRO H 48 39.82 16.36 -33.01
N LYS H 49 40.30 17.05 -34.04
CA LYS H 49 41.70 17.06 -34.37
C LYS H 49 42.57 17.49 -33.19
N ASP H 50 41.92 17.83 -32.08
CA ASP H 50 42.64 18.26 -30.88
C ASP H 50 43.01 17.08 -30.00
N THR H 51 42.50 15.89 -30.36
CA THR H 51 42.78 14.69 -29.60
C THR H 51 44.27 14.40 -29.52
N PRO H 52 44.75 14.01 -28.33
CA PRO H 52 46.16 13.70 -28.07
C PRO H 52 46.60 12.41 -28.76
N ALA H 53 47.91 12.26 -28.94
CA ALA H 53 48.47 11.08 -29.60
C ALA H 53 48.15 9.80 -28.84
N ASP H 54 48.28 9.83 -27.52
CA ASP H 54 48.00 8.66 -26.69
C ASP H 54 46.54 8.26 -26.75
N GLU H 55 45.65 9.24 -26.83
CA GLU H 55 44.22 8.98 -26.90
C GLU H 55 43.85 8.31 -28.23
N ILE H 56 44.34 8.89 -29.32
CA ILE H 56 44.07 8.37 -30.60
C ILE H 56 44.60 7.00 -30.76
N ALA H 57 45.60 6.56 -30.04
CA ALA H 57 46.07 5.20 -30.23
C ALA H 57 45.55 4.15 -29.28
N HIS H 58 44.95 4.55 -28.21
CA HIS H 58 44.31 3.74 -27.27
C HIS H 58 42.98 3.33 -27.86
N TYR H 59 42.35 4.20 -28.62
CA TYR H 59 41.09 3.96 -29.24
C TYR H 59 41.24 3.04 -30.30
N LYS H 60 42.28 3.16 -31.08
CA LYS H 60 42.53 2.20 -32.06
C LYS H 60 42.76 0.87 -31.47
N ALA H 61 43.47 0.73 -30.39
CA ALA H 61 43.66 -0.60 -29.81
C ALA H 61 42.36 -1.14 -29.31
N MET H 62 41.50 -0.34 -28.75
CA MET H 62 40.18 -0.78 -28.40
C MET H 62 39.40 -1.31 -29.60
N LEU H 63 39.38 -0.65 -30.72
CA LEU H 63 38.69 -1.08 -31.87
C LEU H 63 39.27 -2.32 -32.41
N ALA H 64 40.59 -2.43 -32.49
CA ALA H 64 41.17 -3.63 -33.01
C ALA H 64 40.86 -4.83 -32.24
N GLU H 65 40.59 -4.70 -30.97
CA GLU H 65 40.24 -5.86 -30.23
C GLU H 65 38.85 -6.22 -30.43
N LEU H 66 38.01 -5.29 -30.72
CA LEU H 66 36.63 -5.51 -30.88
C LEU H 66 36.39 -5.99 -32.25
N GLN H 67 37.25 -5.69 -33.20
CA GLN H 67 37.09 -6.22 -34.50
C GLN H 67 37.35 -7.66 -34.58
N THR H 68 38.11 -8.26 -33.70
CA THR H 68 38.31 -9.66 -33.63
C THR H 68 37.17 -10.37 -32.96
N ARG H 69 36.18 -9.70 -32.45
CA ARG H 69 35.06 -10.39 -31.85
C ARG H 69 33.88 -10.05 -32.68
N ASN H 70 34.13 -9.78 -33.94
CA ASN H 70 33.06 -9.46 -34.86
C ASN H 70 32.08 -8.39 -34.43
N TYR H 71 32.54 -7.35 -33.82
CA TYR H 71 31.72 -6.23 -33.43
C TYR H 71 31.38 -5.46 -34.68
N ALA H 72 30.13 -5.06 -34.79
CA ALA H 72 29.57 -4.26 -35.86
C ALA H 72 29.27 -2.95 -35.31
N ALA H 73 29.81 -1.86 -35.85
CA ALA H 73 29.66 -0.50 -35.40
C ALA H 73 28.23 -0.01 -35.63
N CYS H 74 27.77 0.97 -34.91
CA CYS H 74 26.44 1.49 -34.93
C CYS H 74 26.14 2.34 -36.09
N ALA H 75 27.08 3.15 -36.51
CA ALA H 75 26.94 3.96 -37.67
C ALA H 75 26.90 3.03 -38.80
N GLY H 76 26.09 3.38 -39.72
CA GLY H 76 26.03 2.49 -40.85
C GLY H 76 25.28 1.24 -40.56
N CYS H 77 24.12 1.48 -40.14
CA CYS H 77 22.91 0.82 -39.89
C CYS H 77 22.17 2.09 -39.62
N HIS H 78 22.59 2.80 -38.60
CA HIS H 78 22.01 4.03 -38.15
C HIS H 78 22.56 5.25 -38.69
N GLN H 79 23.61 5.18 -39.45
CA GLN H 79 24.39 6.31 -40.10
C GLN H 79 25.32 7.12 -39.21
N VAL H 80 26.13 7.99 -39.69
CA VAL H 80 27.02 8.70 -38.83
C VAL H 80 26.27 9.77 -38.12
N ASN H 81 25.24 10.25 -38.70
CA ASN H 81 24.38 11.17 -38.08
C ASN H 81 23.05 10.81 -37.42
N GLY H 82 22.56 9.55 -37.23
CA GLY H 82 21.10 9.16 -36.96
C GLY H 82 20.12 8.93 -38.19
N GLY H 83 19.16 8.45 -37.54
CA GLY H 83 17.92 8.32 -38.28
C GLY H 83 18.16 7.65 -39.44
N GLY H 84 18.51 6.44 -39.10
CA GLY H 84 18.86 5.27 -39.75
C GLY H 84 18.52 5.06 -41.10
N ASN H 85 17.89 3.96 -41.28
CA ASN H 85 17.56 3.52 -42.53
C ASN H 85 16.19 2.92 -42.63
N LYS H 86 15.29 3.55 -43.30
CA LYS H 86 14.03 2.91 -43.58
C LYS H 86 14.47 2.16 -44.78
N ALA H 87 14.47 0.85 -44.71
CA ALA H 87 14.89 -0.14 -45.72
C ALA H 87 15.18 -1.29 -44.84
N ILE H 88 16.02 -1.03 -43.88
CA ILE H 88 16.46 -1.93 -42.94
C ILE H 88 15.71 -1.84 -41.68
N ASN H 89 14.78 -0.92 -41.59
CA ASN H 89 14.04 -0.52 -40.42
C ASN H 89 14.98 0.00 -39.34
N ALA H 90 16.15 0.53 -39.65
CA ALA H 90 17.01 0.98 -38.61
C ALA H 90 16.69 2.24 -38.02
N THR H 91 16.52 2.20 -36.74
CA THR H 91 16.07 3.40 -36.00
C THR H 91 16.71 4.74 -36.29
N ASN H 92 15.86 5.76 -36.43
CA ASN H 92 16.20 7.24 -36.62
C ASN H 92 16.28 7.96 -35.26
N PHE H 93 17.46 8.20 -34.77
CA PHE H 93 17.65 8.76 -33.45
C PHE H 93 17.40 10.27 -33.44
N GLN H 94 17.32 10.88 -34.59
CA GLN H 94 17.00 12.28 -34.67
C GLN H 94 15.55 12.53 -34.34
N ASP H 95 14.69 11.57 -34.33
CA ASP H 95 13.31 11.84 -34.15
C ASP H 95 12.82 11.98 -32.73
N ALA H 96 12.18 13.09 -32.49
CA ALA H 96 11.66 13.47 -31.23
C ALA H 96 10.64 12.63 -30.63
N GLY H 97 9.77 11.97 -31.39
CA GLY H 97 8.75 11.04 -30.98
C GLY H 97 9.39 9.78 -30.54
N TRP H 98 10.35 9.21 -31.25
CA TRP H 98 11.19 8.10 -30.81
C TRP H 98 11.91 8.52 -29.48
N GLN H 99 12.54 9.66 -29.42
CA GLN H 99 13.20 10.10 -28.16
C GLN H 99 12.30 10.29 -27.00
N ALA H 100 11.09 10.87 -27.14
CA ALA H 100 10.17 11.00 -26.02
C ALA H 100 9.60 9.67 -25.61
N ASN H 101 9.52 8.72 -26.49
CA ASN H 101 8.85 7.54 -26.01
C ASN H 101 9.80 6.46 -25.53
N ASN H 102 11.05 6.80 -25.25
CA ASN H 102 12.09 5.96 -24.69
C ASN H 102 12.63 6.55 -23.40
N SER H 103 12.77 5.80 -22.31
CA SER H 103 13.62 6.25 -21.21
C SER H 103 15.02 5.71 -21.43
N SER H 104 15.95 6.38 -20.90
CA SER H 104 17.36 6.00 -20.97
C SER H 104 17.61 4.69 -20.26
N PRO H 105 17.15 4.48 -19.05
CA PRO H 105 17.15 3.14 -18.50
C PRO H 105 16.55 2.08 -19.40
N GLY H 106 15.40 2.32 -20.01
CA GLY H 106 14.81 1.35 -20.89
C GLY H 106 15.64 1.08 -22.12
N MET H 107 16.18 2.12 -22.73
CA MET H 107 17.00 2.01 -23.93
C MET H 107 18.16 1.03 -23.78
N VAL H 108 18.84 1.08 -22.64
CA VAL H 108 19.90 0.20 -22.20
C VAL H 108 19.64 -1.26 -22.57
N THR H 109 18.51 -1.83 -22.14
CA THR H 109 18.30 -3.26 -22.32
C THR H 109 17.99 -3.65 -23.74
N SER H 110 17.45 -2.77 -24.52
CA SER H 110 17.30 -2.97 -25.92
C SER H 110 18.63 -3.04 -26.66
N ILE H 111 19.67 -2.28 -26.30
CA ILE H 111 21.04 -2.52 -26.76
C ILE H 111 21.67 -3.80 -26.20
N VAL H 112 21.51 -4.12 -24.92
CA VAL H 112 22.03 -5.32 -24.28
C VAL H 112 21.53 -6.62 -24.92
N ASN H 113 20.24 -6.72 -25.17
CA ASN H 113 19.48 -7.87 -25.56
C ASN H 113 19.28 -7.95 -27.04
N GLY H 114 19.52 -6.87 -27.74
CA GLY H 114 19.05 -6.69 -29.09
C GLY H 114 17.57 -6.50 -29.29
N LYS H 115 17.14 -6.14 -30.45
CA LYS H 115 15.77 -5.85 -30.63
C LYS H 115 15.37 -6.38 -31.91
N GLY H 116 14.39 -7.19 -31.89
CA GLY H 116 13.75 -7.94 -32.91
C GLY H 116 14.17 -8.29 -34.27
N LYS H 117 14.99 -9.25 -34.58
CA LYS H 117 15.47 -9.72 -35.93
C LYS H 117 16.84 -9.26 -36.38
N VAL H 118 16.96 -7.95 -36.46
CA VAL H 118 18.15 -7.25 -36.92
C VAL H 118 19.06 -6.48 -36.00
N MET H 119 18.61 -5.55 -35.16
CA MET H 119 19.40 -4.87 -34.18
C MET H 119 20.00 -5.93 -33.30
N PRO H 120 21.30 -6.13 -33.30
CA PRO H 120 22.03 -7.17 -32.59
C PRO H 120 22.19 -7.07 -31.07
N ALA H 121 22.37 -8.15 -30.33
CA ALA H 121 22.66 -8.02 -28.91
C ALA H 121 24.11 -7.57 -28.64
N TYR H 122 24.33 -6.69 -27.68
CA TYR H 122 25.71 -6.27 -27.40
C TYR H 122 26.20 -6.71 -26.03
N LYS H 123 25.45 -7.52 -25.31
CA LYS H 123 25.87 -8.02 -24.00
C LYS H 123 27.17 -8.80 -23.97
N ASP H 124 27.50 -9.53 -25.02
CA ASP H 124 28.77 -10.17 -25.04
C ASP H 124 29.80 -9.39 -25.81
N LYS H 125 29.58 -8.17 -26.13
CA LYS H 125 30.56 -7.46 -26.90
C LYS H 125 31.07 -6.33 -26.12
N LEU H 126 30.21 -5.68 -25.41
CA LEU H 126 30.51 -4.51 -24.71
C LEU H 126 30.20 -4.55 -23.29
N THR H 127 30.83 -3.76 -22.46
CA THR H 127 30.48 -3.74 -21.06
C THR H 127 29.27 -2.88 -20.79
N LEU H 128 28.53 -3.09 -19.74
CA LEU H 128 27.39 -2.27 -19.40
C LEU H 128 27.72 -0.80 -19.18
N GLN H 129 28.92 -0.48 -18.80
CA GLN H 129 29.30 0.87 -18.74
C GLN H 129 29.51 1.52 -20.15
N GLN H 130 30.10 0.86 -21.17
CA GLN H 130 30.19 1.26 -22.52
C GLN H 130 28.70 1.39 -23.11
N ILE H 131 27.65 0.62 -22.72
CA ILE H 131 26.30 0.80 -23.21
C ILE H 131 25.68 2.06 -22.66
N ASN H 132 25.95 2.37 -21.38
CA ASN H 132 25.53 3.62 -20.76
C ASN H 132 26.04 4.84 -21.50
N TYR H 133 27.32 4.84 -21.89
CA TYR H 133 27.90 5.91 -22.70
C TYR H 133 27.20 6.08 -24.03
N LEU H 134 26.84 4.99 -24.70
CA LEU H 134 26.16 5.03 -25.99
C LEU H 134 24.73 5.57 -25.87
N VAL H 135 24.04 5.31 -24.79
CA VAL H 135 22.69 5.80 -24.56
C VAL H 135 22.74 7.32 -24.43
N GLU H 136 23.78 7.82 -23.78
CA GLU H 136 24.04 9.24 -23.65
C GLU H 136 24.36 9.94 -25.00
N TYR H 137 25.17 9.31 -25.84
CA TYR H 137 25.46 9.86 -27.19
C TYR H 137 24.20 9.90 -28.09
N ILE H 138 23.36 8.87 -28.00
CA ILE H 138 22.14 8.75 -28.85
C ILE H 138 21.15 9.85 -28.43
N ARG H 139 21.27 10.34 -27.22
CA ARG H 139 20.42 11.35 -26.74
C ARG H 139 20.70 12.64 -27.40
N ARG H 140 21.91 12.87 -27.78
CA ARG H 140 22.24 14.09 -28.42
C ARG H 140 21.94 14.18 -29.86
N PHE H 141 21.36 13.16 -30.46
CA PHE H 141 20.93 13.22 -31.87
C PHE H 141 19.59 13.94 -32.05
N GLU H 142 18.81 14.17 -31.00
CA GLU H 142 17.42 14.69 -31.13
C GLU H 142 17.25 16.02 -31.89
N LYS H 143 16.24 16.10 -32.77
CA LYS H 143 15.89 17.35 -33.52
C LYS H 143 14.47 17.75 -33.09
N LYS H 144 13.99 18.96 -33.27
CA LYS H 144 12.63 19.37 -32.81
C LYS H 144 11.49 18.90 -33.63
N ARG H 145 10.20 19.05 -33.15
CA ARG H 145 8.91 18.60 -33.77
C ARG H 145 8.60 17.19 -33.30
N MET I 1 14.39 35.53 -6.16
CA MET I 1 13.96 36.38 -5.05
C MET I 1 12.48 36.67 -4.93
N THR I 2 11.80 37.03 -5.98
CA THR I 2 10.36 37.36 -5.96
C THR I 2 9.56 36.15 -5.48
N ALA I 3 9.84 34.96 -5.99
CA ALA I 3 9.13 33.74 -5.56
C ALA I 3 9.38 33.46 -4.08
N ILE I 4 10.63 33.61 -3.63
CA ILE I 4 10.94 33.28 -2.21
C ILE I 4 10.13 34.23 -1.33
N LEU I 5 10.12 35.51 -1.71
CA LEU I 5 9.44 36.55 -0.92
C LEU I 5 7.93 36.28 -0.90
N LEU I 6 7.37 35.91 -2.03
CA LEU I 6 5.92 35.65 -2.11
C LEU I 6 5.59 34.47 -1.20
N ALA I 7 6.36 33.41 -1.28
CA ALA I 7 6.04 32.20 -0.47
C ALA I 7 6.13 32.51 1.03
N CYS I 8 7.19 33.21 1.43
CA CYS I 8 7.36 33.50 2.87
C CYS I 8 6.22 34.41 3.35
N LEU I 9 5.88 35.39 2.52
CA LEU I 9 4.85 36.38 2.87
C LEU I 9 3.53 35.66 3.01
N PHE I 10 3.22 34.71 2.14
CA PHE I 10 1.97 33.92 2.27
C PHE I 10 1.98 33.07 3.54
N VAL I 11 3.09 32.45 3.92
CA VAL I 11 3.09 31.70 5.22
C VAL I 11 2.82 32.63 6.42
N LEU I 12 3.54 33.74 6.49
CA LEU I 12 3.29 34.72 7.58
C LEU I 12 1.87 35.32 7.49
N GLY I 13 1.31 35.47 6.29
CA GLY I 13 -0.07 35.94 6.08
C GLY I 13 -1.08 34.96 6.59
N GLY I 14 -0.86 33.66 6.40
CA GLY I 14 -1.76 32.67 7.01
C GLY I 14 -1.72 32.83 8.52
N TYR I 15 -0.51 32.97 9.07
CA TYR I 15 -0.53 33.19 10.55
C TYR I 15 -1.32 34.47 10.94
N ALA I 16 -1.09 35.58 10.24
CA ALA I 16 -1.69 36.90 10.56
C ALA I 16 -3.22 36.84 10.40
N ALA I 17 -3.69 36.13 9.36
CA ALA I 17 -5.13 35.98 9.07
C ALA I 17 -5.79 35.22 10.20
N LEU I 18 -5.13 34.16 10.66
CA LEU I 18 -5.67 33.36 11.78
C LEU I 18 -5.76 34.25 13.01
N TRP I 19 -4.73 35.05 13.22
CA TRP I 19 -4.74 35.98 14.38
C TRP I 19 -5.94 36.92 14.27
N GLY I 20 -6.21 37.49 13.10
CA GLY I 20 -7.35 38.42 12.91
C GLY I 20 -8.70 37.77 13.12
N ILE I 21 -8.88 36.55 12.61
CA ILE I 21 -10.18 35.85 12.88
C ILE I 21 -10.32 35.63 14.39
N ILE I 22 -9.38 34.93 14.93
CA ILE I 22 -9.34 34.59 16.31
C ILE I 22 -9.41 35.81 17.14
N LYS I 23 -9.46 36.97 16.57
CA LYS I 23 -9.56 38.16 17.34
C LYS I 23 -10.74 38.95 16.90
N PHE I 24 -11.64 38.36 16.15
CA PHE I 24 -12.78 39.06 15.69
C PHE I 24 -13.77 38.32 16.47
N VAL I 25 -13.43 37.11 16.80
CA VAL I 25 -14.29 36.26 17.67
C VAL I 25 -14.16 36.69 19.13
N VAL I 26 -13.01 37.01 19.60
CA VAL I 26 -12.79 37.42 20.91
C VAL I 26 -13.37 38.73 21.15
N ALA I 27 -13.21 39.66 20.26
CA ALA I 27 -13.77 40.94 20.43
C ALA I 27 -15.26 40.97 20.35
N ASN I 28 -15.91 40.14 19.56
CA ASN I 28 -17.33 40.22 19.55
C ASN I 28 -18.15 39.19 20.21
N THR I 29 -17.56 38.43 21.09
CA THR I 29 -18.28 37.55 21.89
C THR I 29 -17.80 37.84 23.26
N LYS I 30 -17.55 39.07 23.63
CA LYS I 30 -17.06 39.28 24.96
C LYS I 30 -18.05 39.31 26.08
N ASP I 31 -19.30 39.26 25.74
CA ASP I 31 -20.30 39.15 26.72
C ASP I 31 -20.71 37.70 26.94
N ILE I 32 -20.21 36.74 26.20
CA ILE I 32 -20.64 35.40 26.38
C ILE I 32 -19.53 34.51 26.82
N ALA I 33 -19.75 33.74 27.87
CA ALA I 33 -18.76 32.75 28.32
C ALA I 33 -18.84 31.64 27.34
N ALA I 34 -17.76 30.99 26.98
CA ALA I 34 -17.84 29.96 25.96
C ALA I 34 -18.77 28.81 26.30
N ASN I 35 -18.46 28.10 27.36
CA ASN I 35 -19.33 27.02 27.91
C ASN I 35 -20.82 27.01 27.65
N MET J 1 -19.82 30.18 -20.20
CA MET J 1 -19.89 30.30 -18.77
C MET J 1 -21.15 29.75 -18.21
N TRP J 2 -21.79 28.85 -18.91
CA TRP J 2 -22.96 28.25 -18.35
C TRP J 2 -22.47 26.94 -17.90
N ASN J 3 -21.25 26.56 -18.21
CA ASN J 3 -20.77 25.32 -17.69
C ASN J 3 -20.21 25.56 -16.33
N VAL J 4 -19.73 26.77 -16.09
CA VAL J 4 -19.22 27.12 -14.82
C VAL J 4 -20.32 27.54 -13.90
N VAL J 5 -21.55 27.74 -14.37
CA VAL J 5 -22.63 28.09 -13.51
C VAL J 5 -23.41 26.85 -13.22
N GLY J 6 -23.43 25.92 -14.12
CA GLY J 6 -23.95 24.60 -13.98
C GLY J 6 -23.10 23.71 -13.14
N GLN J 7 -21.83 23.72 -13.37
CA GLN J 7 -20.89 22.94 -12.59
C GLN J 7 -20.93 23.34 -11.17
N ILE J 8 -20.84 24.60 -10.86
CA ILE J 8 -20.94 25.12 -9.54
C ILE J 8 -22.24 24.68 -8.80
N ILE J 9 -23.45 24.72 -9.41
CA ILE J 9 -24.68 24.19 -8.83
C ILE J 9 -24.50 22.75 -8.33
N SER J 10 -23.93 21.87 -9.14
CA SER J 10 -23.62 20.53 -8.77
C SER J 10 -22.72 20.39 -7.63
N VAL J 11 -21.60 21.04 -7.63
CA VAL J 11 -20.67 21.06 -6.56
C VAL J 11 -21.26 21.54 -5.25
N LEU J 12 -22.11 22.52 -5.29
CA LEU J 12 -22.81 22.98 -4.16
C LEU J 12 -23.80 21.96 -3.62
N CYS J 13 -24.51 21.18 -4.43
CA CYS J 13 -25.41 20.15 -4.03
C CYS J 13 -24.57 19.08 -3.47
N PHE J 14 -23.39 18.77 -4.02
CA PHE J 14 -22.55 17.74 -3.42
C PHE J 14 -22.19 18.00 -1.94
N PHE J 15 -21.93 19.23 -1.58
CA PHE J 15 -21.51 19.72 -0.28
C PHE J 15 -22.68 19.66 0.75
N ILE J 16 -23.91 19.96 0.38
CA ILE J 16 -25.12 19.83 1.13
C ILE J 16 -25.47 18.36 1.33
N LEU J 17 -25.31 17.54 0.34
CA LEU J 17 -25.62 16.17 0.49
C LEU J 17 -24.69 15.56 1.45
N THR J 18 -23.41 15.73 1.29
CA THR J 18 -22.37 15.12 2.13
C THR J 18 -22.15 15.59 3.49
N VAL J 19 -22.17 16.90 3.67
CA VAL J 19 -21.96 17.48 4.95
C VAL J 19 -23.25 17.45 5.71
N GLY J 20 -24.37 17.39 5.02
CA GLY J 20 -25.65 17.24 5.63
C GLY J 20 -25.77 15.83 6.12
N THR J 21 -25.26 14.89 5.42
CA THR J 21 -25.29 13.49 5.79
C THR J 21 -24.32 13.14 6.89
N LEU J 22 -23.17 13.75 6.92
CA LEU J 22 -22.25 13.56 7.98
C LEU J 22 -22.85 14.08 9.30
N PHE J 23 -23.45 15.25 9.30
CA PHE J 23 -24.07 15.83 10.50
C PHE J 23 -25.43 15.30 10.68
N GLY J 24 -25.72 14.19 10.07
CA GLY J 24 -26.97 13.52 10.14
C GLY J 24 -26.73 12.23 10.84
N ILE J 25 -25.54 11.67 10.69
CA ILE J 25 -25.12 10.50 11.36
C ILE J 25 -24.61 10.87 12.73
N VAL J 26 -24.30 12.14 12.96
CA VAL J 26 -23.86 12.62 14.23
C VAL J 26 -25.03 13.01 15.04
N TYR J 27 -26.19 13.20 14.43
CA TYR J 27 -27.36 13.54 15.15
C TYR J 27 -28.19 12.36 15.39
N VAL J 28 -27.99 11.30 14.64
CA VAL J 28 -28.74 10.11 14.86
C VAL J 28 -27.97 9.20 15.77
N SER J 29 -26.70 9.47 16.00
CA SER J 29 -25.87 8.74 16.92
C SER J 29 -25.94 9.30 18.26
N HIS J 30 -26.63 10.40 18.45
CA HIS J 30 -26.84 11.01 19.71
C HIS J 30 -28.20 10.63 20.19
N LEU J 31 -29.10 10.24 19.30
CA LEU J 31 -30.41 9.83 19.71
C LEU J 31 -30.40 8.39 20.09
N LEU J 32 -29.37 7.66 19.70
CA LEU J 32 -29.25 6.26 20.03
C LEU J 32 -28.46 6.03 21.26
N SER J 33 -28.19 7.04 22.05
CA SER J 33 -27.36 6.83 23.18
C SER J 33 -27.61 7.81 24.24
N ARG J 34 -28.59 8.68 24.05
CA ARG J 34 -28.78 9.76 24.96
C ARG J 34 -30.13 10.45 24.80
N GLY J 35 -30.78 10.31 23.66
CA GLY J 35 -32.02 11.01 23.48
C GLY J 35 -33.07 10.12 22.95
N ASP K 1 -39.10 12.24 19.14
CA ASP K 1 -37.85 12.84 19.58
C ASP K 1 -37.24 13.74 18.52
N ILE K 2 -37.24 13.28 17.27
CA ILE K 2 -36.71 13.99 16.14
C ILE K 2 -37.24 15.41 16.10
N SER K 3 -36.38 16.42 16.06
CA SER K 3 -36.89 17.79 16.01
C SER K 3 -37.56 18.14 14.71
N LYS K 4 -38.38 19.19 14.77
CA LYS K 4 -39.03 19.70 13.59
C LYS K 4 -37.92 20.12 12.67
N VAL K 5 -37.00 20.93 13.17
CA VAL K 5 -35.87 21.40 12.40
C VAL K 5 -34.98 20.31 11.79
N ALA K 6 -34.86 19.13 12.37
CA ALA K 6 -34.05 18.09 11.77
C ALA K 6 -34.86 17.30 10.78
N TRP K 7 -36.17 17.48 10.77
CA TRP K 7 -37.04 16.85 9.80
C TRP K 7 -37.09 17.74 8.60
N ALA K 8 -36.71 18.99 8.72
CA ALA K 8 -36.77 19.88 7.60
C ALA K 8 -35.44 20.01 6.93
N TRP K 9 -34.49 19.18 7.30
CA TRP K 9 -33.22 19.13 6.61
C TRP K 9 -33.37 17.87 5.81
N PHE K 10 -33.81 16.82 6.47
CA PHE K 10 -34.05 15.56 5.82
C PHE K 10 -35.03 15.74 4.66
N GLY K 11 -35.53 16.93 4.47
CA GLY K 11 -36.42 17.18 3.38
C GLY K 11 -35.65 17.87 2.29
N VAL K 12 -34.59 18.57 2.63
CA VAL K 12 -33.78 19.25 1.66
C VAL K 12 -32.81 18.29 1.05
N LEU K 13 -32.51 17.20 1.75
CA LEU K 13 -31.60 16.23 1.23
C LEU K 13 -32.35 15.37 0.25
N LEU K 14 -33.64 15.24 0.40
CA LEU K 14 -34.40 14.44 -0.53
C LEU K 14 -34.82 15.23 -1.70
N ALA K 15 -34.80 16.55 -1.63
CA ALA K 15 -35.18 17.32 -2.80
C ALA K 15 -33.99 17.41 -3.71
N ILE K 16 -32.79 17.26 -3.18
CA ILE K 16 -31.59 17.28 -3.96
C ILE K 16 -31.30 15.90 -4.51
N CYS K 17 -32.00 14.89 -4.03
CA CYS K 17 -31.81 13.55 -4.46
C CYS K 17 -32.77 13.20 -5.54
N LEU K 18 -33.89 13.90 -5.67
CA LEU K 18 -34.77 13.59 -6.76
C LEU K 18 -34.82 14.77 -7.69
N ILE K 19 -33.72 15.42 -7.87
CA ILE K 19 -33.63 16.54 -8.77
C ILE K 19 -32.41 16.06 -9.48
N GLY K 20 -31.60 15.30 -8.77
CA GLY K 20 -30.56 14.58 -9.39
C GLY K 20 -30.96 13.30 -10.12
N ALA K 21 -31.88 12.54 -9.59
CA ALA K 21 -32.30 11.33 -10.25
C ALA K 21 -33.36 11.61 -11.22
N PHE K 22 -33.99 12.76 -11.15
CA PHE K 22 -35.01 13.05 -12.10
C PHE K 22 -34.41 13.57 -13.34
N GLY K 23 -33.22 14.12 -13.27
CA GLY K 23 -32.60 14.66 -14.44
C GLY K 23 -31.56 13.73 -14.99
N ASN K 24 -31.37 12.59 -14.35
CA ASN K 24 -30.40 11.63 -14.78
C ASN K 24 -31.06 10.50 -15.48
N TYR K 25 -32.22 10.08 -15.00
CA TYR K 25 -32.90 8.97 -15.58
C TYR K 25 -34.05 9.35 -16.47
N VAL K 26 -34.42 10.60 -16.56
CA VAL K 26 -35.55 10.93 -17.41
C VAL K 26 -35.11 11.04 -18.84
N PRO K 27 -34.17 11.92 -19.16
CA PRO K 27 -33.74 11.88 -20.54
C PRO K 27 -33.16 10.52 -20.98
N LYS K 28 -32.69 9.64 -20.12
CA LYS K 28 -32.22 8.36 -20.64
C LYS K 28 -33.44 7.63 -21.16
N LEU K 29 -34.48 7.58 -20.35
CA LEU K 29 -35.67 6.85 -20.69
C LEU K 29 -36.69 7.49 -21.58
N PHE K 30 -37.03 8.73 -21.36
CA PHE K 30 -38.09 9.33 -22.15
C PHE K 30 -37.72 10.06 -23.40
N VAL K 31 -36.44 10.26 -23.62
CA VAL K 31 -35.90 10.96 -24.78
C VAL K 31 -36.48 12.35 -24.91
N LYS K 32 -36.53 13.03 -23.78
CA LYS K 32 -37.00 14.37 -23.67
C LYS K 32 -36.15 15.07 -22.68
N MET K 33 -36.28 16.37 -22.71
CA MET K 33 -35.57 17.26 -21.90
C MET K 33 -34.11 16.98 -22.09
N LEU K 34 -33.77 17.07 -23.37
CA LEU K 34 -32.48 16.83 -23.98
C LEU K 34 -31.26 17.56 -23.40
N MET K 35 -31.49 18.70 -22.77
CA MET K 35 -30.51 19.43 -22.03
C MET K 35 -29.68 18.60 -21.07
N PHE K 36 -30.31 17.72 -20.33
CA PHE K 36 -29.62 16.88 -19.43
C PHE K 36 -29.17 15.51 -19.92
N LEU K 37 -29.42 15.12 -21.15
CA LEU K 37 -28.94 13.86 -21.74
C LEU K 37 -27.42 13.56 -21.84
N ASN K 38 -26.96 12.32 -21.58
CA ASN K 38 -25.51 11.95 -21.68
C ASN K 38 -25.38 10.53 -22.28
N UNK L 1 -19.56 7.14 2.76
CA UNK L 1 -18.79 5.94 2.89
C UNK L 1 -19.45 4.69 2.41
N UNK L 2 -19.89 4.83 1.16
CA UNK L 2 -20.47 3.91 0.13
C UNK L 2 -21.39 4.61 -0.86
N UNK L 3 -21.83 3.88 -1.87
CA UNK L 3 -22.77 4.35 -2.89
C UNK L 3 -23.32 3.21 -3.64
N UNK L 4 -23.97 3.54 -4.76
CA UNK L 4 -24.61 2.63 -5.71
C UNK L 4 -25.23 3.37 -6.80
N UNK L 5 -25.66 2.70 -7.82
CA UNK L 5 -26.29 3.36 -8.89
C UNK L 5 -26.88 2.33 -9.68
N UNK L 6 -28.19 2.25 -9.80
CA UNK L 6 -28.81 1.36 -10.64
C UNK L 6 -28.40 1.78 -12.06
N UNK L 7 -27.87 0.90 -12.86
CA UNK L 7 -27.45 1.24 -14.21
C UNK L 7 -28.63 1.19 -15.11
N UNK L 8 -28.83 2.13 -16.00
CA UNK L 8 -29.93 2.21 -16.97
C UNK L 8 -29.53 2.52 -18.42
N UNK L 9 -30.12 1.84 -19.35
CA UNK L 9 -29.80 2.06 -20.74
C UNK L 9 -30.65 3.17 -21.29
N UNK L 10 -30.08 4.04 -22.06
CA UNK L 10 -30.85 5.04 -22.77
C UNK L 10 -31.76 4.42 -23.81
N UNK L 11 -32.72 5.20 -24.19
CA UNK L 11 -33.64 4.74 -25.14
C UNK L 11 -33.57 5.59 -26.33
N UNK L 12 -32.43 6.18 -26.63
CA UNK L 12 -32.31 7.07 -27.78
C UNK L 12 -32.34 6.23 -29.04
N UNK L 13 -32.95 6.68 -30.11
CA UNK L 13 -33.06 5.84 -31.26
C UNK L 13 -31.79 5.21 -31.84
N UNK L 14 -31.92 4.05 -32.43
CA UNK L 14 -30.77 3.41 -33.01
C UNK L 14 -30.16 4.28 -34.14
N UNK L 15 -28.86 4.47 -34.14
CA UNK L 15 -28.22 5.25 -35.17
C UNK L 15 -28.61 5.04 -36.64
N UNK L 16 -28.76 6.08 -37.44
CA UNK L 16 -29.16 5.90 -38.83
C UNK L 16 -28.18 5.05 -39.71
N UNK L 17 -28.64 4.34 -40.73
CA UNK L 17 -27.69 3.49 -41.54
C UNK L 17 -26.73 4.24 -42.40
N UNK L 18 -25.46 3.94 -42.30
CA UNK L 18 -24.39 4.58 -43.03
C UNK L 18 -23.96 3.94 -44.36
N UNK L 19 -24.68 4.21 -45.45
CA UNK L 19 -24.32 3.68 -46.78
C UNK L 19 -23.80 2.21 -46.89
N GLN M 1 0.01 6.86 62.45
CA GLN M 1 -0.72 7.54 61.33
C GLN M 1 -1.68 6.65 60.52
N ILE M 2 -2.60 7.30 59.81
CA ILE M 2 -3.64 6.62 58.99
C ILE M 2 -3.64 7.18 57.56
N TYR M 3 -4.15 6.41 56.59
CA TYR M 3 -4.18 6.89 55.25
C TYR M 3 -5.46 6.38 54.68
N THR M 4 -6.52 7.20 54.69
CA THR M 4 -7.80 6.75 54.16
C THR M 4 -8.06 7.31 52.76
N ILE M 5 -9.09 6.80 52.11
CA ILE M 5 -9.44 7.24 50.77
C ILE M 5 -10.91 7.66 50.68
N ILE M 6 -11.15 8.92 50.29
CA ILE M 6 -12.51 9.41 50.15
C ILE M 6 -13.13 8.74 48.93
N GLU M 7 -14.06 7.84 49.24
CA GLU M 7 -14.78 7.02 48.30
C GLU M 7 -15.86 7.68 47.46
N GLU M 8 -16.09 8.97 47.67
CA GLU M 8 -16.95 9.83 46.86
C GLU M 8 -16.13 10.53 45.78
N LEU M 9 -14.89 10.87 46.12
CA LEU M 9 -13.99 11.57 45.19
C LEU M 9 -13.19 10.59 44.33
N CYS M 10 -12.75 9.49 44.94
CA CYS M 10 -11.96 8.49 44.21
C CYS M 10 -12.67 8.00 42.95
N ILE M 11 -11.89 7.77 41.90
CA ILE M 11 -12.50 7.31 40.67
C ILE M 11 -12.04 5.95 40.22
N GLY M 12 -11.35 5.22 41.05
CA GLY M 12 -10.95 3.89 40.64
C GLY M 12 -10.01 3.86 39.47
N CYS M 13 -8.92 4.58 39.60
CA CYS M 13 -7.98 4.72 38.53
C CYS M 13 -6.92 3.73 38.66
N GLY M 14 -6.30 3.62 39.81
CA GLY M 14 -5.25 2.66 39.96
C GLY M 14 -3.99 3.31 40.42
N PHE M 15 -3.87 4.57 40.10
CA PHE M 15 -2.68 5.34 40.39
C PHE M 15 -2.29 5.44 41.86
N CYS M 16 -2.99 4.71 42.73
CA CYS M 16 -2.71 4.68 44.12
C CYS M 16 -2.26 3.28 44.45
N THR M 17 -3.14 2.34 44.12
CA THR M 17 -3.04 0.93 44.44
C THR M 17 -1.74 0.57 43.83
N ASP M 18 -1.34 1.38 42.87
CA ASP M 18 -0.02 1.24 42.23
C ASP M 18 1.17 1.41 43.13
N GLU M 19 1.05 2.17 44.20
CA GLU M 19 2.20 2.31 45.05
C GLU M 19 2.36 1.10 45.95
N CYS M 20 1.29 0.81 46.70
CA CYS M 20 1.20 -0.29 47.65
C CYS M 20 1.98 -1.57 47.32
N PRO M 21 3.05 -1.82 48.08
CA PRO M 21 3.91 -2.99 47.96
C PRO M 21 3.06 -4.25 47.85
N PRO M 22 3.12 -4.96 46.72
CA PRO M 22 2.37 -6.18 46.40
C PRO M 22 2.18 -7.11 47.57
N LYS M 23 3.27 -7.46 48.25
CA LYS M 23 3.24 -8.31 49.42
C LYS M 23 2.18 -7.90 50.43
N VAL M 24 1.94 -6.60 50.55
CA VAL M 24 0.94 -6.15 51.50
C VAL M 24 -0.49 -5.95 50.97
N ASN M 25 -0.62 -5.62 49.68
CA ASN M 25 -1.88 -5.40 49.04
C ASN M 25 -2.90 -4.68 49.89
N ALA M 26 -2.58 -3.48 50.33
CA ALA M 26 -3.52 -2.74 51.17
C ALA M 26 -4.67 -2.03 50.46
N ILE M 27 -4.42 -1.50 49.27
CA ILE M 27 -5.47 -0.81 48.56
C ILE M 27 -6.25 -1.79 47.75
N LEU M 28 -7.56 -1.72 47.77
CA LEU M 28 -8.35 -2.68 47.04
C LEU M 28 -9.15 -2.08 45.92
N PRO M 29 -10.04 -2.88 45.35
CA PRO M 29 -10.93 -2.52 44.26
C PRO M 29 -12.27 -3.21 44.36
N ARG M 30 -13.24 -2.62 45.03
CA ARG M 30 -14.53 -3.24 45.07
C ARG M 30 -15.04 -2.96 43.66
N ASP M 31 -15.27 -3.99 42.83
CA ASP M 31 -15.73 -3.74 41.51
C ASP M 31 -17.12 -4.09 41.15
N VAL M 32 -17.55 -3.41 40.09
CA VAL M 32 -18.90 -3.46 39.47
C VAL M 32 -20.23 -3.76 40.22
N GLU M 33 -20.97 -2.67 40.39
CA GLU M 33 -22.30 -2.62 40.97
C GLU M 33 -22.93 -1.53 40.10
N ALA M 34 -23.00 -1.82 38.80
CA ALA M 34 -23.53 -0.94 37.76
C ALA M 34 -22.76 0.38 37.68
N VAL M 35 -21.59 0.33 37.04
CA VAL M 35 -20.71 1.50 36.90
C VAL M 35 -20.01 1.62 35.55
N LEU M 36 -20.07 2.81 34.98
CA LEU M 36 -19.30 3.15 33.80
C LEU M 36 -18.29 3.98 34.55
N ASP M 37 -18.84 5.13 35.01
CA ASP M 37 -18.31 6.26 35.79
C ASP M 37 -17.46 5.75 36.88
N GLY M 38 -16.24 6.27 37.03
CA GLY M 38 -15.37 5.80 38.09
C GLY M 38 -14.90 4.35 37.98
N GLY M 39 -15.73 3.50 37.44
CA GLY M 39 -15.39 2.12 37.36
C GLY M 39 -15.61 1.55 38.73
N GLU M 40 -14.54 1.51 39.51
CA GLU M 40 -14.50 0.94 40.84
C GLU M 40 -13.94 1.89 41.85
N THR M 41 -13.97 1.52 43.09
CA THR M 41 -13.39 2.37 44.08
C THR M 41 -12.31 1.59 44.80
N TYR M 42 -11.34 2.27 45.38
CA TYR M 42 -10.21 1.61 46.00
C TYR M 42 -9.86 1.92 47.47
N TRP M 43 -10.72 1.57 48.43
CA TRP M 43 -10.48 1.78 49.86
C TRP M 43 -9.35 1.04 50.51
N ILE M 44 -8.62 1.67 51.41
CA ILE M 44 -7.50 1.07 52.10
C ILE M 44 -7.96 0.11 53.20
N ASP M 45 -7.46 -1.12 53.21
CA ASP M 45 -7.83 -2.08 54.24
C ASP M 45 -6.93 -1.93 55.46
N GLN M 46 -7.52 -1.34 56.49
CA GLN M 46 -6.84 -1.06 57.72
C GLN M 46 -6.30 -2.28 58.38
N THR M 47 -7.02 -3.37 58.24
CA THR M 47 -6.66 -4.64 58.82
C THR M 47 -5.31 -5.09 58.37
N ARG M 48 -4.81 -4.40 57.36
CA ARG M 48 -3.53 -4.69 56.72
C ARG M 48 -3.13 -3.51 55.82
N CYS M 49 -2.36 -2.61 56.41
CA CYS M 49 -1.87 -1.43 55.72
C CYS M 49 -0.66 -0.91 56.47
N ILE M 50 0.51 -1.43 56.09
CA ILE M 50 1.79 -1.06 56.68
C ILE M 50 1.97 0.41 56.95
N SER M 51 1.15 1.20 56.27
CA SER M 51 1.20 2.65 56.27
C SER M 51 2.57 3.19 55.96
N CYS M 52 2.97 3.06 54.71
CA CYS M 52 4.26 3.59 54.30
C CYS M 52 4.12 4.98 53.74
N SER M 53 2.89 5.45 53.65
CA SER M 53 2.54 6.75 53.14
C SER M 53 3.19 6.90 51.81
N LEU M 54 3.16 5.81 51.05
CA LEU M 54 3.64 5.79 49.70
C LEU M 54 2.55 6.53 49.00
N CYS M 55 1.46 5.80 48.73
CA CYS M 55 0.23 6.28 48.14
C CYS M 55 -0.03 7.77 48.20
N PHE M 56 0.11 8.32 49.38
CA PHE M 56 -0.23 9.70 49.59
C PHE M 56 0.83 10.66 49.11
N VAL M 57 2.11 10.33 49.27
CA VAL M 57 3.15 11.25 48.85
C VAL M 57 3.60 11.09 47.42
N ALA M 58 2.96 10.20 46.69
CA ALA M 58 3.32 9.97 45.31
C ALA M 58 2.64 10.96 44.42
N GLY M 59 1.78 11.80 44.96
CA GLY M 59 1.12 12.83 44.19
C GLY M 59 -0.03 12.48 43.29
N THR M 60 0.19 11.54 42.39
CA THR M 60 -0.80 11.14 41.44
C THR M 60 -2.08 10.56 41.96
N CYS M 61 -3.15 11.34 41.93
CA CYS M 61 -4.49 10.93 42.28
C CYS M 61 -5.33 12.10 41.94
N PRO M 62 -5.71 12.22 40.67
CA PRO M 62 -6.50 13.27 40.04
C PRO M 62 -7.52 13.90 40.97
N THR M 63 -8.54 13.13 41.28
CA THR M 63 -9.57 13.61 42.17
C THR M 63 -9.20 14.14 43.53
N ASP M 64 -8.07 13.63 44.03
CA ASP M 64 -7.46 13.89 45.32
C ASP M 64 -8.28 13.21 46.43
N ALA M 65 -7.82 12.08 46.89
CA ALA M 65 -8.61 11.37 47.85
C ALA M 65 -7.74 10.62 48.82
N VAL M 66 -6.46 10.56 48.55
CA VAL M 66 -5.63 9.83 49.49
C VAL M 66 -5.33 10.76 50.66
N VAL M 67 -6.23 10.73 51.65
CA VAL M 67 -6.23 11.59 52.86
C VAL M 67 -5.01 11.88 53.72
N PHE M 68 -4.41 10.87 54.36
CA PHE M 68 -3.18 11.00 55.18
C PHE M 68 -3.30 11.76 56.48
N THR M 69 -3.64 11.05 57.53
CA THR M 69 -3.73 11.72 58.80
C THR M 69 -3.18 10.90 59.94
N GLU M 70 -3.24 11.51 61.11
CA GLU M 70 -2.73 10.92 62.34
C GLU M 70 -3.32 11.67 63.54
N GLY M 71 -3.55 12.97 63.35
CA GLY M 71 -4.11 13.82 64.37
C GLY M 71 -4.68 15.08 63.78
N GLY M 72 -5.34 14.92 62.63
CA GLY M 72 -5.64 16.04 61.74
C GLY M 72 -5.38 15.65 60.30
N VAL M 73 -6.41 15.74 59.46
CA VAL M 73 -6.27 15.35 58.05
C VAL M 73 -5.84 16.48 57.12
N SER M 74 -5.05 16.18 56.11
CA SER M 74 -4.75 17.12 55.05
C SER M 74 -4.35 16.26 53.87
N ARG M 75 -4.84 16.65 52.70
CA ARG M 75 -4.58 15.99 51.43
C ARG M 75 -3.84 17.04 50.65
N THR M 76 -4.60 17.87 49.94
CA THR M 76 -4.07 18.99 49.17
C THR M 76 -5.20 19.92 48.69
N MET N 1 -13.51 38.55 58.45
CA MET N 1 -13.72 37.74 57.24
C MET N 1 -15.17 37.27 57.21
N ALA N 2 -16.07 37.96 56.51
CA ALA N 2 -17.41 37.44 56.27
C ALA N 2 -17.32 36.48 55.08
N ARG N 3 -17.39 35.17 55.36
CA ARG N 3 -17.39 34.12 54.33
C ARG N 3 -18.58 34.40 53.40
N THR N 4 -18.32 34.55 52.11
CA THR N 4 -19.38 34.77 51.10
C THR N 4 -20.41 33.63 51.14
N PRO N 5 -21.66 33.85 50.68
CA PRO N 5 -22.64 32.77 50.59
C PRO N 5 -22.10 31.52 49.87
N GLU N 6 -21.33 31.71 48.80
CA GLU N 6 -20.66 30.63 48.07
C GLU N 6 -19.66 29.86 48.93
N GLU N 7 -18.83 30.56 49.71
CA GLU N 7 -17.90 29.92 50.65
C GLU N 7 -18.61 29.14 51.75
N ILE N 8 -19.73 29.66 52.26
CA ILE N 8 -20.54 28.94 53.26
C ILE N 8 -21.08 27.64 52.65
N VAL N 9 -21.65 27.72 51.45
CA VAL N 9 -22.15 26.54 50.71
C VAL N 9 -21.03 25.55 50.42
N LYS N 10 -19.87 26.04 49.97
CA LYS N 10 -18.70 25.21 49.70
C LYS N 10 -18.27 24.47 50.97
N ARG N 11 -18.09 25.19 52.09
CA ARG N 11 -17.69 24.60 53.37
C ARG N 11 -18.71 23.61 53.92
N TYR N 12 -20.01 23.91 53.81
CA TYR N 12 -21.06 22.98 54.23
C TYR N 12 -21.03 21.68 53.43
N LYS N 13 -20.84 21.76 52.10
CA LYS N 13 -20.69 20.60 51.23
C LYS N 13 -19.42 19.80 51.55
N GLU N 14 -18.29 20.47 51.73
CA GLU N 14 -17.03 19.84 52.12
C GLU N 14 -17.16 19.13 53.48
N ALA N 15 -17.73 19.79 54.48
CA ALA N 15 -17.95 19.20 55.81
C ALA N 15 -18.84 17.95 55.72
N ASN N 16 -19.91 17.98 54.91
CA ASN N 16 -20.76 16.81 54.66
C ASN N 16 -20.03 15.64 53.97
N ILE N 17 -19.13 15.93 53.02
CA ILE N 17 -18.30 14.91 52.38
C ILE N 17 -17.40 14.24 53.43
N TRP N 18 -16.75 15.06 54.26
CA TRP N 18 -15.89 14.57 55.33
C TRP N 18 -16.67 13.74 56.35
N LEU N 19 -17.84 14.25 56.68
CA LEU N 19 -18.71 13.58 57.59
C LEU N 19 -19.06 12.27 56.98
N ARG N 20 -19.42 12.29 55.70
CA ARG N 20 -19.78 11.05 55.03
C ARG N 20 -18.62 10.10 55.05
N HIS N 21 -17.46 10.61 54.70
CA HIS N 21 -16.25 9.84 54.67
C HIS N 21 -15.97 9.27 56.05
N TRP N 22 -15.86 10.14 57.05
CA TRP N 22 -15.54 9.75 58.41
C TRP N 22 -16.44 8.69 58.95
N LYS N 23 -17.73 8.80 58.72
CA LYS N 23 -18.63 7.79 59.21
C LYS N 23 -18.26 6.41 58.65
N GLN N 24 -17.96 6.34 57.36
CA GLN N 24 -17.58 5.10 56.72
C GLN N 24 -16.39 4.49 57.42
N GLN N 25 -15.36 5.28 57.72
CA GLN N 25 -14.18 4.78 58.40
C GLN N 25 -14.46 4.02 59.67
N ILE N 26 -15.44 4.45 60.48
CA ILE N 26 -15.88 3.71 61.68
C ILE N 26 -16.08 2.23 61.34
N GLY N 27 -16.83 1.93 60.27
CA GLY N 27 -16.98 0.56 59.81
C GLY N 27 -15.61 -0.10 59.57
N LEU N 28 -14.71 0.58 58.89
CA LEU N 28 -13.40 0.00 58.60
C LEU N 28 -12.35 -0.02 59.71
N ALA N 29 -12.56 0.63 60.85
CA ALA N 29 -11.56 0.64 61.89
C ALA N 29 -11.22 -0.79 62.34
N LYS N 30 -9.98 -1.24 62.39
CA LYS N 30 -9.37 -2.53 62.76
C LYS N 30 -9.11 -2.70 64.28
N ASP N 31 -9.16 -1.60 65.02
CA ASP N 31 -8.92 -1.57 66.45
C ASP N 31 -9.68 -0.41 67.11
N GLU N 32 -9.76 -0.45 68.43
CA GLU N 32 -10.53 0.51 69.24
C GLU N 32 -9.92 1.93 69.17
N GLU N 33 -8.59 2.07 69.24
CA GLU N 33 -7.91 3.36 69.19
C GLU N 33 -8.19 4.07 67.86
N GLN N 34 -8.08 3.35 66.74
CA GLN N 34 -8.42 3.86 65.42
C GLN N 34 -9.91 4.25 65.32
N ARG N 35 -10.80 3.44 65.89
CA ARG N 35 -12.24 3.73 65.91
C ARG N 35 -12.54 4.98 66.74
N GLU N 36 -11.93 5.14 67.90
CA GLU N 36 -12.06 6.31 68.76
C GLU N 36 -11.55 7.57 68.06
N MET N 37 -10.37 7.50 67.44
CA MET N 37 -9.81 8.62 66.66
C MET N 37 -10.75 9.04 65.51
N PHE N 38 -11.28 8.08 64.77
CA PHE N 38 -12.22 8.39 63.71
C PHE N 38 -13.46 9.04 64.31
N THR N 39 -13.98 8.43 65.37
CA THR N 39 -15.18 8.92 66.05
C THR N 39 -15.02 10.37 66.47
N GLN N 40 -13.87 10.75 67.05
CA GLN N 40 -13.56 12.14 67.37
C GLN N 40 -13.63 13.04 66.12
N TYR N 41 -12.99 12.64 65.01
CA TYR N 41 -13.08 13.41 63.75
C TYR N 41 -14.50 13.50 63.19
N TYR N 42 -15.29 12.44 63.32
CA TYR N 42 -16.70 12.44 62.93
C TYR N 42 -17.49 13.45 63.77
N GLU N 43 -17.31 13.43 65.09
CA GLU N 43 -17.99 14.35 66.02
C GLU N 43 -17.61 15.81 65.78
N GLU N 44 -16.32 16.11 65.53
CA GLU N 44 -15.89 17.45 65.13
C GLU N 44 -16.59 17.92 63.85
N ARG N 45 -16.76 17.04 62.86
CA ARG N 45 -17.50 17.37 61.63
C ARG N 45 -18.99 17.51 61.85
N VAL N 46 -19.59 16.74 62.76
CA VAL N 46 -21.01 16.94 63.15
C VAL N 46 -21.19 18.34 63.73
N GLN N 47 -20.32 18.76 64.64
CA GLN N 47 -20.38 20.09 65.25
C GLN N 47 -20.17 21.19 64.20
N GLU N 48 -19.22 21.01 63.27
CA GLU N 48 -19.00 21.96 62.17
C GLU N 48 -20.24 22.09 61.27
N ILE N 49 -20.87 20.97 60.90
CA ILE N 49 -22.10 20.97 60.08
C ILE N 49 -23.25 21.64 60.83
N ALA N 50 -23.42 21.37 62.13
CA ALA N 50 -24.44 22.00 62.95
C ALA N 50 -24.24 23.53 63.00
N ALA N 51 -23.01 23.99 63.20
CA ALA N 51 -22.67 25.42 63.18
C ALA N 51 -22.82 26.07 61.80
N LEU N 52 -22.71 25.28 60.73
CA LEU N 52 -22.89 25.74 59.35
C LEU N 52 -24.33 25.62 58.85
N GLU N 53 -25.22 24.89 59.52
CA GLU N 53 -26.56 24.61 59.00
C GLU N 53 -27.40 25.89 58.83
N GLU N 54 -27.44 26.75 59.84
CA GLU N 54 -28.16 28.03 59.75
C GLU N 54 -27.52 28.99 58.73
N PRO N 55 -26.19 29.25 58.75
CA PRO N 55 -25.53 30.03 57.71
C PRO N 55 -25.73 29.47 56.31
N TYR N 56 -25.72 28.15 56.14
CA TYR N 56 -25.92 27.47 54.87
C TYR N 56 -27.31 27.71 54.30
N ARG N 57 -28.35 27.56 55.13
CA ARG N 57 -29.73 27.86 54.73
C ARG N 57 -29.88 29.33 54.31
N ALA N 58 -29.27 30.26 55.05
CA ALA N 58 -29.26 31.67 54.69
C ALA N 58 -28.49 31.94 53.38
N ALA N 59 -27.32 31.33 53.21
CA ALA N 59 -26.51 31.45 52.01
C ALA N 59 -27.21 30.89 50.77
N LEU N 60 -27.84 29.71 50.87
CA LEU N 60 -28.66 29.14 49.80
C LEU N 60 -29.81 30.05 49.41
#